data_6PRA
# 
_entry.id   6PRA 
# 
_audit_conform.dict_name       mmcif_pdbx.dic 
_audit_conform.dict_version    5.380 
_audit_conform.dict_location   http://mmcif.pdb.org/dictionaries/ascii/mmcif_pdbx.dic 
# 
loop_
_database_2.database_id 
_database_2.database_code 
_database_2.pdbx_database_accession 
_database_2.pdbx_DOI 
PDB   6PRA         pdb_00006pra 10.2210/pdb6pra/pdb 
WWPDB D_1000242888 ?            ?                   
# 
_pdbx_database_status.status_code                     REL 
_pdbx_database_status.status_code_sf                  REL 
_pdbx_database_status.status_code_mr                  ? 
_pdbx_database_status.entry_id                        6PRA 
_pdbx_database_status.recvd_initial_deposition_date   2019-07-10 
_pdbx_database_status.SG_entry                        N 
_pdbx_database_status.deposit_site                    RCSB 
_pdbx_database_status.process_site                    RCSB 
_pdbx_database_status.status_code_cs                  ? 
_pdbx_database_status.status_code_nmr_data            ? 
_pdbx_database_status.methods_development_category    ? 
_pdbx_database_status.pdb_format_compatible           Y 
# 
loop_
_audit_author.name 
_audit_author.pdbx_ordinal 
_audit_author.identifier_ORCID 
'Bourne, C.R.' 1 ? 
'Thomas, L.M.' 2 ? 
# 
_citation.abstract                  ? 
_citation.abstract_id_CAS           ? 
_citation.book_id_ISBN              ? 
_citation.book_publisher            ? 
_citation.book_publisher_city       ? 
_citation.book_title                ? 
_citation.coordinate_linkage        ? 
_citation.country                   FR 
_citation.database_id_Medline       ? 
_citation.details                   ? 
_citation.id                        primary 
_citation.journal_abbrev            Eur.J.Med.Chem. 
_citation.journal_id_ASTM           EJMCA5 
_citation.journal_id_CSD            0493 
_citation.journal_id_ISSN           0223-5234 
_citation.journal_full              ? 
_citation.journal_issue             ? 
_citation.journal_volume            200 
_citation.language                  ? 
_citation.page_first                112412 
_citation.page_last                 112412 
_citation.title                     
'Inhibitor design to target a unique feature in the folate pocket of Staphylococcus aureus dihydrofolate reductase.' 
_citation.year                      2020 
_citation.database_id_CSD           ? 
_citation.pdbx_database_id_DOI      10.1016/j.ejmech.2020.112412 
_citation.pdbx_database_id_PubMed   32502861 
_citation.unpublished_flag          ? 
# 
loop_
_citation_author.citation_id 
_citation_author.name 
_citation_author.ordinal 
_citation_author.identifier_ORCID 
primary 'Muddala, N.P.' 1 ? 
primary 'White, J.C.'   2 ? 
primary 'Nammalwar, B.' 3 ? 
primary 'Pratt, I.'     4 ? 
primary 'Thomas, L.M.'  5 ? 
primary 'Bunce, R.A.'   6 ? 
primary 'Berlin, K.D.'  7 ? 
primary 'Bourne, C.R.'  8 ? 
# 
_cell.angle_alpha                  90.000 
_cell.angle_alpha_esd              ? 
_cell.angle_beta                   90.000 
_cell.angle_beta_esd               ? 
_cell.angle_gamma                  120.000 
_cell.angle_gamma_esd              ? 
_cell.entry_id                     6PRA 
_cell.details                      ? 
_cell.formula_units_Z              ? 
_cell.length_a                     78.890 
_cell.length_a_esd                 ? 
_cell.length_b                     78.890 
_cell.length_b_esd                 ? 
_cell.length_c                     106.880 
_cell.length_c_esd                 ? 
_cell.volume                       ? 
_cell.volume_esd                   ? 
_cell.Z_PDB                        12 
_cell.reciprocal_angle_alpha       ? 
_cell.reciprocal_angle_beta        ? 
_cell.reciprocal_angle_gamma       ? 
_cell.reciprocal_angle_alpha_esd   ? 
_cell.reciprocal_angle_beta_esd    ? 
_cell.reciprocal_angle_gamma_esd   ? 
_cell.reciprocal_length_a          ? 
_cell.reciprocal_length_b          ? 
_cell.reciprocal_length_c          ? 
_cell.reciprocal_length_a_esd      ? 
_cell.reciprocal_length_b_esd      ? 
_cell.reciprocal_length_c_esd      ? 
_cell.pdbx_unique_axis             ? 
# 
_symmetry.entry_id                         6PRA 
_symmetry.cell_setting                     ? 
_symmetry.Int_Tables_number                178 
_symmetry.space_group_name_Hall            ? 
_symmetry.space_group_name_H-M             'P 61 2 2' 
_symmetry.pdbx_full_space_group_name_H-M   ? 
# 
loop_
_entity.id 
_entity.type 
_entity.src_method 
_entity.pdbx_description 
_entity.formula_weight 
_entity.pdbx_number_of_molecules 
_entity.pdbx_ec 
_entity.pdbx_mutation 
_entity.pdbx_fragment 
_entity.details 
1 polymer     man 'Dihydrofolate reductase'                          18742.533 1   1.5.1.3 ? ? ? 
2 non-polymer syn 'NADP NICOTINAMIDE-ADENINE-DINUCLEOTIDE PHOSPHATE' 743.405   1   ?       ? ? ? 
3 non-polymer nat GLYCEROL                                           92.094    2   ?       ? ? ? 
4 water       nat water                                              18.015    149 ?       ? ? ? 
# 
_entity_name_com.entity_id   1 
_entity_name_com.name        DHFR 
# 
_entity_poly.entity_id                      1 
_entity_poly.type                           'polypeptide(L)' 
_entity_poly.nstd_linkage                   no 
_entity_poly.nstd_monomer                   no 
_entity_poly.pdbx_seq_one_letter_code       
;MTLSILVAHDLQRVIGFENQLPWHLPNDLKHVKKLSTGHTLVMGRKTFESIGKPLPNRRNVVLTSDTSFNVEGVDVIHSI
EDIYQLPGHVFIFGGQTLFEEMIDKVDDMYITVIEGKFRGDTFFPPYTFEDWEVASSVEGKLDEKNTIPHTFLHLIRKKL
VPR
;
_entity_poly.pdbx_seq_one_letter_code_can   
;MTLSILVAHDLQRVIGFENQLPWHLPNDLKHVKKLSTGHTLVMGRKTFESIGKPLPNRRNVVLTSDTSFNVEGVDVIHSI
EDIYQLPGHVFIFGGQTLFEEMIDKVDDMYITVIEGKFRGDTFFPPYTFEDWEVASSVEGKLDEKNTIPHTFLHLIRKKL
VPR
;
_entity_poly.pdbx_strand_id                 A 
_entity_poly.pdbx_target_identifier         ? 
# 
loop_
_entity_poly_seq.entity_id 
_entity_poly_seq.num 
_entity_poly_seq.mon_id 
_entity_poly_seq.hetero 
1 1   MET n 
1 2   THR n 
1 3   LEU n 
1 4   SER n 
1 5   ILE n 
1 6   LEU n 
1 7   VAL n 
1 8   ALA n 
1 9   HIS n 
1 10  ASP n 
1 11  LEU n 
1 12  GLN n 
1 13  ARG n 
1 14  VAL n 
1 15  ILE n 
1 16  GLY n 
1 17  PHE n 
1 18  GLU n 
1 19  ASN n 
1 20  GLN n 
1 21  LEU n 
1 22  PRO n 
1 23  TRP n 
1 24  HIS n 
1 25  LEU n 
1 26  PRO n 
1 27  ASN n 
1 28  ASP n 
1 29  LEU n 
1 30  LYS n 
1 31  HIS n 
1 32  VAL n 
1 33  LYS n 
1 34  LYS n 
1 35  LEU n 
1 36  SER n 
1 37  THR n 
1 38  GLY n 
1 39  HIS n 
1 40  THR n 
1 41  LEU n 
1 42  VAL n 
1 43  MET n 
1 44  GLY n 
1 45  ARG n 
1 46  LYS n 
1 47  THR n 
1 48  PHE n 
1 49  GLU n 
1 50  SER n 
1 51  ILE n 
1 52  GLY n 
1 53  LYS n 
1 54  PRO n 
1 55  LEU n 
1 56  PRO n 
1 57  ASN n 
1 58  ARG n 
1 59  ARG n 
1 60  ASN n 
1 61  VAL n 
1 62  VAL n 
1 63  LEU n 
1 64  THR n 
1 65  SER n 
1 66  ASP n 
1 67  THR n 
1 68  SER n 
1 69  PHE n 
1 70  ASN n 
1 71  VAL n 
1 72  GLU n 
1 73  GLY n 
1 74  VAL n 
1 75  ASP n 
1 76  VAL n 
1 77  ILE n 
1 78  HIS n 
1 79  SER n 
1 80  ILE n 
1 81  GLU n 
1 82  ASP n 
1 83  ILE n 
1 84  TYR n 
1 85  GLN n 
1 86  LEU n 
1 87  PRO n 
1 88  GLY n 
1 89  HIS n 
1 90  VAL n 
1 91  PHE n 
1 92  ILE n 
1 93  PHE n 
1 94  GLY n 
1 95  GLY n 
1 96  GLN n 
1 97  THR n 
1 98  LEU n 
1 99  PHE n 
1 100 GLU n 
1 101 GLU n 
1 102 MET n 
1 103 ILE n 
1 104 ASP n 
1 105 LYS n 
1 106 VAL n 
1 107 ASP n 
1 108 ASP n 
1 109 MET n 
1 110 TYR n 
1 111 ILE n 
1 112 THR n 
1 113 VAL n 
1 114 ILE n 
1 115 GLU n 
1 116 GLY n 
1 117 LYS n 
1 118 PHE n 
1 119 ARG n 
1 120 GLY n 
1 121 ASP n 
1 122 THR n 
1 123 PHE n 
1 124 PHE n 
1 125 PRO n 
1 126 PRO n 
1 127 TYR n 
1 128 THR n 
1 129 PHE n 
1 130 GLU n 
1 131 ASP n 
1 132 TRP n 
1 133 GLU n 
1 134 VAL n 
1 135 ALA n 
1 136 SER n 
1 137 SER n 
1 138 VAL n 
1 139 GLU n 
1 140 GLY n 
1 141 LYS n 
1 142 LEU n 
1 143 ASP n 
1 144 GLU n 
1 145 LYS n 
1 146 ASN n 
1 147 THR n 
1 148 ILE n 
1 149 PRO n 
1 150 HIS n 
1 151 THR n 
1 152 PHE n 
1 153 LEU n 
1 154 HIS n 
1 155 LEU n 
1 156 ILE n 
1 157 ARG n 
1 158 LYS n 
1 159 LYS n 
1 160 LEU n 
1 161 VAL n 
1 162 PRO n 
1 163 ARG n 
# 
_entity_src_gen.entity_id                          1 
_entity_src_gen.pdbx_src_id                        1 
_entity_src_gen.pdbx_alt_source_flag               sample 
_entity_src_gen.pdbx_seq_type                      'Biological sequence' 
_entity_src_gen.pdbx_beg_seq_num                   1 
_entity_src_gen.pdbx_end_seq_num                   163 
_entity_src_gen.gene_src_common_name               ? 
_entity_src_gen.gene_src_genus                     ? 
_entity_src_gen.pdbx_gene_src_gene                 folA 
_entity_src_gen.gene_src_species                   ? 
_entity_src_gen.gene_src_strain                    ? 
_entity_src_gen.gene_src_tissue                    ? 
_entity_src_gen.gene_src_tissue_fraction           ? 
_entity_src_gen.gene_src_details                   ? 
_entity_src_gen.pdbx_gene_src_fragment             ? 
_entity_src_gen.pdbx_gene_src_scientific_name      'Staphylococcus aureus' 
_entity_src_gen.pdbx_gene_src_ncbi_taxonomy_id     1280 
_entity_src_gen.pdbx_gene_src_variant              ? 
_entity_src_gen.pdbx_gene_src_cell_line            ? 
_entity_src_gen.pdbx_gene_src_atcc                 ? 
_entity_src_gen.pdbx_gene_src_organ                ? 
_entity_src_gen.pdbx_gene_src_organelle            ? 
_entity_src_gen.pdbx_gene_src_cell                 ? 
_entity_src_gen.pdbx_gene_src_cellular_location    ? 
_entity_src_gen.host_org_common_name               ? 
_entity_src_gen.pdbx_host_org_scientific_name      'Escherichia coli' 
_entity_src_gen.pdbx_host_org_ncbi_taxonomy_id     562 
_entity_src_gen.host_org_genus                     ? 
_entity_src_gen.pdbx_host_org_gene                 ? 
_entity_src_gen.pdbx_host_org_organ                ? 
_entity_src_gen.host_org_species                   ? 
_entity_src_gen.pdbx_host_org_tissue               ? 
_entity_src_gen.pdbx_host_org_tissue_fraction      ? 
_entity_src_gen.pdbx_host_org_strain               ? 
_entity_src_gen.pdbx_host_org_variant              ? 
_entity_src_gen.pdbx_host_org_cell_line            ? 
_entity_src_gen.pdbx_host_org_atcc                 ? 
_entity_src_gen.pdbx_host_org_culture_collection   ? 
_entity_src_gen.pdbx_host_org_cell                 ? 
_entity_src_gen.pdbx_host_org_organelle            ? 
_entity_src_gen.pdbx_host_org_cellular_location    ? 
_entity_src_gen.pdbx_host_org_vector_type          ? 
_entity_src_gen.pdbx_host_org_vector               ? 
_entity_src_gen.host_org_details                   ? 
_entity_src_gen.expression_system_id               ? 
_entity_src_gen.plasmid_name                       ? 
_entity_src_gen.plasmid_details                    ? 
_entity_src_gen.pdbx_description                   ? 
# 
_struct_ref.id                         1 
_struct_ref.db_name                    UNP 
_struct_ref.db_code                    DYR_STAAU 
_struct_ref.pdbx_db_accession          P0A017 
_struct_ref.pdbx_db_isoform            ? 
_struct_ref.entity_id                  1 
_struct_ref.pdbx_seq_one_letter_code   
;MTLSILVAHDLQRVIGFENQLPWHLPNDLKHVKKLSTGHTLVMGRKTFESIGKPLPNRRNVVLTSDTSFNVEGVDVIHSI
EDIYQLPGHVFIFGGQTLFEEMIDKVDDMYITVIEGKFRGDTFFPPYTFEDWEVASSVEGKLDEKNTIPHTFLHLIRKK
;
_struct_ref.pdbx_align_begin           1 
# 
_struct_ref_seq.align_id                      1 
_struct_ref_seq.ref_id                        1 
_struct_ref_seq.pdbx_PDB_id_code              6PRA 
_struct_ref_seq.pdbx_strand_id                A 
_struct_ref_seq.seq_align_beg                 1 
_struct_ref_seq.pdbx_seq_align_beg_ins_code   ? 
_struct_ref_seq.seq_align_end                 159 
_struct_ref_seq.pdbx_seq_align_end_ins_code   ? 
_struct_ref_seq.pdbx_db_accession             P0A017 
_struct_ref_seq.db_align_beg                  1 
_struct_ref_seq.pdbx_db_align_beg_ins_code    ? 
_struct_ref_seq.db_align_end                  159 
_struct_ref_seq.pdbx_db_align_end_ins_code    ? 
_struct_ref_seq.pdbx_auth_seq_align_beg       0 
_struct_ref_seq.pdbx_auth_seq_align_end       158 
# 
loop_
_struct_ref_seq_dif.align_id 
_struct_ref_seq_dif.pdbx_pdb_id_code 
_struct_ref_seq_dif.mon_id 
_struct_ref_seq_dif.pdbx_pdb_strand_id 
_struct_ref_seq_dif.seq_num 
_struct_ref_seq_dif.pdbx_pdb_ins_code 
_struct_ref_seq_dif.pdbx_seq_db_name 
_struct_ref_seq_dif.pdbx_seq_db_accession_code 
_struct_ref_seq_dif.db_mon_id 
_struct_ref_seq_dif.pdbx_seq_db_seq_num 
_struct_ref_seq_dif.details 
_struct_ref_seq_dif.pdbx_auth_seq_num 
_struct_ref_seq_dif.pdbx_ordinal 
1 6PRA LEU A 160 ? UNP P0A017 ? ? 'expression tag' 159 1 
1 6PRA VAL A 161 ? UNP P0A017 ? ? 'expression tag' 160 2 
1 6PRA PRO A 162 ? UNP P0A017 ? ? 'expression tag' 161 3 
1 6PRA ARG A 163 ? UNP P0A017 ? ? 'expression tag' 162 4 
# 
loop_
_chem_comp.id 
_chem_comp.type 
_chem_comp.mon_nstd_flag 
_chem_comp.name 
_chem_comp.pdbx_synonyms 
_chem_comp.formula 
_chem_comp.formula_weight 
ALA 'L-peptide linking' y ALANINE                                            ?                                            
'C3 H7 N O2'        89.093  
ARG 'L-peptide linking' y ARGININE                                           ?                                            
'C6 H15 N4 O2 1'    175.209 
ASN 'L-peptide linking' y ASPARAGINE                                         ?                                            
'C4 H8 N2 O3'       132.118 
ASP 'L-peptide linking' y 'ASPARTIC ACID'                                    ?                                            
'C4 H7 N O4'        133.103 
GLN 'L-peptide linking' y GLUTAMINE                                          ?                                            
'C5 H10 N2 O3'      146.144 
GLU 'L-peptide linking' y 'GLUTAMIC ACID'                                    ?                                            
'C5 H9 N O4'        147.129 
GLY 'peptide linking'   y GLYCINE                                            ?                                            
'C2 H5 N O2'        75.067  
GOL non-polymer         . GLYCEROL                                           'GLYCERIN; PROPANE-1,2,3-TRIOL'              
'C3 H8 O3'          92.094  
HIS 'L-peptide linking' y HISTIDINE                                          ?                                            
'C6 H10 N3 O2 1'    156.162 
HOH non-polymer         . WATER                                              ?                                            'H2 O' 
18.015  
ILE 'L-peptide linking' y ISOLEUCINE                                         ?                                            
'C6 H13 N O2'       131.173 
LEU 'L-peptide linking' y LEUCINE                                            ?                                            
'C6 H13 N O2'       131.173 
LYS 'L-peptide linking' y LYSINE                                             ?                                            
'C6 H15 N2 O2 1'    147.195 
MET 'L-peptide linking' y METHIONINE                                         ?                                            
'C5 H11 N O2 S'     149.211 
NAP non-polymer         . 'NADP NICOTINAMIDE-ADENINE-DINUCLEOTIDE PHOSPHATE' 
;2'-MONOPHOSPHOADENOSINE 5'-DIPHOSPHORIBOSE
;
'C21 H28 N7 O17 P3' 743.405 
PHE 'L-peptide linking' y PHENYLALANINE                                      ?                                            
'C9 H11 N O2'       165.189 
PRO 'L-peptide linking' y PROLINE                                            ?                                            
'C5 H9 N O2'        115.130 
SER 'L-peptide linking' y SERINE                                             ?                                            
'C3 H7 N O3'        105.093 
THR 'L-peptide linking' y THREONINE                                          ?                                            
'C4 H9 N O3'        119.119 
TRP 'L-peptide linking' y TRYPTOPHAN                                         ?                                            
'C11 H12 N2 O2'     204.225 
TYR 'L-peptide linking' y TYROSINE                                           ?                                            
'C9 H11 N O3'       181.189 
VAL 'L-peptide linking' y VALINE                                             ?                                            
'C5 H11 N O2'       117.146 
# 
_exptl.absorpt_coefficient_mu     ? 
_exptl.absorpt_correction_T_max   ? 
_exptl.absorpt_correction_T_min   ? 
_exptl.absorpt_correction_type    ? 
_exptl.absorpt_process_details    ? 
_exptl.entry_id                   6PRA 
_exptl.crystals_number            1 
_exptl.details                    ? 
_exptl.method                     'X-RAY DIFFRACTION' 
_exptl.method_details             ? 
# 
_exptl_crystal.colour                      ? 
_exptl_crystal.density_diffrn              ? 
_exptl_crystal.density_Matthews            2.58 
_exptl_crystal.density_method              ? 
_exptl_crystal.density_percent_sol         52.31 
_exptl_crystal.description                 ? 
_exptl_crystal.F_000                       ? 
_exptl_crystal.id                          1 
_exptl_crystal.preparation                 ? 
_exptl_crystal.size_max                    ? 
_exptl_crystal.size_mid                    ? 
_exptl_crystal.size_min                    ? 
_exptl_crystal.size_rad                    ? 
_exptl_crystal.colour_lustre               ? 
_exptl_crystal.colour_modifier             ? 
_exptl_crystal.colour_primary              ? 
_exptl_crystal.density_meas                ? 
_exptl_crystal.density_meas_esd            ? 
_exptl_crystal.density_meas_gt             ? 
_exptl_crystal.density_meas_lt             ? 
_exptl_crystal.density_meas_temp           ? 
_exptl_crystal.density_meas_temp_esd       ? 
_exptl_crystal.density_meas_temp_gt        ? 
_exptl_crystal.density_meas_temp_lt        ? 
_exptl_crystal.pdbx_crystal_image_url      ? 
_exptl_crystal.pdbx_crystal_image_format   ? 
_exptl_crystal.pdbx_mosaicity              ? 
_exptl_crystal.pdbx_mosaicity_esd          ? 
# 
_exptl_crystal_grow.apparatus       ? 
_exptl_crystal_grow.atmosphere      ? 
_exptl_crystal_grow.crystal_id      1 
_exptl_crystal_grow.details         ? 
_exptl_crystal_grow.method          'VAPOR DIFFUSION' 
_exptl_crystal_grow.method_ref      ? 
_exptl_crystal_grow.pH              ? 
_exptl_crystal_grow.pressure        ? 
_exptl_crystal_grow.pressure_esd    ? 
_exptl_crystal_grow.seeding         ? 
_exptl_crystal_grow.seeding_ref     ? 
_exptl_crystal_grow.temp            293 
_exptl_crystal_grow.temp_details    ? 
_exptl_crystal_grow.temp_esd        ? 
_exptl_crystal_grow.time            ? 
_exptl_crystal_grow.pdbx_details    '20% PEG6000, 0.1M MES, 0.15M Na Acetate' 
_exptl_crystal_grow.pdbx_pH_range   ? 
# 
_diffrn.ambient_environment              ? 
_diffrn.ambient_temp                     100 
_diffrn.ambient_temp_details             ? 
_diffrn.ambient_temp_esd                 ? 
_diffrn.crystal_id                       1 
_diffrn.crystal_support                  ? 
_diffrn.crystal_treatment                ? 
_diffrn.details                          ? 
_diffrn.id                               1 
_diffrn.ambient_pressure                 ? 
_diffrn.ambient_pressure_esd             ? 
_diffrn.ambient_pressure_gt              ? 
_diffrn.ambient_pressure_lt              ? 
_diffrn.ambient_temp_gt                  ? 
_diffrn.ambient_temp_lt                  ? 
_diffrn.pdbx_serial_crystal_experiment   N 
# 
_diffrn_detector.details                      'Osmic mirrors' 
_diffrn_detector.detector                     'IMAGE PLATE' 
_diffrn_detector.diffrn_id                    1 
_diffrn_detector.type                         'RIGAKU RAXIS IV++' 
_diffrn_detector.area_resol_mean              ? 
_diffrn_detector.dtime                        ? 
_diffrn_detector.pdbx_frames_total            ? 
_diffrn_detector.pdbx_collection_time_total   ? 
_diffrn_detector.pdbx_collection_date         2012-04-17 
_diffrn_detector.pdbx_frequency               ? 
# 
_diffrn_radiation.collimation                      ? 
_diffrn_radiation.diffrn_id                        1 
_diffrn_radiation.filter_edge                      ? 
_diffrn_radiation.inhomogeneity                    ? 
_diffrn_radiation.monochromator                    Mirrors 
_diffrn_radiation.polarisn_norm                    ? 
_diffrn_radiation.polarisn_ratio                   ? 
_diffrn_radiation.probe                            ? 
_diffrn_radiation.type                             ? 
_diffrn_radiation.xray_symbol                      ? 
_diffrn_radiation.wavelength_id                    1 
_diffrn_radiation.pdbx_monochromatic_or_laue_m_l   M 
_diffrn_radiation.pdbx_wavelength_list             ? 
_diffrn_radiation.pdbx_wavelength                  ? 
_diffrn_radiation.pdbx_diffrn_protocol             'SINGLE WAVELENGTH' 
_diffrn_radiation.pdbx_analyzer                    ? 
_diffrn_radiation.pdbx_scattering_type             x-ray 
# 
_diffrn_radiation_wavelength.id           1 
_diffrn_radiation_wavelength.wavelength   1.5418 
_diffrn_radiation_wavelength.wt           1.0 
# 
_diffrn_source.current                     ? 
_diffrn_source.details                     ? 
_diffrn_source.diffrn_id                   1 
_diffrn_source.power                       ? 
_diffrn_source.size                        ? 
_diffrn_source.source                      'ROTATING ANODE' 
_diffrn_source.target                      ? 
_diffrn_source.type                        'RIGAKU RUH3R' 
_diffrn_source.voltage                     ? 
_diffrn_source.take-off_angle              ? 
_diffrn_source.pdbx_wavelength_list        1.5418 
_diffrn_source.pdbx_wavelength             ? 
_diffrn_source.pdbx_synchrotron_beamline   ? 
_diffrn_source.pdbx_synchrotron_site       ? 
# 
_reflns.B_iso_Wilson_estimate            20.37 
_reflns.entry_id                         6PRA 
_reflns.data_reduction_details           ? 
_reflns.data_reduction_method            ? 
_reflns.d_resolution_high                2.01 
_reflns.d_resolution_low                 25.101 
_reflns.details                          ? 
_reflns.limit_h_max                      ? 
_reflns.limit_h_min                      ? 
_reflns.limit_k_max                      ? 
_reflns.limit_k_min                      ? 
_reflns.limit_l_max                      ? 
_reflns.limit_l_min                      ? 
_reflns.number_all                       ? 
_reflns.number_obs                       13688 
_reflns.observed_criterion               ? 
_reflns.observed_criterion_F_max         ? 
_reflns.observed_criterion_F_min         ? 
_reflns.observed_criterion_I_max         ? 
_reflns.observed_criterion_I_min         ? 
_reflns.observed_criterion_sigma_F       ? 
_reflns.observed_criterion_sigma_I       ? 
_reflns.percent_possible_obs             99.8 
_reflns.R_free_details                   ? 
_reflns.Rmerge_F_all                     ? 
_reflns.Rmerge_F_obs                     ? 
_reflns.Friedel_coverage                 ? 
_reflns.number_gt                        ? 
_reflns.threshold_expression             ? 
_reflns.pdbx_redundancy                  11.2 
_reflns.pdbx_Rmerge_I_obs                0.085 
_reflns.pdbx_Rmerge_I_all                ? 
_reflns.pdbx_Rsym_value                  ? 
_reflns.pdbx_netI_over_av_sigmaI         ? 
_reflns.pdbx_netI_over_sigmaI            13.5 
_reflns.pdbx_res_netI_over_av_sigmaI_2   ? 
_reflns.pdbx_res_netI_over_sigmaI_2      ? 
_reflns.pdbx_chi_squared                 ? 
_reflns.pdbx_scaling_rejects             ? 
_reflns.pdbx_d_res_high_opt              ? 
_reflns.pdbx_d_res_low_opt               ? 
_reflns.pdbx_d_res_opt_method            ? 
_reflns.phase_calculation_details        ? 
_reflns.pdbx_Rrim_I_all                  ? 
_reflns.pdbx_Rpim_I_all                  ? 
_reflns.pdbx_d_opt                       ? 
_reflns.pdbx_number_measured_all         ? 
_reflns.pdbx_diffrn_id                   1 
_reflns.pdbx_ordinal                     1 
_reflns.pdbx_CC_half                     ? 
_reflns.pdbx_CC_star                     ? 
_reflns.pdbx_R_split                     ? 
# 
_reflns_shell.d_res_high                  2.01 
_reflns_shell.d_res_low                   2.08 
_reflns_shell.meanI_over_sigI_all         ? 
_reflns_shell.meanI_over_sigI_obs         ? 
_reflns_shell.number_measured_all         ? 
_reflns_shell.number_measured_obs         ? 
_reflns_shell.number_possible             ? 
_reflns_shell.number_unique_all           ? 
_reflns_shell.number_unique_obs           1331 
_reflns_shell.percent_possible_all        ? 
_reflns_shell.percent_possible_obs        ? 
_reflns_shell.Rmerge_F_all                ? 
_reflns_shell.Rmerge_F_obs                ? 
_reflns_shell.Rmerge_I_all                ? 
_reflns_shell.Rmerge_I_obs                0.360 
_reflns_shell.meanI_over_sigI_gt          ? 
_reflns_shell.meanI_over_uI_all           ? 
_reflns_shell.meanI_over_uI_gt            ? 
_reflns_shell.number_measured_gt          ? 
_reflns_shell.number_unique_gt            ? 
_reflns_shell.percent_possible_gt         ? 
_reflns_shell.Rmerge_F_gt                 ? 
_reflns_shell.Rmerge_I_gt                 ? 
_reflns_shell.pdbx_redundancy             ? 
_reflns_shell.pdbx_Rsym_value             ? 
_reflns_shell.pdbx_chi_squared            ? 
_reflns_shell.pdbx_netI_over_sigmaI_all   ? 
_reflns_shell.pdbx_netI_over_sigmaI_obs   ? 
_reflns_shell.pdbx_Rrim_I_all             ? 
_reflns_shell.pdbx_Rpim_I_all             ? 
_reflns_shell.pdbx_rejects                ? 
_reflns_shell.pdbx_ordinal                1 
_reflns_shell.pdbx_diffrn_id              1 
_reflns_shell.pdbx_CC_half                ? 
_reflns_shell.pdbx_CC_star                ? 
_reflns_shell.pdbx_R_split                ? 
# 
_refine.aniso_B[1][1]                            ? 
_refine.aniso_B[1][2]                            ? 
_refine.aniso_B[1][3]                            ? 
_refine.aniso_B[2][2]                            ? 
_refine.aniso_B[2][3]                            ? 
_refine.aniso_B[3][3]                            ? 
_refine.B_iso_max                                169.170 
_refine.B_iso_mean                               23.6800 
_refine.B_iso_min                                6.460 
_refine.correlation_coeff_Fo_to_Fc               ? 
_refine.correlation_coeff_Fo_to_Fc_free          ? 
_refine.details                                  ? 
_refine.diff_density_max                         ? 
_refine.diff_density_max_esd                     ? 
_refine.diff_density_min                         ? 
_refine.diff_density_min_esd                     ? 
_refine.diff_density_rms                         ? 
_refine.diff_density_rms_esd                     ? 
_refine.entry_id                                 6PRA 
_refine.pdbx_refine_id                           'X-RAY DIFFRACTION' 
_refine.ls_abs_structure_details                 ? 
_refine.ls_abs_structure_Flack                   ? 
_refine.ls_abs_structure_Flack_esd               ? 
_refine.ls_abs_structure_Rogers                  ? 
_refine.ls_abs_structure_Rogers_esd              ? 
_refine.ls_d_res_high                            2.01 
_refine.ls_d_res_low                             25.1010 
_refine.ls_extinction_coef                       ? 
_refine.ls_extinction_coef_esd                   ? 
_refine.ls_extinction_expression                 ? 
_refine.ls_extinction_method                     ? 
_refine.ls_goodness_of_fit_all                   ? 
_refine.ls_goodness_of_fit_all_esd               ? 
_refine.ls_goodness_of_fit_obs                   ? 
_refine.ls_goodness_of_fit_obs_esd               ? 
_refine.ls_hydrogen_treatment                    ? 
_refine.ls_matrix_type                           ? 
_refine.ls_number_constraints                    ? 
_refine.ls_number_parameters                     ? 
_refine.ls_number_reflns_all                     ? 
_refine.ls_number_reflns_obs                     13688 
_refine.ls_number_reflns_R_free                  682 
_refine.ls_number_reflns_R_work                  ? 
_refine.ls_number_restraints                     ? 
_refine.ls_percent_reflns_obs                    99.9400 
_refine.ls_percent_reflns_R_free                 4.9800 
_refine.ls_R_factor_all                          ? 
_refine.ls_R_factor_obs                          0.1740 
_refine.ls_R_factor_R_free                       0.2109 
_refine.ls_R_factor_R_free_error                 ? 
_refine.ls_R_factor_R_free_error_details         ? 
_refine.ls_R_factor_R_work                       0.1720 
_refine.ls_R_Fsqd_factor_obs                     ? 
_refine.ls_R_I_factor_obs                        ? 
_refine.ls_redundancy_reflns_all                 ? 
_refine.ls_redundancy_reflns_obs                 ? 
_refine.ls_restrained_S_all                      ? 
_refine.ls_restrained_S_obs                      ? 
_refine.ls_shift_over_esd_max                    ? 
_refine.ls_shift_over_esd_mean                   ? 
_refine.ls_structure_factor_coef                 ? 
_refine.ls_weighting_details                     ? 
_refine.ls_weighting_scheme                      ? 
_refine.ls_wR_factor_all                         ? 
_refine.ls_wR_factor_obs                         ? 
_refine.ls_wR_factor_R_free                      ? 
_refine.ls_wR_factor_R_work                      ? 
_refine.occupancy_max                            ? 
_refine.occupancy_min                            ? 
_refine.solvent_model_details                    ? 
_refine.solvent_model_param_bsol                 ? 
_refine.solvent_model_param_ksol                 ? 
_refine.pdbx_R_complete                          ? 
_refine.ls_R_factor_gt                           ? 
_refine.ls_goodness_of_fit_gt                    ? 
_refine.ls_goodness_of_fit_ref                   ? 
_refine.ls_shift_over_su_max                     ? 
_refine.ls_shift_over_su_max_lt                  ? 
_refine.ls_shift_over_su_mean                    ? 
_refine.ls_shift_over_su_mean_lt                 ? 
_refine.pdbx_ls_sigma_I                          ? 
_refine.pdbx_ls_sigma_F                          1.340 
_refine.pdbx_ls_sigma_Fsqd                       ? 
_refine.pdbx_data_cutoff_high_absF               ? 
_refine.pdbx_data_cutoff_high_rms_absF           ? 
_refine.pdbx_data_cutoff_low_absF                ? 
_refine.pdbx_isotropic_thermal_model             ? 
_refine.pdbx_ls_cross_valid_method               THROUGHOUT 
_refine.pdbx_method_to_determine_struct          'MOLECULAR REPLACEMENT' 
_refine.pdbx_starting_model                      3M08 
_refine.pdbx_stereochemistry_target_values       ? 
_refine.pdbx_R_Free_selection_details            ? 
_refine.pdbx_stereochem_target_val_spec_case     ? 
_refine.pdbx_overall_ESU_R                       ? 
_refine.pdbx_overall_ESU_R_Free                  ? 
_refine.pdbx_solvent_vdw_probe_radii             1.1100 
_refine.pdbx_solvent_ion_probe_radii             ? 
_refine.pdbx_solvent_shrinkage_radii             0.9000 
_refine.pdbx_real_space_R                        ? 
_refine.pdbx_density_correlation                 ? 
_refine.pdbx_pd_number_of_powder_patterns        ? 
_refine.pdbx_pd_number_of_points                 ? 
_refine.pdbx_pd_meas_number_of_points            ? 
_refine.pdbx_pd_proc_ls_prof_R_factor            ? 
_refine.pdbx_pd_proc_ls_prof_wR_factor           ? 
_refine.pdbx_pd_Marquardt_correlation_coeff      ? 
_refine.pdbx_pd_Fsqrd_R_factor                   ? 
_refine.pdbx_pd_ls_matrix_band_width             ? 
_refine.pdbx_overall_phase_error                 20.1600 
_refine.pdbx_overall_SU_R_free_Cruickshank_DPI   ? 
_refine.pdbx_overall_SU_R_free_Blow_DPI          ? 
_refine.pdbx_overall_SU_R_Blow_DPI               ? 
_refine.pdbx_TLS_residual_ADP_flag               ? 
_refine.pdbx_diffrn_id                           1 
_refine.overall_SU_B                             ? 
_refine.overall_SU_ML                            0.1900 
_refine.overall_SU_R_Cruickshank_DPI             ? 
_refine.overall_SU_R_free                        ? 
_refine.overall_FOM_free_R_set                   ? 
_refine.overall_FOM_work_R_set                   ? 
_refine.pdbx_average_fsc_overall                 ? 
_refine.pdbx_average_fsc_work                    ? 
_refine.pdbx_average_fsc_free                    ? 
# 
_refine_hist.pdbx_refine_id                   'X-RAY DIFFRACTION' 
_refine_hist.cycle_id                         final 
_refine_hist.details                          ? 
_refine_hist.d_res_high                       2.01 
_refine_hist.d_res_low                        25.1010 
_refine_hist.number_atoms_solvent             149 
_refine_hist.number_atoms_total               1527 
_refine_hist.number_reflns_all                ? 
_refine_hist.number_reflns_obs                ? 
_refine_hist.number_reflns_R_free             ? 
_refine_hist.number_reflns_R_work             ? 
_refine_hist.R_factor_all                     ? 
_refine_hist.R_factor_obs                     ? 
_refine_hist.R_factor_R_free                  ? 
_refine_hist.R_factor_R_work                  ? 
_refine_hist.pdbx_number_residues_total       163 
_refine_hist.pdbx_B_iso_mean_ligand           31.30 
_refine_hist.pdbx_B_iso_mean_solvent          34.62 
_refine_hist.pdbx_number_atoms_protein        1318 
_refine_hist.pdbx_number_atoms_nucleic_acid   0 
_refine_hist.pdbx_number_atoms_ligand         60 
_refine_hist.pdbx_number_atoms_lipid          ? 
_refine_hist.pdbx_number_atoms_carb           ? 
_refine_hist.pdbx_pseudo_atom_details         ? 
# 
loop_
_refine_ls_restr.pdbx_refine_id 
_refine_ls_restr.criterion 
_refine_ls_restr.dev_ideal 
_refine_ls_restr.dev_ideal_target 
_refine_ls_restr.number 
_refine_ls_restr.rejects 
_refine_ls_restr.type 
_refine_ls_restr.weight 
_refine_ls_restr.pdbx_restraint_function 
'X-RAY DIFFRACTION' ? 0.019  ? 1448 ? f_bond_d           ? ? 
'X-RAY DIFFRACTION' ? 1.929  ? 1976 ? f_angle_d          ? ? 
'X-RAY DIFFRACTION' ? 0.246  ? 222  ? f_chiral_restr     ? ? 
'X-RAY DIFFRACTION' ? 0.008  ? 245  ? f_plane_restr      ? ? 
'X-RAY DIFFRACTION' ? 24.091 ? 580  ? f_dihedral_angle_d ? ? 
# 
loop_
_refine_ls_shell.pdbx_refine_id 
_refine_ls_shell.d_res_high 
_refine_ls_shell.d_res_low 
_refine_ls_shell.number_reflns_all 
_refine_ls_shell.number_reflns_obs 
_refine_ls_shell.number_reflns_R_free 
_refine_ls_shell.number_reflns_R_work 
_refine_ls_shell.percent_reflns_obs 
_refine_ls_shell.percent_reflns_R_free 
_refine_ls_shell.R_factor_all 
_refine_ls_shell.R_factor_obs 
_refine_ls_shell.R_factor_R_free 
_refine_ls_shell.R_factor_R_free_error 
_refine_ls_shell.R_factor_R_work 
_refine_ls_shell.redundancy_reflns_all 
_refine_ls_shell.redundancy_reflns_obs 
_refine_ls_shell.wR_factor_all 
_refine_ls_shell.wR_factor_obs 
_refine_ls_shell.wR_factor_R_free 
_refine_ls_shell.wR_factor_R_work 
_refine_ls_shell.pdbx_R_complete 
_refine_ls_shell.pdbx_total_number_of_bins_used 
_refine_ls_shell.pdbx_phase_error 
_refine_ls_shell.pdbx_fsc_work 
_refine_ls_shell.pdbx_fsc_free 
'X-RAY DIFFRACTION' 2.01   2.1630 . . 127 2527 100.0000 . . . 0.2554 0.0000 0.1939 . . . . . . . . . . . 
'X-RAY DIFFRACTION' 2.1630 2.3805 . . 139 2540 100.0000 . . . 0.2455 0.0000 0.1895 . . . . . . . . . . . 
'X-RAY DIFFRACTION' 2.3805 2.7246 . . 126 2576 100.0000 . . . 0.2259 0.0000 0.1905 . . . . . . . . . . . 
'X-RAY DIFFRACTION' 2.7246 3.4313 . . 144 2596 100.0000 . . . 0.2141 0.0000 0.1755 . . . . . . . . . . . 
'X-RAY DIFFRACTION' 3.4313 25.10  . . 146 2767 100.0000 . . . 0.1788 0.0000 0.1507 . . . . . . . . . . . 
# 
_struct.entry_id                     6PRA 
_struct.title                        'S. aureus dihydrofolate reductase with NADP(H) and empty folate pocket' 
_struct.pdbx_model_details           ? 
_struct.pdbx_formula_weight          ? 
_struct.pdbx_formula_weight_method   ? 
_struct.pdbx_model_type_details      ? 
_struct.pdbx_CASP_flag               N 
# 
_struct_keywords.entry_id        6PRA 
_struct_keywords.text            'DIHYDROFOLATE REDUCTASE, OXIDOREDUCTASE-INHIBITOR COMPLEX' 
_struct_keywords.pdbx_keywords   OXIDOREDUCTASE/INHIBITOR 
# 
loop_
_struct_asym.id 
_struct_asym.pdbx_blank_PDB_chainid_flag 
_struct_asym.pdbx_modified 
_struct_asym.entity_id 
_struct_asym.details 
A N N 1 ? 
B N N 2 ? 
C N N 3 ? 
D N N 3 ? 
E N N 4 ? 
# 
loop_
_struct_conf.conf_type_id 
_struct_conf.id 
_struct_conf.pdbx_PDB_helix_id 
_struct_conf.beg_label_comp_id 
_struct_conf.beg_label_asym_id 
_struct_conf.beg_label_seq_id 
_struct_conf.pdbx_beg_PDB_ins_code 
_struct_conf.end_label_comp_id 
_struct_conf.end_label_asym_id 
_struct_conf.end_label_seq_id 
_struct_conf.pdbx_end_PDB_ins_code 
_struct_conf.beg_auth_comp_id 
_struct_conf.beg_auth_asym_id 
_struct_conf.beg_auth_seq_id 
_struct_conf.end_auth_comp_id 
_struct_conf.end_auth_asym_id 
_struct_conf.end_auth_seq_id 
_struct_conf.pdbx_PDB_helix_class 
_struct_conf.details 
_struct_conf.pdbx_PDB_helix_length 
HELX_P HELX_P1 AA1 LEU A 25 ? THR A 37  ? LEU A 24 THR A 36  1 ? 13 
HELX_P HELX_P2 AA2 ARG A 45 ? GLY A 52  ? ARG A 44 GLY A 51  1 ? 8  
HELX_P HELX_P3 AA3 SER A 79 ? LEU A 86  ? SER A 78 LEU A 85  5 ? 8  
HELX_P HELX_P4 AA4 GLY A 95 ? ILE A 103 ? GLY A 94 ILE A 102 1 ? 9  
# 
_struct_conf_type.id          HELX_P 
_struct_conf_type.criteria    ? 
_struct_conf_type.reference   ? 
# 
_struct_mon_prot_cis.pdbx_id                1 
_struct_mon_prot_cis.label_comp_id          GLY 
_struct_mon_prot_cis.label_seq_id           94 
_struct_mon_prot_cis.label_asym_id          A 
_struct_mon_prot_cis.label_alt_id           . 
_struct_mon_prot_cis.pdbx_PDB_ins_code      ? 
_struct_mon_prot_cis.auth_comp_id           GLY 
_struct_mon_prot_cis.auth_seq_id            93 
_struct_mon_prot_cis.auth_asym_id           A 
_struct_mon_prot_cis.pdbx_label_comp_id_2   GLY 
_struct_mon_prot_cis.pdbx_label_seq_id_2    95 
_struct_mon_prot_cis.pdbx_label_asym_id_2   A 
_struct_mon_prot_cis.pdbx_PDB_ins_code_2    ? 
_struct_mon_prot_cis.pdbx_auth_comp_id_2    GLY 
_struct_mon_prot_cis.pdbx_auth_seq_id_2     94 
_struct_mon_prot_cis.pdbx_auth_asym_id_2    A 
_struct_mon_prot_cis.pdbx_PDB_model_num     1 
_struct_mon_prot_cis.pdbx_omega_angle       3.32 
# 
loop_
_struct_sheet.id 
_struct_sheet.type 
_struct_sheet.number_strands 
_struct_sheet.details 
AA1 ? 8 ? 
AA2 ? 2 ? 
# 
loop_
_struct_sheet_order.sheet_id 
_struct_sheet_order.range_id_1 
_struct_sheet_order.range_id_2 
_struct_sheet_order.offset 
_struct_sheet_order.sense 
AA1 1 2 ? parallel      
AA1 2 3 ? parallel      
AA1 3 4 ? parallel      
AA1 4 5 ? parallel      
AA1 5 6 ? parallel      
AA1 6 7 ? anti-parallel 
AA1 7 8 ? anti-parallel 
AA2 1 2 ? anti-parallel 
# 
loop_
_struct_sheet_range.sheet_id 
_struct_sheet_range.id 
_struct_sheet_range.beg_label_comp_id 
_struct_sheet_range.beg_label_asym_id 
_struct_sheet_range.beg_label_seq_id 
_struct_sheet_range.pdbx_beg_PDB_ins_code 
_struct_sheet_range.end_label_comp_id 
_struct_sheet_range.end_label_asym_id 
_struct_sheet_range.end_label_seq_id 
_struct_sheet_range.pdbx_end_PDB_ins_code 
_struct_sheet_range.beg_auth_comp_id 
_struct_sheet_range.beg_auth_asym_id 
_struct_sheet_range.beg_auth_seq_id 
_struct_sheet_range.end_auth_comp_id 
_struct_sheet_range.end_auth_asym_id 
_struct_sheet_range.end_auth_seq_id 
AA1 1 VAL A 74  ? ILE A 77  ? VAL A 73  ILE A 76  
AA1 2 ARG A 59  ? LEU A 63  ? ARG A 58  LEU A 62  
AA1 3 THR A 40  ? GLY A 44  ? THR A 39  GLY A 43  
AA1 4 VAL A 90  ? GLY A 94  ? VAL A 89  GLY A 93  
AA1 5 LEU A 3   ? ASP A 10  ? LEU A 2   ASP A 9   
AA1 6 ASP A 108 ? ILE A 114 ? ASP A 107 ILE A 113 
AA1 7 HIS A 150 ? ARG A 157 ? HIS A 149 ARG A 156 
AA1 8 TRP A 132 ? GLU A 139 ? TRP A 131 GLU A 138 
AA2 1 VAL A 14  ? GLY A 16  ? VAL A 13  GLY A 15  
AA2 2 THR A 122 ? PHE A 123 ? THR A 121 PHE A 122 
# 
loop_
_pdbx_struct_sheet_hbond.sheet_id 
_pdbx_struct_sheet_hbond.range_id_1 
_pdbx_struct_sheet_hbond.range_id_2 
_pdbx_struct_sheet_hbond.range_1_label_atom_id 
_pdbx_struct_sheet_hbond.range_1_label_comp_id 
_pdbx_struct_sheet_hbond.range_1_label_asym_id 
_pdbx_struct_sheet_hbond.range_1_label_seq_id 
_pdbx_struct_sheet_hbond.range_1_PDB_ins_code 
_pdbx_struct_sheet_hbond.range_1_auth_atom_id 
_pdbx_struct_sheet_hbond.range_1_auth_comp_id 
_pdbx_struct_sheet_hbond.range_1_auth_asym_id 
_pdbx_struct_sheet_hbond.range_1_auth_seq_id 
_pdbx_struct_sheet_hbond.range_2_label_atom_id 
_pdbx_struct_sheet_hbond.range_2_label_comp_id 
_pdbx_struct_sheet_hbond.range_2_label_asym_id 
_pdbx_struct_sheet_hbond.range_2_label_seq_id 
_pdbx_struct_sheet_hbond.range_2_PDB_ins_code 
_pdbx_struct_sheet_hbond.range_2_auth_atom_id 
_pdbx_struct_sheet_hbond.range_2_auth_comp_id 
_pdbx_struct_sheet_hbond.range_2_auth_asym_id 
_pdbx_struct_sheet_hbond.range_2_auth_seq_id 
AA1 1 2 O ASP A 75  ? O ASP A 74  N ASN A 60  ? N ASN A 59  
AA1 2 3 O VAL A 61  ? O VAL A 60  N LEU A 41  ? N LEU A 40  
AA1 3 4 N VAL A 42  ? N VAL A 41  O PHE A 93  ? O PHE A 92  
AA1 4 5 O ILE A 92  ? O ILE A 91  N SER A 4   ? N SER A 3   
AA1 5 6 N ILE A 5   ? N ILE A 4   O TYR A 110 ? O TYR A 109 
AA1 6 7 N ILE A 111 ? N ILE A 110 O LEU A 153 ? O LEU A 152 
AA1 7 8 O ILE A 156 ? O ILE A 155 N GLU A 133 ? N GLU A 132 
AA2 1 2 N ILE A 15  ? N ILE A 14  O THR A 122 ? O THR A 121 
# 
loop_
_struct_site.id 
_struct_site.pdbx_evidence_code 
_struct_site.pdbx_auth_asym_id 
_struct_site.pdbx_auth_comp_id 
_struct_site.pdbx_auth_seq_id 
_struct_site.pdbx_auth_ins_code 
_struct_site.pdbx_num_residues 
_struct_site.details 
AC1 Software A NAP 201 ? 28 'binding site for residue NAP A 201' 
AC2 Software A GOL 202 ? 6  'binding site for residue GOL A 202' 
AC3 Software A GOL 203 ? 10 'binding site for residue GOL A 203' 
# 
loop_
_struct_site_gen.id 
_struct_site_gen.site_id 
_struct_site_gen.pdbx_num_res 
_struct_site_gen.label_comp_id 
_struct_site_gen.label_asym_id 
_struct_site_gen.label_seq_id 
_struct_site_gen.pdbx_auth_ins_code 
_struct_site_gen.auth_comp_id 
_struct_site_gen.auth_asym_id 
_struct_site_gen.auth_seq_id 
_struct_site_gen.label_atom_id 
_struct_site_gen.label_alt_id 
_struct_site_gen.symmetry 
_struct_site_gen.details 
1  AC1 28 VAL A 7   ? VAL A 6   . ? 1_555 ? 
2  AC1 28 ALA A 8   ? ALA A 7   . ? 1_555 ? 
3  AC1 28 ILE A 15  ? ILE A 14  . ? 1_555 ? 
4  AC1 28 GLY A 16  ? GLY A 15  . ? 1_555 ? 
5  AC1 28 ASN A 19  ? ASN A 18  . ? 1_555 ? 
6  AC1 28 GLN A 20  ? GLN A 19  . ? 1_555 ? 
7  AC1 28 LEU A 21  ? LEU A 20  . ? 1_555 ? 
8  AC1 28 GLY A 44  ? GLY A 43  . ? 1_555 ? 
9  AC1 28 ARG A 45  ? ARG A 44  . ? 1_555 ? 
10 AC1 28 LYS A 46  ? LYS A 45  . ? 1_555 ? 
11 AC1 28 THR A 47  ? THR A 46  . ? 1_555 ? 
12 AC1 28 LEU A 63  ? LEU A 62  . ? 1_555 ? 
13 AC1 28 THR A 64  ? THR A 63  . ? 1_555 ? 
14 AC1 28 SER A 65  ? SER A 64  . ? 1_555 ? 
15 AC1 28 HIS A 78  ? HIS A 77  . ? 1_555 ? 
16 AC1 28 ILE A 80  ? ILE A 79  . ? 1_555 ? 
17 AC1 28 PHE A 93  ? PHE A 92  . ? 1_555 ? 
18 AC1 28 GLY A 95  ? GLY A 94  . ? 1_555 ? 
19 AC1 28 GLN A 96  ? GLN A 95  . ? 1_555 ? 
20 AC1 28 THR A 97  ? THR A 96  . ? 1_555 ? 
21 AC1 28 LEU A 98  ? LEU A 97  . ? 1_555 ? 
22 AC1 28 GLU A 101 ? GLU A 100 . ? 1_555 ? 
23 AC1 28 THR A 122 ? THR A 121 . ? 1_555 ? 
24 AC1 28 HOH E .   ? HOH A 306 . ? 1_555 ? 
25 AC1 28 HOH E .   ? HOH A 324 . ? 1_555 ? 
26 AC1 28 HOH E .   ? HOH A 349 . ? 1_555 ? 
27 AC1 28 HOH E .   ? HOH A 393 . ? 1_555 ? 
28 AC1 28 HOH E .   ? HOH A 401 . ? 1_555 ? 
29 AC2 6  ARG A 13  ? ARG A 12  . ? 1_555 ? 
30 AC2 6  PRO A 126 ? PRO A 125 . ? 1_555 ? 
31 AC2 6  TYR A 127 ? TYR A 126 . ? 1_555 ? 
32 AC2 6  GLU A 133 ? GLU A 132 . ? 5_554 ? 
33 AC2 6  HOH E .   ? HOH A 301 . ? 1_555 ? 
34 AC2 6  HOH E .   ? HOH A 379 . ? 1_555 ? 
35 AC3 10 ILE A 103 ? ILE A 102 . ? 1_555 ? 
36 AC3 10 ASP A 104 ? ASP A 103 . ? 1_555 ? 
37 AC3 10 PRO A 126 ? PRO A 125 . ? 1_555 ? 
38 AC3 10 TYR A 127 ? TYR A 126 . ? 1_555 ? 
39 AC3 10 THR A 128 ? THR A 127 . ? 1_555 ? 
40 AC3 10 ASP A 131 ? ASP A 130 . ? 1_555 ? 
41 AC3 10 TRP A 132 ? TRP A 131 . ? 1_555 ? 
42 AC3 10 ARG A 157 ? ARG A 156 . ? 1_555 ? 
43 AC3 10 HOH E .   ? HOH A 370 . ? 1_555 ? 
44 AC3 10 HOH E .   ? HOH A 396 . ? 1_555 ? 
# 
_atom_sites.entry_id                    6PRA 
_atom_sites.Cartn_transf_matrix[1][1]   ? 
_atom_sites.Cartn_transf_matrix[1][2]   ? 
_atom_sites.Cartn_transf_matrix[1][3]   ? 
_atom_sites.Cartn_transf_matrix[2][1]   ? 
_atom_sites.Cartn_transf_matrix[2][2]   ? 
_atom_sites.Cartn_transf_matrix[2][3]   ? 
_atom_sites.Cartn_transf_matrix[3][1]   ? 
_atom_sites.Cartn_transf_matrix[3][2]   ? 
_atom_sites.Cartn_transf_matrix[3][3]   ? 
_atom_sites.Cartn_transf_vector[1]      ? 
_atom_sites.Cartn_transf_vector[2]      ? 
_atom_sites.Cartn_transf_vector[3]      ? 
_atom_sites.fract_transf_matrix[1][1]   0.01071060 
_atom_sites.fract_transf_matrix[1][2]   0.00849952 
_atom_sites.fract_transf_matrix[1][3]   -0.00522257 
_atom_sites.fract_transf_matrix[2][1]   -0.00051256 
_atom_sites.fract_transf_matrix[2][2]   0.00474622 
_atom_sites.fract_transf_matrix[2][3]   -0.01383664 
_atom_sites.fract_transf_matrix[3][1]   -0.00468042 
_atom_sites.fract_transf_matrix[3][2]   0.00760808 
_atom_sites.fract_transf_matrix[3][3]   0.00278309 
_atom_sites.fract_transf_vector[1]      0.169160 
_atom_sites.fract_transf_vector[2]      0.390179 
_atom_sites.fract_transf_vector[3]      -0.018084 
_atom_sites.solution_primary            ? 
_atom_sites.solution_secondary          ? 
_atom_sites.solution_hydrogens          ? 
_atom_sites.special_details             ? 
# 
loop_
_atom_type.symbol 
_atom_type.scat_dispersion_real 
_atom_type.scat_dispersion_imag 
_atom_type.scat_Cromer_Mann_a1 
_atom_type.scat_Cromer_Mann_a2 
_atom_type.scat_Cromer_Mann_a3 
_atom_type.scat_Cromer_Mann_a4 
_atom_type.scat_Cromer_Mann_b1 
_atom_type.scat_Cromer_Mann_b2 
_atom_type.scat_Cromer_Mann_b3 
_atom_type.scat_Cromer_Mann_b4 
_atom_type.scat_Cromer_Mann_c 
_atom_type.scat_source 
_atom_type.scat_dispersion_source 
C ? ? 3.54356 2.42580 ? ? 25.62398 1.50364  ? ? 0.0 
;2-Gaussian fit: Grosse-Kunstleve RW, Sauter NK, Adams PD: Newsletter of the IUCr Commission on Crystallographic Computing 2004, 3, 22-31.
;
? 
N ? ? 4.01032 2.96436 ? ? 19.97189 1.75589  ? ? 0.0 
;2-Gaussian fit: Grosse-Kunstleve RW, Sauter NK, Adams PD: Newsletter of the IUCr Commission on Crystallographic Computing 2004, 3, 22-31.
;
? 
O ? ? 4.49882 3.47563 ? ? 15.80542 1.70748  ? ? 0.0 
;2-Gaussian fit: Grosse-Kunstleve RW, Sauter NK, Adams PD: Newsletter of the IUCr Commission on Crystallographic Computing 2004, 3, 22-31.
;
? 
P ? ? 9.51135 5.44231 ? ? 1.42069  35.72801 ? ? 0.0 
;2-Gaussian fit: Grosse-Kunstleve RW, Sauter NK, Adams PD: Newsletter of the IUCr Commission on Crystallographic Computing 2004, 3, 22-31.
;
? 
S ? ? 9.55732 6.39887 ? ? 1.23737  29.19336 ? ? 0.0 
;2-Gaussian fit: Grosse-Kunstleve RW, Sauter NK, Adams PD: Newsletter of the IUCr Commission on Crystallographic Computing 2004, 3, 22-31.
;
? 
# 
loop_
_atom_site.group_PDB 
_atom_site.id 
_atom_site.type_symbol 
_atom_site.label_atom_id 
_atom_site.label_alt_id 
_atom_site.label_comp_id 
_atom_site.label_asym_id 
_atom_site.label_entity_id 
_atom_site.label_seq_id 
_atom_site.pdbx_PDB_ins_code 
_atom_site.Cartn_x 
_atom_site.Cartn_y 
_atom_site.Cartn_z 
_atom_site.occupancy 
_atom_site.B_iso_or_equiv 
_atom_site.pdbx_formal_charge 
_atom_site.auth_seq_id 
_atom_site.auth_comp_id 
_atom_site.auth_asym_id 
_atom_site.auth_atom_id 
_atom_site.pdbx_PDB_model_num 
ATOM   1    N N   . MET A 1 1   ? -6.459  15.336  7.426   1.00 84.33  ? 0   MET A N   1 
ATOM   2    C CA  . MET A 1 1   ? -6.483  14.594  6.169   1.00 80.67  ? 0   MET A CA  1 
ATOM   3    C C   . MET A 1 1   ? -5.934  13.184  6.387   1.00 70.48  ? 0   MET A C   1 
ATOM   4    O O   . MET A 1 1   ? -4.705  13.015  6.457   1.00 73.95  ? 0   MET A O   1 
ATOM   5    C CB  . MET A 1 1   ? -5.666  15.321  5.090   1.00 84.67  ? 0   MET A CB  1 
ATOM   6    C CG  . MET A 1 1   ? -5.733  16.849  5.152   1.00 86.88  ? 0   MET A CG  1 
ATOM   7    S SD  . MET A 1 1   ? -7.395  17.539  5.303   1.00 169.17 ? 0   MET A SD  1 
ATOM   8    C CE  . MET A 1 1   ? -8.043  17.353  3.648   1.00 33.80  ? 0   MET A CE  1 
ATOM   9    N N   . THR A 1 2   ? -6.830  12.190  6.488   1.00 53.07  ? 1   THR A N   1 
ATOM   10   C CA  . THR A 1 2   ? -6.434  10.828  6.840   1.00 39.23  ? 1   THR A CA  1 
ATOM   11   C C   . THR A 1 2   ? -5.339  10.261  5.910   1.00 29.95  ? 1   THR A C   1 
ATOM   12   O O   . THR A 1 2   ? -5.435  10.314  4.684   1.00 27.84  ? 1   THR A O   1 
ATOM   13   C CB  . THR A 1 2   ? -7.630  9.871   6.835   1.00 40.28  ? 1   THR A CB  1 
ATOM   14   O OG1 . THR A 1 2   ? -8.660  10.412  7.664   1.00 42.96  ? 1   THR A OG1 1 
ATOM   15   C CG2 . THR A 1 2   ? -7.233  8.466   7.367   1.00 26.14  ? 1   THR A CG2 1 
ATOM   16   N N   . LEU A 1 3   ? -4.298  9.739   6.543   1.00 25.00  ? 2   LEU A N   1 
ATOM   17   C CA  . LEU A 1 3   ? -3.130  9.178   5.891   1.00 17.35  ? 2   LEU A CA  1 
ATOM   18   C C   . LEU A 1 3   ? -3.026  7.679   6.237   1.00 16.94  ? 2   LEU A C   1 
ATOM   19   O O   . LEU A 1 3   ? -2.868  7.305   7.404   1.00 17.69  ? 2   LEU A O   1 
ATOM   20   C CB  . LEU A 1 3   ? -1.905  9.951   6.348   1.00 15.44  ? 2   LEU A CB  1 
ATOM   21   C CG  . LEU A 1 3   ? -0.562  9.582   5.734   1.00 24.72  ? 2   LEU A CG  1 
ATOM   22   C CD1 . LEU A 1 3   ? -0.581  9.820   4.196   1.00 18.60  ? 2   LEU A CD1 1 
ATOM   23   C CD2 . LEU A 1 3   ? 0.544   10.379  6.401   1.00 24.93  ? 2   LEU A CD2 1 
ATOM   24   N N   . SER A 1 4   ? -3.129  6.832   5.224   1.00 14.26  ? 3   SER A N   1 
ATOM   25   C CA  . SER A 1 4   ? -3.198  5.389   5.405   1.00 10.11  ? 3   SER A CA  1 
ATOM   26   C C   . SER A 1 4   ? -2.141  4.679   4.582   1.00 13.31  ? 3   SER A C   1 
ATOM   27   O O   . SER A 1 4   ? -1.761  5.164   3.513   1.00 15.70  ? 3   SER A O   1 
ATOM   28   C CB  . SER A 1 4   ? -4.560  4.852   4.966   1.00 10.26  ? 3   SER A CB  1 
ATOM   29   O OG  . SER A 1 4   ? -5.623  5.547   5.574   1.00 13.35  ? 3   SER A OG  1 
ATOM   30   N N   . ILE A 1 5   ? -1.682  3.536   5.063   1.00 9.85   ? 4   ILE A N   1 
ATOM   31   C CA  . ILE A 1 5   ? -0.920  2.630   4.209   1.00 9.90   ? 4   ILE A CA  1 
ATOM   32   C C   . ILE A 1 5   ? -1.899  1.682   3.491   1.00 12.33  ? 4   ILE A C   1 
ATOM   33   O O   . ILE A 1 5   ? -2.937  1.309   4.053   1.00 11.74  ? 4   ILE A O   1 
ATOM   34   C CB  . ILE A 1 5   ? 0.157   1.867   5.030   1.00 11.52  ? 4   ILE A CB  1 
ATOM   35   C CG1 . ILE A 1 5   ? 1.460   2.664   5.010   1.00 11.08  ? 4   ILE A CG1 1 
ATOM   36   C CG2 . ILE A 1 5   ? 0.397   0.406   4.507   1.00 11.05  ? 4   ILE A CG2 1 
ATOM   37   C CD1 . ILE A 1 5   ? 2.539   2.154   6.004   1.00 13.75  ? 4   ILE A CD1 1 
ATOM   38   N N   . LEU A 1 6   ? -1.597  1.362   2.224   1.00 11.86  ? 5   LEU A N   1 
ATOM   39   C CA  . LEU A 1 6   ? -2.341  0.355   1.468   1.00 8.85   ? 5   LEU A CA  1 
ATOM   40   C C   . LEU A 1 6   ? -1.423  -0.692  0.860   1.00 15.38  ? 5   LEU A C   1 
ATOM   41   O O   . LEU A 1 6   ? -0.645  -0.359  -0.026  1.00 12.21  ? 5   LEU A O   1 
ATOM   42   C CB  . LEU A 1 6   ? -3.128  1.034   0.337   1.00 9.83   ? 5   LEU A CB  1 
ATOM   43   C CG  . LEU A 1 6   ? -4.062  0.222   -0.558  1.00 13.84  ? 5   LEU A CG  1 
ATOM   44   C CD1 . LEU A 1 6   ? -5.057  -0.611  0.255   1.00 10.60  ? 5   LEU A CD1 1 
ATOM   45   C CD2 . LEU A 1 6   ? -4.810  1.171   -1.552  1.00 9.08   ? 5   LEU A CD2 1 
ATOM   46   N N   . VAL A 1 7   ? -1.505  -1.949  1.290   1.00 7.59   ? 6   VAL A N   1 
ATOM   47   C CA  . VAL A 1 7   ? -0.469  -2.906  0.880   1.00 7.55   ? 6   VAL A CA  1 
ATOM   48   C C   . VAL A 1 7   ? -0.998  -4.328  0.956   1.00 11.97  ? 6   VAL A C   1 
ATOM   49   O O   . VAL A 1 7   ? -1.895  -4.618  1.745   1.00 9.29   ? 6   VAL A O   1 
ATOM   50   C CB  . VAL A 1 7   ? 0.809   -2.772  1.759   1.00 12.67  ? 6   VAL A CB  1 
ATOM   51   C CG1 . VAL A 1 7   ? 0.511   -3.157  3.244   1.00 12.92  ? 6   VAL A CG1 1 
ATOM   52   C CG2 . VAL A 1 7   ? 2.010   -3.552  1.187   1.00 11.42  ? 6   VAL A CG2 1 
ATOM   53   N N   . ALA A 1 8   ? -0.431  -5.200  0.129   1.00 11.29  ? 7   ALA A N   1 
ATOM   54   C CA  . ALA A 1 8   ? -0.552  -6.649  0.257   1.00 10.41  ? 7   ALA A CA  1 
ATOM   55   C C   . ALA A 1 8   ? 0.837   -7.228  0.610   1.00 10.85  ? 7   ALA A C   1 
ATOM   56   O O   . ALA A 1 8   ? 1.835   -6.909  -0.050  1.00 8.76   ? 7   ALA A O   1 
ATOM   57   C CB  . ALA A 1 8   ? -1.101  -7.264  -1.064  1.00 9.07   ? 7   ALA A CB  1 
ATOM   58   N N   . HIS A 1 9   ? 0.933   -8.035  1.667   1.00 10.37  ? 8   HIS A N   1 
ATOM   59   C CA  . HIS A 1 9   ? 2.204   -8.689  1.940   1.00 9.37   ? 8   HIS A CA  1 
ATOM   60   C C   . HIS A 1 9   ? 1.964   -10.151 2.332   1.00 11.43  ? 8   HIS A C   1 
ATOM   61   O O   . HIS A 1 9   ? 0.873   -10.486 2.790   1.00 12.86  ? 8   HIS A O   1 
ATOM   62   C CB  . HIS A 1 9   ? 3.016   -7.932  3.018   1.00 7.98   ? 8   HIS A CB  1 
ATOM   63   C CG  . HIS A 1 9   ? 2.502   -8.052  4.435   1.00 7.46   ? 8   HIS A CG  1 
ATOM   64   N ND1 . HIS A 1 9   ? 2.451   -9.244  5.129   1.00 10.22  ? 8   HIS A ND1 1 
ATOM   65   C CD2 . HIS A 1 9   ? 2.103   -7.100  5.314   1.00 8.22   ? 8   HIS A CD2 1 
ATOM   66   C CE1 . HIS A 1 9   ? 2.013   -9.026  6.357   1.00 9.32   ? 8   HIS A CE1 1 
ATOM   67   N NE2 . HIS A 1 9   ? 1.777   -7.722  6.489   1.00 9.82   ? 8   HIS A NE2 1 
ATOM   68   N N   . ASP A 1 10  ? 2.952   -11.019 2.116   1.00 8.45   ? 9   ASP A N   1 
ATOM   69   C CA  . ASP A 1 10  ? 2.704   -12.438 2.359   1.00 9.25   ? 9   ASP A CA  1 
ATOM   70   C C   . ASP A 1 10  ? 3.084   -12.768 3.820   1.00 12.22  ? 9   ASP A C   1 
ATOM   71   O O   . ASP A 1 10  ? 3.277   -11.845 4.619   1.00 8.83   ? 9   ASP A O   1 
ATOM   72   C CB  . ASP A 1 10  ? 3.433   -13.301 1.321   1.00 8.14   ? 9   ASP A CB  1 
ATOM   73   C CG  . ASP A 1 10  ? 4.950   -13.493 1.620   1.00 10.68  ? 9   ASP A CG  1 
ATOM   74   O OD1 . ASP A 1 10  ? 5.491   -12.897 2.583   1.00 7.62   ? 9   ASP A OD1 1 
ATOM   75   O OD2 . ASP A 1 10  ? 5.584   -14.288 0.892   1.00 10.19  ? 9   ASP A OD2 1 
ATOM   76   N N   . LEU A 1 11  ? 3.188   -14.056 4.165   1.00 12.93  ? 10  LEU A N   1 
ATOM   77   C CA  . LEU A 1 11  ? 3.396   -14.463 5.546   1.00 10.19  ? 10  LEU A CA  1 
ATOM   78   C C   . LEU A 1 11  ? 4.752   -13.994 6.055   1.00 14.04  ? 10  LEU A C   1 
ATOM   79   O O   . LEU A 1 11  ? 4.952   -13.916 7.254   1.00 12.39  ? 10  LEU A O   1 
ATOM   80   C CB  . LEU A 1 11  ? 3.284   -15.996 5.702   1.00 11.75  ? 10  LEU A CB  1 
ATOM   81   C CG  . LEU A 1 11  ? 1.857   -16.548 5.508   1.00 8.25   ? 10  LEU A CG  1 
ATOM   82   C CD1 . LEU A 1 11  ? 1.808   -18.067 5.324   1.00 13.00  ? 10  LEU A CD1 1 
ATOM   83   C CD2 . LEU A 1 11  ? 0.999   -16.068 6.634   1.00 13.07  ? 10  LEU A CD2 1 
ATOM   84   N N   . GLN A 1 12  ? 5.682   -13.730 5.170   1.00 11.36  ? 11  GLN A N   1 
ATOM   85   C CA  . GLN A 1 12  ? 7.001   -13.262 5.513   1.00 12.44  ? 11  GLN A CA  1 
ATOM   86   C C   . GLN A 1 12  ? 7.247   -11.781 5.199   1.00 8.37   ? 11  GLN A C   1 
ATOM   87   O O   . GLN A 1 12  ? 8.341   -11.346 5.163   1.00 11.22  ? 11  GLN A O   1 
ATOM   88   C CB  . GLN A 1 12  ? 8.059   -14.183 4.910   1.00 14.56  ? 11  GLN A CB  1 
ATOM   89   C CG  . GLN A 1 12  ? 7.814   -15.602 5.368   1.00 24.34  ? 11  GLN A CG  1 
ATOM   90   C CD  . GLN A 1 12  ? 8.843   -16.627 4.971   1.00 28.29  ? 11  GLN A CD  1 
ATOM   91   O OE1 . GLN A 1 12  ? 9.278   -17.374 5.801   1.00 26.91  ? 11  GLN A OE1 1 
ATOM   92   N NE2 . GLN A 1 12  ? 9.157   -16.709 3.698   1.00 22.63  ? 11  GLN A NE2 1 
ATOM   93   N N   . ARG A 1 13  ? 6.171   -11.060 4.994   1.00 8.10   ? 12  ARG A N   1 
ATOM   94   C CA  . ARG A 1 13  ? 6.163   -9.657  4.632   1.00 10.07  ? 12  ARG A CA  1 
ATOM   95   C C   . ARG A 1 13  ? 6.733   -9.316  3.208   1.00 11.79  ? 12  ARG A C   1 
ATOM   96   O O   . ARG A 1 13  ? 7.038   -8.217  2.967   1.00 8.92   ? 12  ARG A O   1 
ATOM   97   C CB  . ARG A 1 13  ? 6.678   -8.684  5.726   1.00 9.45   ? 12  ARG A CB  1 
ATOM   98   C CG  . ARG A 1 13  ? 5.791   -8.441  6.935   1.00 12.36  ? 12  ARG A CG  1 
ATOM   99   C CD  . ARG A 1 13  ? 6.542   -7.712  8.043   1.00 13.88  ? 12  ARG A CD  1 
ATOM   100  N NE  . ARG A 1 13  ? 7.557   -8.582  8.584   1.00 12.73  ? 12  ARG A NE  1 
ATOM   101  C CZ  . ARG A 1 13  ? 8.833   -8.584  8.246   1.00 18.38  ? 12  ARG A CZ  1 
ATOM   102  N NH1 . ARG A 1 13  ? 9.344   -7.701  7.409   1.00 12.08  ? 12  ARG A NH1 1 
ATOM   103  N NH2 . ARG A 1 13  ? 9.611   -9.485  8.787   1.00 18.66  ? 12  ARG A NH2 1 
ATOM   104  N N   . VAL A 1 14  ? 6.836   -10.290 2.324   1.00 9.96   ? 13  VAL A N   1 
ATOM   105  C CA  . VAL A 1 14  ? 7.197   -10.028 0.952   1.00 9.36   ? 13  VAL A CA  1 
ATOM   106  C C   . VAL A 1 14  ? 6.092   -9.150  0.295   1.00 10.27  ? 13  VAL A C   1 
ATOM   107  O O   . VAL A 1 14  ? 4.936   -9.409  0.460   1.00 8.78   ? 13  VAL A O   1 
ATOM   108  C CB  . VAL A 1 14  ? 7.366   -11.294 0.063   1.00 8.40   ? 13  VAL A CB  1 
ATOM   109  C CG1 . VAL A 1 14  ? 7.530   -10.900 -1.394  1.00 8.78   ? 13  VAL A CG1 1 
ATOM   110  C CG2 . VAL A 1 14  ? 8.497   -12.216 0.515   1.00 10.68  ? 13  VAL A CG2 1 
ATOM   111  N N   . ILE A 1 15  ? 6.494   -8.131  -0.410  1.00 10.74  ? 14  ILE A N   1 
ATOM   112  C CA  . ILE A 1 15  ? 5.525   -7.324  -1.194  1.00 8.32   ? 14  ILE A CA  1 
ATOM   113  C C   . ILE A 1 15  ? 5.810   -7.292  -2.711  1.00 9.74   ? 14  ILE A C   1 
ATOM   114  O O   . ILE A 1 15  ? 4.971   -6.838  -3.517  1.00 11.06  ? 14  ILE A O   1 
ATOM   115  C CB  . ILE A 1 15  ? 5.486   -5.869  -0.674  1.00 8.30   ? 14  ILE A CB  1 
ATOM   116  C CG1 . ILE A 1 15  ? 6.903   -5.249  -0.733  1.00 12.25  ? 14  ILE A CG1 1 
ATOM   117  C CG2 . ILE A 1 15  ? 4.915   -5.850  0.775   1.00 7.87   ? 14  ILE A CG2 1 
ATOM   118  C CD1 . ILE A 1 15  ? 6.941   -3.678  -0.528  1.00 11.96  ? 14  ILE A CD1 1 
ATOM   119  N N   . GLY A 1 16  ? 6.992   -7.726  -3.122  1.00 12.55  ? 15  GLY A N   1 
ATOM   120  C CA  . GLY A 1 16  ? 7.343   -7.640  -4.532  1.00 9.95   ? 15  GLY A CA  1 
ATOM   121  C C   . GLY A 1 16  ? 8.456   -8.599  -4.937  1.00 11.26  ? 15  GLY A C   1 
ATOM   122  O O   . GLY A 1 16  ? 9.265   -9.051  -4.113  1.00 10.34  ? 15  GLY A O   1 
ATOM   123  N N   . PHE A 1 17  ? 8.476   -8.950  -6.220  1.00 10.55  ? 16  PHE A N   1 
ATOM   124  C CA  . PHE A 1 17  ? 9.613   -9.683  -6.760  1.00 12.05  ? 16  PHE A CA  1 
ATOM   125  C C   . PHE A 1 17  ? 9.854   -9.154  -8.170  1.00 15.99  ? 16  PHE A C   1 
ATOM   126  O O   . PHE A 1 17  ? 8.931   -9.087  -8.955  1.00 14.82  ? 16  PHE A O   1 
ATOM   127  C CB  . PHE A 1 17  ? 9.372   -11.200 -6.772  1.00 13.50  ? 16  PHE A CB  1 
ATOM   128  C CG  . PHE A 1 17  ? 10.546  -11.985 -7.320  1.00 13.14  ? 16  PHE A CG  1 
ATOM   129  C CD1 . PHE A 1 17  ? 11.724  -12.081 -6.592  1.00 14.54  ? 16  PHE A CD1 1 
ATOM   130  C CD2 . PHE A 1 17  ? 10.485  -12.584 -8.567  1.00 14.94  ? 16  PHE A CD2 1 
ATOM   131  C CE1 . PHE A 1 17  ? 12.812  -12.783 -7.094  1.00 17.88  ? 16  PHE A CE1 1 
ATOM   132  C CE2 . PHE A 1 17  ? 11.583  -13.294 -9.075  1.00 18.92  ? 16  PHE A CE2 1 
ATOM   133  C CZ  . PHE A 1 17  ? 12.738  -13.394 -8.333  1.00 21.16  ? 16  PHE A CZ  1 
ATOM   134  N N   . GLU A 1 18  ? 11.082  -8.754  -8.460  1.00 12.24  ? 17  GLU A N   1 
ATOM   135  C CA  . GLU A 1 18  ? 11.419  -8.181  -9.753  1.00 12.95  ? 17  GLU A CA  1 
ATOM   136  C C   . GLU A 1 18  ? 10.417  -7.135  -10.206 1.00 21.54  ? 17  GLU A C   1 
ATOM   137  O O   . GLU A 1 18  ? 9.954   -7.154  -11.326 1.00 23.34  ? 17  GLU A O   1 
ATOM   138  C CB  . GLU A 1 18  ? 11.538  -9.292  -10.778 1.00 15.62  ? 17  GLU A CB  1 
ATOM   139  C CG  . GLU A 1 18  ? 12.707  -10.196 -10.386 1.00 22.75  ? 17  GLU A CG  1 
ATOM   140  C CD  . GLU A 1 18  ? 12.991  -11.292 -11.382 1.00 28.75  ? 17  GLU A CD  1 
ATOM   141  O OE1 . GLU A 1 18  ? 12.079  -11.672 -12.143 1.00 31.92  ? 17  GLU A OE1 1 
ATOM   142  O OE2 . GLU A 1 18  ? 14.123  -11.794 -11.366 1.00 26.11  ? 17  GLU A OE2 1 
ATOM   143  N N   . ASN A 1 19  ? 10.071  -6.261  -9.276  1.00 24.21  ? 18  ASN A N   1 
ATOM   144  C CA  . ASN A 1 19  ? 9.216   -5.119  -9.520  1.00 30.39  ? 18  ASN A CA  1 
ATOM   145  C C   . ASN A 1 19  ? 7.795   -5.470  -9.908  1.00 29.87  ? 18  ASN A C   1 
ATOM   146  O O   . ASN A 1 19  ? 7.119   -4.665  -10.526 1.00 30.27  ? 18  ASN A O   1 
ATOM   147  C CB  . ASN A 1 19  ? 9.858   -4.204  -10.579 1.00 34.46  ? 18  ASN A CB  1 
ATOM   148  C CG  . ASN A 1 19  ? 10.998  -3.398  -9.994  1.00 47.71  ? 18  ASN A CG  1 
ATOM   149  O OD1 . ASN A 1 19  ? 12.159  -3.593  -10.350 1.00 53.71  ? 18  ASN A OD1 1 
ATOM   150  N ND2 . ASN A 1 19  ? 10.676  -2.523  -9.037  1.00 52.55  ? 18  ASN A ND2 1 
ATOM   151  N N   . GLN A 1 20  ? 7.329   -6.656  -9.528  1.00 19.49  ? 19  GLN A N   1 
ATOM   152  C CA  . GLN A 1 20  ? 5.919   -7.024  -9.771  1.00 17.42  ? 19  GLN A CA  1 
ATOM   153  C C   . GLN A 1 20  ? 5.357   -7.717  -8.532  1.00 15.37  ? 19  GLN A C   1 
ATOM   154  O O   . GLN A 1 20  ? 6.121   -8.125  -7.660  1.00 13.70  ? 19  GLN A O   1 
ATOM   155  C CB  . GLN A 1 20  ? 5.805   -7.918  -11.011 1.00 16.00  ? 19  GLN A CB  1 
ATOM   156  C CG  . GLN A 1 20  ? 6.255   -7.230  -12.317 1.00 24.32  ? 19  GLN A CG  1 
ATOM   157  C CD  . GLN A 1 20  ? 5.432   -5.953  -12.674 1.00 48.47  ? 19  GLN A CD  1 
ATOM   158  O OE1 . GLN A 1 20  ? 4.303   -5.754  -12.192 1.00 50.07  ? 19  GLN A OE1 1 
ATOM   159  N NE2 . GLN A 1 20  ? 6.008   -5.091  -13.523 1.00 42.95  ? 19  GLN A NE2 1 
ATOM   160  N N   . LEU A 1 21  ? 4.040   -7.853  -8.437  1.00 15.14  ? 20  LEU A N   1 
ATOM   161  C CA  . LEU A 1 21  ? 3.464   -8.591  -7.302  1.00 17.14  ? 20  LEU A CA  1 
ATOM   162  C C   . LEU A 1 21  ? 3.816   -10.046 -7.506  1.00 14.53  ? 20  LEU A C   1 
ATOM   163  O O   . LEU A 1 21  ? 3.742   -10.529 -8.638  1.00 15.41  ? 20  LEU A O   1 
ATOM   164  C CB  . LEU A 1 21  ? 1.927   -8.420  -7.231  1.00 15.14  ? 20  LEU A CB  1 
ATOM   165  C CG  . LEU A 1 21  ? 1.393   -7.020  -6.975  1.00 16.47  ? 20  LEU A CG  1 
ATOM   166  C CD1 . LEU A 1 21  ? -0.162  -6.941  -7.018  1.00 17.18  ? 20  LEU A CD1 1 
ATOM   167  C CD2 . LEU A 1 21  ? 1.939   -6.572  -5.638  1.00 13.88  ? 20  LEU A CD2 1 
ATOM   168  N N   . PRO A 1 22  ? 4.212   -10.761 -6.446  1.00 19.93  ? 21  PRO A N   1 
ATOM   169  C CA  . PRO A 1 22  ? 4.544   -12.170 -6.671  1.00 16.67  ? 21  PRO A CA  1 
ATOM   170  C C   . PRO A 1 22  ? 3.324   -13.038 -6.917  1.00 16.27  ? 21  PRO A C   1 
ATOM   171  O O   . PRO A 1 22  ? 3.482   -14.135 -7.448  1.00 17.62  ? 21  PRO A O   1 
ATOM   172  C CB  . PRO A 1 22  ? 5.241   -12.587 -5.340  1.00 14.50  ? 21  PRO A CB  1 
ATOM   173  C CG  . PRO A 1 22  ? 5.691   -11.309 -4.746  1.00 15.40  ? 21  PRO A CG  1 
ATOM   174  C CD  . PRO A 1 22  ? 4.641   -10.312 -5.112  1.00 18.30  ? 21  PRO A CD  1 
ATOM   175  N N   . TRP A 1 23  ? 2.147   -12.576 -6.512  1.00 15.60  ? 22  TRP A N   1 
ATOM   176  C CA  . TRP A 1 23  ? 0.915   -13.358 -6.632  1.00 14.18  ? 22  TRP A CA  1 
ATOM   177  C C   . TRP A 1 23  ? -0.017  -12.843 -7.707  1.00 17.53  ? 22  TRP A C   1 
ATOM   178  O O   . TRP A 1 23  ? -0.056  -11.652 -8.010  1.00 15.21  ? 22  TRP A O   1 
ATOM   179  C CB  . TRP A 1 23  ? 0.116   -13.355 -5.326  1.00 10.92  ? 22  TRP A CB  1 
ATOM   180  C CG  . TRP A 1 23  ? 0.147   -11.989 -4.673  1.00 10.92  ? 22  TRP A CG  1 
ATOM   181  C CD1 . TRP A 1 23  ? -0.673  -10.909 -4.931  1.00 8.68   ? 22  TRP A CD1 1 
ATOM   182  C CD2 . TRP A 1 23  ? 1.099   -11.551 -3.686  1.00 12.71  ? 22  TRP A CD2 1 
ATOM   183  N NE1 . TRP A 1 23  ? -0.282  -9.811  -4.125  1.00 8.64   ? 22  TRP A NE1 1 
ATOM   184  C CE2 . TRP A 1 23  ? 0.807   -10.196 -3.373  1.00 9.54   ? 22  TRP A CE2 1 
ATOM   185  C CE3 . TRP A 1 23  ? 2.192   -12.172 -3.057  1.00 11.58  ? 22  TRP A CE3 1 
ATOM   186  C CZ2 . TRP A 1 23  ? 1.549   -9.475  -2.435  1.00 10.76  ? 22  TRP A CZ2 1 
ATOM   187  C CZ3 . TRP A 1 23  ? 2.915   -11.461 -2.126  1.00 8.17   ? 22  TRP A CZ3 1 
ATOM   188  C CH2 . TRP A 1 23  ? 2.608   -10.117 -1.844  1.00 12.21  ? 22  TRP A CH2 1 
ATOM   189  N N   . HIS A 1 24  ? -0.841  -13.752 -8.204  1.00 21.75  ? 23  HIS A N   1 
ATOM   190  C CA  . HIS A 1 24  ? -1.961  -13.387 -9.066  1.00 21.80  ? 23  HIS A CA  1 
ATOM   191  C C   . HIS A 1 24  ? -3.255  -13.445 -8.243  1.00 22.94  ? 23  HIS A C   1 
ATOM   192  O O   . HIS A 1 24  ? -3.735  -14.523 -7.901  1.00 19.75  ? 23  HIS A O   1 
ATOM   193  C CB  . HIS A 1 24  ? -2.014  -14.321 -10.280 1.00 25.08  ? 23  HIS A CB  1 
ATOM   194  C CG  . HIS A 1 24  ? -3.245  -14.139 -11.111 1.00 38.74  ? 23  HIS A CG  1 
ATOM   195  N ND1 . HIS A 1 24  ? -3.386  -13.109 -12.018 1.00 41.12  ? 23  HIS A ND1 1 
ATOM   196  C CD2 . HIS A 1 24  ? -4.413  -14.830 -11.141 1.00 44.88  ? 23  HIS A CD2 1 
ATOM   197  C CE1 . HIS A 1 24  ? -4.576  -13.186 -12.587 1.00 44.80  ? 23  HIS A CE1 1 
ATOM   198  N NE2 . HIS A 1 24  ? -5.221  -14.219 -12.070 1.00 46.11  ? 23  HIS A NE2 1 
ATOM   199  N N   . LEU A 1 25  ? -3.823  -12.304 -7.883  1.00 16.50  ? 24  LEU A N   1 
ATOM   200  C CA  . LEU A 1 25  ? -5.003  -12.355 -7.013  1.00 16.52  ? 24  LEU A CA  1 
ATOM   201  C C   . LEU A 1 25  ? -5.978  -11.247 -7.362  1.00 15.43  ? 24  LEU A C   1 
ATOM   202  O O   . LEU A 1 25  ? -5.917  -10.167 -6.771  1.00 15.30  ? 24  LEU A O   1 
ATOM   203  C CB  . LEU A 1 25  ? -4.577  -12.274 -5.524  1.00 15.59  ? 24  LEU A CB  1 
ATOM   204  C CG  . LEU A 1 25  ? -5.644  -12.561 -4.472  1.00 19.22  ? 24  LEU A CG  1 
ATOM   205  C CD1 . LEU A 1 25  ? -6.296  -13.936 -4.707  1.00 16.62  ? 24  LEU A CD1 1 
ATOM   206  C CD2 . LEU A 1 25  ? -5.099  -12.449 -3.013  1.00 11.36  ? 24  LEU A CD2 1 
ATOM   207  N N   . PRO A 1 26  ? -6.896  -11.504 -8.342  1.00 20.91  ? 25  PRO A N   1 
ATOM   208  C CA  . PRO A 1 26  ? -7.803  -10.446 -8.820  1.00 18.49  ? 25  PRO A CA  1 
ATOM   209  C C   . PRO A 1 26  ? -8.652  -9.788  -7.736  1.00 19.05  ? 25  PRO A C   1 
ATOM   210  O O   . PRO A 1 26  ? -8.857  -8.579  -7.804  1.00 16.99  ? 25  PRO A O   1 
ATOM   211  C CB  . PRO A 1 26  ? -8.693  -11.178 -9.835  1.00 18.50  ? 25  PRO A CB  1 
ATOM   212  C CG  . PRO A 1 26  ? -7.706  -12.209 -10.478 1.00 15.25  ? 25  PRO A CG  1 
ATOM   213  C CD  . PRO A 1 26  ? -6.939  -12.704 -9.212  1.00 18.18  ? 25  PRO A CD  1 
ATOM   214  N N   A ASN A 1 27  ? -9.138  -10.535 -6.757  0.62 17.32  ? 26  ASN A N   1 
ATOM   215  N N   B ASN A 1 27  ? -9.095  -10.568 -6.745  0.38 17.25  ? 26  ASN A N   1 
ATOM   216  C CA  A ASN A 1 27  ? -9.987  -9.905  -5.754  0.62 15.98  ? 26  ASN A CA  1 
ATOM   217  C CA  B ASN A 1 27  ? -9.904  -10.068 -5.622  0.38 16.64  ? 26  ASN A CA  1 
ATOM   218  C C   A ASN A 1 27  ? -9.238  -8.821  -4.941  0.62 14.33  ? 26  ASN A C   1 
ATOM   219  C C   B ASN A 1 27  ? -9.238  -8.887  -4.909  0.38 14.86  ? 26  ASN A C   1 
ATOM   220  O O   A ASN A 1 27  ? -9.861  -7.904  -4.427  0.62 15.58  ? 26  ASN A O   1 
ATOM   221  O O   B ASN A 1 27  ? -9.910  -7.970  -4.447  0.38 15.47  ? 26  ASN A O   1 
ATOM   222  C CB  A ASN A 1 27  ? -10.580 -10.951 -4.795  0.62 18.14  ? 26  ASN A CB  1 
ATOM   223  C CB  B ASN A 1 27  ? -10.175 -11.201 -4.599  0.38 19.73  ? 26  ASN A CB  1 
ATOM   224  C CG  A ASN A 1 27  ? -11.698 -11.788 -5.420  0.62 15.41  ? 26  ASN A CG  1 
ATOM   225  C CG  B ASN A 1 27  ? -11.300 -10.861 -3.601  0.38 21.82  ? 26  ASN A CG  1 
ATOM   226  O OD1 A ASN A 1 27  ? -12.168 -11.521 -6.538  0.62 15.55  ? 26  ASN A OD1 1 
ATOM   227  O OD1 B ASN A 1 27  ? -12.195 -10.071 -3.917  0.38 27.74  ? 26  ASN A OD1 1 
ATOM   228  N ND2 A ASN A 1 27  ? -12.131 -12.819 -4.685  0.62 13.10  ? 26  ASN A ND2 1 
ATOM   229  N ND2 B ASN A 1 27  ? -11.265 -11.476 -2.401  0.38 8.63   ? 26  ASN A ND2 1 
ATOM   230  N N   . ASP A 1 28  ? -7.916  -8.913  -4.818  1.00 12.72  ? 27  ASP A N   1 
ATOM   231  C CA  . ASP A 1 28  ? -7.218  -7.901  -4.041  1.00 12.20  ? 27  ASP A CA  1 
ATOM   232  C C   . ASP A 1 28  ? -7.029  -6.623  -4.862  1.00 14.70  ? 27  ASP A C   1 
ATOM   233  O O   . ASP A 1 28  ? -7.070  -5.527  -4.299  1.00 14.28  ? 27  ASP A O   1 
ATOM   234  C CB  . ASP A 1 28  ? -5.863  -8.411  -3.496  1.00 10.34  ? 27  ASP A CB  1 
ATOM   235  C CG  . ASP A 1 28  ? -5.287  -7.469  -2.432  1.00 15.79  ? 27  ASP A CG  1 
ATOM   236  O OD1 . ASP A 1 28  ? -6.069  -7.080  -1.550  1.00 12.63  ? 27  ASP A OD1 1 
ATOM   237  O OD2 . ASP A 1 28  ? -4.096  -7.067  -2.507  1.00 16.29  ? 27  ASP A OD2 1 
ATOM   238  N N   . LEU A 1 29  ? -6.862  -6.749  -6.185  1.00 15.14  ? 28  LEU A N   1 
ATOM   239  C CA  . LEU A 1 29  ? -6.840  -5.553  -7.029  1.00 20.45  ? 28  LEU A CA  1 
ATOM   240  C C   . LEU A 1 29  ? -8.215  -4.889  -6.960  1.00 19.13  ? 28  LEU A C   1 
ATOM   241  O O   . LEU A 1 29  ? -8.303  -3.667  -6.956  1.00 18.08  ? 28  LEU A O   1 
ATOM   242  C CB  . LEU A 1 29  ? -6.441  -5.878  -8.485  1.00 22.93  ? 28  LEU A CB  1 
ATOM   243  C CG  . LEU A 1 29  ? -5.074  -6.599  -8.585  1.00 30.88  ? 28  LEU A CG  1 
ATOM   244  C CD1 . LEU A 1 29  ? -4.670  -6.930  -10.018 1.00 33.32  ? 28  LEU A CD1 1 
ATOM   245  C CD2 . LEU A 1 29  ? -3.906  -5.855  -7.832  1.00 23.90  ? 28  LEU A CD2 1 
ATOM   246  N N   . LYS A 1 30  ? -9.289  -5.679  -6.887  1.00 18.90  ? 29  LYS A N   1 
ATOM   247  C CA  . LYS A 1 30  ? -10.624 -5.092  -6.683  1.00 18.20  ? 29  LYS A CA  1 
ATOM   248  C C   . LYS A 1 30  ? -10.733 -4.337  -5.345  1.00 20.54  ? 29  LYS A C   1 
ATOM   249  O O   . LYS A 1 30  ? -11.310 -3.255  -5.266  1.00 23.04  ? 29  LYS A O   1 
ATOM   250  C CB  . LYS A 1 30  ? -11.711 -6.172  -6.760  1.00 26.96  ? 29  LYS A CB  1 
ATOM   251  C CG  . LYS A 1 30  ? -12.009 -6.603  -8.207  1.00 38.58  ? 29  LYS A CG  1 
ATOM   252  C CD  . LYS A 1 30  ? -13.181 -7.557  -8.288  1.00 47.33  ? 29  LYS A CD  1 
ATOM   253  C CE  . LYS A 1 30  ? -12.732 -9.021  -8.229  1.00 57.36  ? 29  LYS A CE  1 
ATOM   254  N NZ  . LYS A 1 30  ? -12.091 -9.547  -9.486  1.00 59.91  ? 29  LYS A NZ  1 
ATOM   255  N N   . HIS A 1 31  ? -10.195 -4.935  -4.290  1.00 16.45  ? 30  HIS A N   1 
ATOM   256  C CA  . HIS A 1 31  ? -10.100 -4.300  -2.976  1.00 18.94  ? 30  HIS A CA  1 
ATOM   257  C C   . HIS A 1 31  ? -9.368  -2.924  -3.049  1.00 13.47  ? 30  HIS A C   1 
ATOM   258  O O   . HIS A 1 31  ? -9.875  -1.877  -2.567  1.00 12.83  ? 30  HIS A O   1 
ATOM   259  C CB  . HIS A 1 31  ? -9.379  -5.285  -2.020  1.00 14.84  ? 30  HIS A CB  1 
ATOM   260  C CG  . HIS A 1 31  ? -9.322  -4.815  -0.602  1.00 16.94  ? 30  HIS A CG  1 
ATOM   261  N ND1 . HIS A 1 31  ? -10.438 -4.751  0.206   1.00 23.78  ? 30  HIS A ND1 1 
ATOM   262  C CD2 . HIS A 1 31  ? -8.290  -4.368  0.147   1.00 20.00  ? 30  HIS A CD2 1 
ATOM   263  C CE1 . HIS A 1 31  ? -10.100 -4.271  1.386   1.00 19.30  ? 30  HIS A CE1 1 
ATOM   264  N NE2 . HIS A 1 31  ? -8.797  -4.053  1.385   1.00 24.21  ? 30  HIS A NE2 1 
ATOM   265  N N   . VAL A 1 32  ? -8.177  -2.920  -3.643  1.00 14.89  ? 31  VAL A N   1 
ATOM   266  C CA  . VAL A 1 32  ? -7.409  -1.691  -3.825  1.00 15.09  ? 31  VAL A CA  1 
ATOM   267  C C   . VAL A 1 32  ? -8.256  -0.633  -4.547  1.00 18.92  ? 31  VAL A C   1 
ATOM   268  O O   . VAL A 1 32  ? -8.342  0.521   -4.101  1.00 16.74  ? 31  VAL A O   1 
ATOM   269  C CB  . VAL A 1 32  ? -6.108  -1.952  -4.626  1.00 13.98  ? 31  VAL A CB  1 
ATOM   270  C CG1 . VAL A 1 32  ? -5.540  -0.648  -5.238  1.00 15.72  ? 31  VAL A CG1 1 
ATOM   271  C CG2 . VAL A 1 32  ? -5.067  -2.639  -3.722  1.00 15.35  ? 31  VAL A CG2 1 
ATOM   272  N N   . LYS A 1 33  ? -8.888  -1.046  -5.650  1.00 21.12  ? 32  LYS A N   1 
ATOM   273  C CA  . LYS A 1 33  ? -9.791  -0.186  -6.433  1.00 21.69  ? 32  LYS A CA  1 
ATOM   274  C C   . LYS A 1 33  ? -10.942 0.407   -5.606  1.00 20.60  ? 32  LYS A C   1 
ATOM   275  O O   . LYS A 1 33  ? -11.198 1.625   -5.631  1.00 20.61  ? 32  LYS A O   1 
ATOM   276  C CB  . LYS A 1 33  ? -10.348 -0.978  -7.623  1.00 22.31  ? 32  LYS A CB  1 
ATOM   277  C CG  . LYS A 1 33  ? -11.327 -0.201  -8.515  1.00 29.98  ? 32  LYS A CG  1 
ATOM   278  C CD  . LYS A 1 33  ? -11.900 -1.124  -9.576  1.00 35.96  ? 32  LYS A CD  1 
ATOM   279  C CE  . LYS A 1 33  ? -12.646 -0.373  -10.679 1.00 50.31  ? 32  LYS A CE  1 
ATOM   280  N NZ  . LYS A 1 33  ? -11.736 0.441   -11.552 1.00 58.20  ? 32  LYS A NZ  1 
ATOM   281  N N   . LYS A 1 34  ? -11.613 -0.441  -4.845  1.00 17.87  ? 33  LYS A N   1 
ATOM   282  C CA  . LYS A 1 34  ? -12.683 0.005   -3.967  1.00 19.03  ? 33  LYS A CA  1 
ATOM   283  C C   . LYS A 1 34  ? -12.192 1.006   -2.912  1.00 22.52  ? 33  LYS A C   1 
ATOM   284  O O   . LYS A 1 34  ? -12.825 2.037   -2.673  1.00 22.75  ? 33  LYS A O   1 
ATOM   285  C CB  . LYS A 1 34  ? -13.320 -1.199  -3.261  1.00 30.78  ? 33  LYS A CB  1 
ATOM   286  C CG  . LYS A 1 34  ? -14.661 -1.693  -3.790  1.00 46.59  ? 33  LYS A CG  1 
ATOM   287  C CD  . LYS A 1 34  ? -14.909 -3.180  -3.387  1.00 57.27  ? 33  LYS A CD  1 
ATOM   288  C CE  . LYS A 1 34  ? -16.296 -3.732  -3.812  1.00 57.36  ? 33  LYS A CE  1 
ATOM   289  N NZ  . LYS A 1 34  ? -16.619 -3.657  -5.283  1.00 58.84  ? 33  LYS A NZ  1 
ATOM   290  N N   . LEU A 1 35  ? -11.090 0.699   -2.237  1.00 17.63  ? 34  LEU A N   1 
ATOM   291  C CA  . LEU A 1 35  ? -10.594 1.607   -1.223  1.00 15.55  ? 34  LEU A CA  1 
ATOM   292  C C   . LEU A 1 35  ? -10.096 2.950   -1.771  1.00 15.29  ? 34  LEU A C   1 
ATOM   293  O O   . LEU A 1 35  ? -10.331 3.974   -1.150  1.00 15.08  ? 34  LEU A O   1 
ATOM   294  C CB  . LEU A 1 35  ? -9.453  0.950   -0.422  1.00 13.96  ? 34  LEU A CB  1 
ATOM   295  C CG  . LEU A 1 35  ? -9.858  -0.028  0.683   1.00 17.35  ? 34  LEU A CG  1 
ATOM   296  C CD1 . LEU A 1 35  ? -8.607  -0.687  1.186   1.00 14.63  ? 34  LEU A CD1 1 
ATOM   297  C CD2 . LEU A 1 35  ? -10.588 0.681   1.796   1.00 17.18  ? 34  LEU A CD2 1 
ATOM   298  N N   . SER A 1 36  ? -9.410  2.954   -2.917  1.00 14.83  ? 35  SER A N   1 
ATOM   299  C CA  . SER A 1 36  ? -8.686  4.159   -3.330  1.00 12.41  ? 35  SER A CA  1 
ATOM   300  C C   . SER A 1 36  ? -9.362  4.987   -4.417  1.00 17.48  ? 35  SER A C   1 
ATOM   301  O O   . SER A 1 36  ? -8.975  6.125   -4.621  1.00 18.98  ? 35  SER A O   1 
ATOM   302  C CB  . SER A 1 36  ? -7.273  3.815   -3.815  1.00 11.83  ? 35  SER A CB  1 
ATOM   303  O OG  . SER A 1 36  ? -7.336  2.977   -4.955  1.00 17.28  ? 35  SER A OG  1 
ATOM   304  N N   . THR A 1 37  ? -10.306 4.415   -5.163  1.00 23.31  ? 36  THR A N   1 
ATOM   305  C CA  . THR A 1 37  ? -11.064 5.215   -6.125  1.00 22.80  ? 36  THR A CA  1 
ATOM   306  C C   . THR A 1 37  ? -11.646 6.467   -5.459  1.00 21.45  ? 36  THR A C   1 
ATOM   307  O O   . THR A 1 37  ? -12.212 6.402   -4.354  1.00 18.21  ? 36  THR A O   1 
ATOM   308  C CB  . THR A 1 37  ? -12.204 4.429   -6.778  1.00 26.40  ? 36  THR A CB  1 
ATOM   309  O OG1 . THR A 1 37  ? -11.654 3.316   -7.492  1.00 26.06  ? 36  THR A OG1 1 
ATOM   310  C CG2 . THR A 1 37  ? -12.989 5.350   -7.760  1.00 23.69  ? 36  THR A CG2 1 
ATOM   311  N N   . GLY A 1 38  ? -11.455 7.607   -6.115  1.00 19.98  ? 37  GLY A N   1 
ATOM   312  C CA  . GLY A 1 38  ? -11.949 8.886   -5.615  1.00 15.68  ? 37  GLY A CA  1 
ATOM   313  C C   . GLY A 1 38  ? -11.013 9.522   -4.614  1.00 18.06  ? 37  GLY A C   1 
ATOM   314  O O   . GLY A 1 38  ? -11.345 10.559  -4.062  1.00 17.70  ? 37  GLY A O   1 
ATOM   315  N N   . HIS A 1 39  ? -9.849  8.898   -4.351  1.00 16.09  ? 38  HIS A N   1 
ATOM   316  C CA  . HIS A 1 39  ? -8.925  9.409   -3.329  1.00 13.52  ? 38  HIS A CA  1 
ATOM   317  C C   . HIS A 1 39  ? -7.532  9.609   -3.933  1.00 15.53  ? 38  HIS A C   1 
ATOM   318  O O   . HIS A 1 39  ? -7.434  9.859   -5.121  1.00 17.26  ? 38  HIS A O   1 
ATOM   319  C CB  . HIS A 1 39  ? -8.928  8.467   -2.120  1.00 12.87  ? 38  HIS A CB  1 
ATOM   320  C CG  . HIS A 1 39  ? -10.291 8.327   -1.522  1.00 19.58  ? 38  HIS A CG  1 
ATOM   321  N ND1 . HIS A 1 39  ? -10.962 9.395   -0.959  1.00 22.31  ? 38  HIS A ND1 1 
ATOM   322  C CD2 . HIS A 1 39  ? -11.159 7.285   -1.497  1.00 22.29  ? 38  HIS A CD2 1 
ATOM   323  C CE1 . HIS A 1 39  ? -12.159 9.000   -0.565  1.00 23.42  ? 38  HIS A CE1 1 
ATOM   324  N NE2 . HIS A 1 39  ? -12.307 7.726   -0.886  1.00 21.20  ? 38  HIS A NE2 1 
ATOM   325  N N   . THR A 1 40  ? -6.477  9.496   -3.134  1.00 14.74  ? 39  THR A N   1 
ATOM   326  C CA  . THR A 1 40  ? -5.127  9.775   -3.611  1.00 18.26  ? 39  THR A CA  1 
ATOM   327  C C   . THR A 1 40  ? -4.207  8.604   -3.298  1.00 17.96  ? 39  THR A C   1 
ATOM   328  O O   . THR A 1 40  ? -4.255  8.056   -2.182  1.00 13.74  ? 39  THR A O   1 
ATOM   329  C CB  . THR A 1 40  ? -4.577  11.067  -2.973  1.00 22.00  ? 39  THR A CB  1 
ATOM   330  O OG1 . THR A 1 40  ? -5.392  12.162  -3.373  1.00 20.02  ? 39  THR A OG1 1 
ATOM   331  C CG2 . THR A 1 40  ? -3.121  11.345  -3.391  1.00 18.81  ? 39  THR A CG2 1 
ATOM   332  N N   . LEU A 1 41  ? -3.431  8.177   -4.293  1.00 16.86  ? 40  LEU A N   1 
ATOM   333  C CA  . LEU A 1 41  ? -2.354  7.209   -4.083  1.00 15.00  ? 40  LEU A CA  1 
ATOM   334  C C   . LEU A 1 41  ? -1.029  7.943   -4.217  1.00 19.08  ? 40  LEU A C   1 
ATOM   335  O O   . LEU A 1 41  ? -0.811  8.652   -5.192  1.00 18.48  ? 40  LEU A O   1 
ATOM   336  C CB  . LEU A 1 41  ? -2.365  6.058   -5.103  1.00 16.75  ? 40  LEU A CB  1 
ATOM   337  C CG  . LEU A 1 41  ? -3.586  5.153   -5.289  1.00 20.31  ? 40  LEU A CG  1 
ATOM   338  C CD1 . LEU A 1 41  ? -3.339  4.250   -6.469  1.00 18.50  ? 40  LEU A CD1 1 
ATOM   339  C CD2 . LEU A 1 41  ? -3.805  4.334   -4.049  1.00 17.23  ? 40  LEU A CD2 1 
ATOM   340  N N   . VAL A 1 42  ? -0.174  7.758   -3.230  1.00 16.86  ? 41  VAL A N   1 
ATOM   341  C CA  . VAL A 1 42  ? 1.193   8.235   -3.233  1.00 16.12  ? 41  VAL A CA  1 
ATOM   342  C C   . VAL A 1 42  ? 2.096   7.031   -3.358  1.00 13.59  ? 41  VAL A C   1 
ATOM   343  O O   . VAL A 1 42  ? 1.930   6.047   -2.629  1.00 15.23  ? 41  VAL A O   1 
ATOM   344  C CB  . VAL A 1 42  ? 1.534   8.990   -1.957  1.00 15.15  ? 41  VAL A CB  1 
ATOM   345  C CG1 . VAL A 1 42  ? 3.018   9.350   -1.951  1.00 14.85  ? 41  VAL A CG1 1 
ATOM   346  C CG2 . VAL A 1 42  ? 0.666   10.217  -1.852  1.00 17.73  ? 41  VAL A CG2 1 
ATOM   347  N N   . MET A 1 43  ? 3.041   7.094   -4.288  1.00 17.31  ? 42  MET A N   1 
ATOM   348  C CA  . MET A 1 43  ? 3.948   5.973   -4.494  1.00 19.53  ? 42  MET A CA  1 
ATOM   349  C C   . MET A 1 43  ? 5.342   6.446   -4.917  1.00 20.31  ? 42  MET A C   1 
ATOM   350  O O   . MET A 1 43  ? 5.498   7.527   -5.510  1.00 19.42  ? 42  MET A O   1 
ATOM   351  C CB  . MET A 1 43  ? 3.365   5.023   -5.555  1.00 16.64  ? 42  MET A CB  1 
ATOM   352  C CG  . MET A 1 43  ? 3.413   5.587   -6.967  1.00 15.16  ? 42  MET A CG  1 
ATOM   353  S SD  . MET A 1 43  ? 2.272   4.697   -8.087  1.00 24.03  ? 42  MET A SD  1 
ATOM   354  C CE  . MET A 1 43  ? 0.671   5.432   -7.764  1.00 18.31  ? 42  MET A CE  1 
ATOM   355  N N   . GLY A 1 44  ? 6.358   5.636   -4.639  1.00 17.00  ? 43  GLY A N   1 
ATOM   356  C CA  . GLY A 1 44  ? 7.704   5.982   -5.076  1.00 15.53  ? 43  GLY A CA  1 
ATOM   357  C C   . GLY A 1 44  ? 7.879   5.683   -6.550  1.00 17.45  ? 43  GLY A C   1 
ATOM   358  O O   . GLY A 1 44  ? 7.027   5.039   -7.168  1.00 15.26  ? 43  GLY A O   1 
ATOM   359  N N   . ARG A 1 45  ? 8.986   6.131   -7.136  1.00 22.69  ? 44  ARG A N   1 
ATOM   360  C CA  . ARG A 1 45  ? 9.131   6.051   -8.592  1.00 20.90  ? 44  ARG A CA  1 
ATOM   361  C C   . ARG A 1 45  ? 9.146   4.612   -9.154  1.00 21.66  ? 44  ARG A C   1 
ATOM   362  O O   . ARG A 1 45  ? 8.567   4.361   -10.218 1.00 19.56  ? 44  ARG A O   1 
ATOM   363  C CB  . ARG A 1 45  ? 10.400  6.823   -9.022  1.00 23.79  ? 44  ARG A CB  1 
ATOM   364  C CG  . ARG A 1 45  ? 10.597  6.999   -10.521 1.00 26.52  ? 44  ARG A CG  1 
ATOM   365  C CD  . ARG A 1 45  ? 11.557  5.953   -11.019 1.00 34.30  ? 44  ARG A CD  1 
ATOM   366  N NE  . ARG A 1 45  ? 12.808  5.915   -10.271 1.00 37.36  ? 44  ARG A NE  1 
ATOM   367  C CZ  . ARG A 1 45  ? 13.706  4.938   -10.358 1.00 34.63  ? 44  ARG A CZ  1 
ATOM   368  N NH1 . ARG A 1 45  ? 13.499  3.905   -11.162 1.00 39.13  ? 44  ARG A NH1 1 
ATOM   369  N NH2 . ARG A 1 45  ? 14.812  4.991   -9.632  1.00 30.90  ? 44  ARG A NH2 1 
ATOM   370  N N   . LYS A 1 46  ? 9.789   3.666   -8.461  1.00 22.18  ? 45  LYS A N   1 
ATOM   371  C CA  . LYS A 1 46  ? 9.858   2.289   -8.972  1.00 22.73  ? 45  LYS A CA  1 
ATOM   372  C C   . LYS A 1 46  ? 8.497   1.649   -8.980  1.00 20.89  ? 45  LYS A C   1 
ATOM   373  O O   . LYS A 1 46  ? 8.156   0.920   -9.908  1.00 22.86  ? 45  LYS A O   1 
ATOM   374  C CB  . LYS A 1 46  ? 10.808  1.397   -8.140  1.00 23.16  ? 45  LYS A CB  1 
ATOM   375  C CG  . LYS A 1 46  ? 12.261  1.861   -8.119  1.00 30.66  ? 45  LYS A CG  1 
ATOM   376  C CD  . LYS A 1 46  ? 13.133  0.790   -7.462  1.00 34.88  ? 45  LYS A CD  1 
ATOM   377  C CE  . LYS A 1 46  ? 14.630  1.122   -7.544  1.00 39.32  ? 45  LYS A CE  1 
ATOM   378  N NZ  . LYS A 1 46  ? 15.475  -0.022  -6.999  1.00 39.17  ? 45  LYS A NZ  1 
ATOM   379  N N   . THR A 1 47  ? 7.725   1.907   -7.929  1.00 19.18  ? 46  THR A N   1 
ATOM   380  C CA  . THR A 1 47  ? 6.387   1.381   -7.881  1.00 14.43  ? 46  THR A CA  1 
ATOM   381  C C   . THR A 1 47  ? 5.628   1.958   -9.061  1.00 18.30  ? 46  THR A C   1 
ATOM   382  O O   . THR A 1 47  ? 4.889   1.242   -9.738  1.00 17.48  ? 46  THR A O   1 
ATOM   383  C CB  . THR A 1 47  ? 5.647   1.735   -6.577  1.00 15.74  ? 46  THR A CB  1 
ATOM   384  O OG1 . THR A 1 47  ? 6.273   1.080   -5.480  1.00 17.53  ? 46  THR A OG1 1 
ATOM   385  C CG2 . THR A 1 47  ? 4.199   1.270   -6.663  1.00 17.13  ? 46  THR A CG2 1 
ATOM   386  N N   . PHE A 1 48  ? 5.818   3.245   -9.336  1.00 16.80  ? 47  PHE A N   1 
ATOM   387  C CA  . PHE A 1 48  ? 5.060   3.775   -10.438 1.00 19.13  ? 47  PHE A CA  1 
ATOM   388  C C   . PHE A 1 48  ? 5.486   3.117   -11.757 1.00 18.50  ? 47  PHE A C   1 
ATOM   389  O O   . PHE A 1 48  ? 4.646   2.741   -12.586 1.00 21.97  ? 47  PHE A O   1 
ATOM   390  C CB  . PHE A 1 48  ? 5.179   5.278   -10.580 1.00 21.13  ? 47  PHE A CB  1 
ATOM   391  C CG  . PHE A 1 48  ? 4.470   5.778   -11.821 1.00 25.37  ? 47  PHE A CG  1 
ATOM   392  C CD1 . PHE A 1 48  ? 3.084   5.720   -11.898 1.00 23.78  ? 47  PHE A CD1 1 
ATOM   393  C CD2 . PHE A 1 48  ? 5.187   6.193   -12.943 1.00 30.57  ? 47  PHE A CD2 1 
ATOM   394  C CE1 . PHE A 1 48  ? 2.419   6.111   -13.042 1.00 24.07  ? 47  PHE A CE1 1 
ATOM   395  C CE2 . PHE A 1 48  ? 4.533   6.596   -14.094 1.00 30.61  ? 47  PHE A CE2 1 
ATOM   396  C CZ  . PHE A 1 48  ? 3.153   6.560   -14.146 1.00 28.86  ? 47  PHE A CZ  1 
ATOM   397  N N   . GLU A 1 49  ? 6.774   2.934   -11.951 1.00 21.04  ? 48  GLU A N   1 
ATOM   398  C CA  A GLU A 1 49  ? 7.251   2.363   -13.211 0.50 23.65  ? 48  GLU A CA  1 
ATOM   399  C CA  B GLU A 1 49  ? 7.229   2.363   -13.218 0.50 23.12  ? 48  GLU A CA  1 
ATOM   400  C C   . GLU A 1 49  ? 6.787   0.924   -13.344 1.00 25.26  ? 48  GLU A C   1 
ATOM   401  O O   . GLU A 1 49  ? 6.594   0.431   -14.429 1.00 28.82  ? 48  GLU A O   1 
ATOM   402  C CB  A GLU A 1 49  ? 8.775   2.473   -13.305 0.50 26.22  ? 48  GLU A CB  1 
ATOM   403  C CB  B GLU A 1 49  ? 8.740   2.498   -13.351 0.50 25.85  ? 48  GLU A CB  1 
ATOM   404  C CG  A GLU A 1 49  ? 9.258   3.913   -13.439 0.50 29.04  ? 48  GLU A CG  1 
ATOM   405  C CG  B GLU A 1 49  ? 9.097   3.792   -14.026 0.50 29.43  ? 48  GLU A CG  1 
ATOM   406  C CD  A GLU A 1 49  ? 8.735   4.593   -14.702 0.50 33.35  ? 48  GLU A CD  1 
ATOM   407  C CD  B GLU A 1 49  ? 10.412  4.357   -13.570 0.50 32.95  ? 48  GLU A CD  1 
ATOM   408  O OE1 A GLU A 1 49  ? 8.420   3.874   -15.670 0.50 37.86  ? 48  GLU A OE1 1 
ATOM   409  O OE1 B GLU A 1 49  ? 11.178  3.642   -12.872 0.50 30.97  ? 48  GLU A OE1 1 
ATOM   410  O OE2 A GLU A 1 49  ? 8.627   5.841   -14.731 0.50 32.40  ? 48  GLU A OE2 1 
ATOM   411  O OE2 B GLU A 1 49  ? 10.706  5.513   -13.950 0.50 38.43  ? 48  GLU A OE2 1 
ATOM   412  N N   . SER A 1 50  ? 6.559   0.273   -12.210 1.00 27.29  ? 49  SER A N   1 
ATOM   413  C CA  . SER A 1 50  ? 6.051   -1.076  -12.218 1.00 31.51  ? 49  SER A CA  1 
ATOM   414  C C   . SER A 1 50  ? 4.653   -1.143  -12.793 1.00 36.64  ? 49  SER A C   1 
ATOM   415  O O   . SER A 1 50  ? 4.341   -2.035  -13.574 1.00 37.54  ? 49  SER A O   1 
ATOM   416  C CB  . SER A 1 50  ? 6.051   -1.652  -10.811 1.00 36.58  ? 49  SER A CB  1 
ATOM   417  O OG  . SER A 1 50  ? 5.168   -2.750  -10.752 1.00 44.33  ? 49  SER A OG  1 
ATOM   418  N N   . ILE A 1 51  ? 3.788   -0.219  -12.408 1.00 34.58  ? 50  ILE A N   1 
ATOM   419  C CA  . ILE A 1 51  ? 2.440   -0.261  -12.964 1.00 32.60  ? 50  ILE A CA  1 
ATOM   420  C C   . ILE A 1 51  ? 2.430   0.373   -14.367 1.00 33.13  ? 50  ILE A C   1 
ATOM   421  O O   . ILE A 1 51  ? 1.628   -0.010  -15.211 1.00 40.41  ? 50  ILE A O   1 
ATOM   422  C CB  . ILE A 1 51  ? 1.398   0.421   -12.032 1.00 29.08  ? 50  ILE A CB  1 
ATOM   423  C CG1 . ILE A 1 51  ? 1.626   1.917   -11.894 1.00 34.11  ? 50  ILE A CG1 1 
ATOM   424  C CG2 . ILE A 1 51  ? 1.447   -0.171  -10.651 1.00 28.11  ? 50  ILE A CG2 1 
ATOM   425  C CD1 . ILE A 1 51  ? 0.862   2.532   -10.701 1.00 39.26  ? 50  ILE A CD1 1 
ATOM   426  N N   . GLY A 1 52  ? 3.321   1.328   -14.607 1.00 28.03  ? 51  GLY A N   1 
ATOM   427  C CA  . GLY A 1 52  ? 3.549   1.884   -15.943 1.00 27.06  ? 51  GLY A CA  1 
ATOM   428  C C   . GLY A 1 52  ? 2.632   3.023   -16.389 1.00 32.32  ? 51  GLY A C   1 
ATOM   429  O O   . GLY A 1 52  ? 2.990   3.795   -17.282 1.00 32.55  ? 51  GLY A O   1 
ATOM   430  N N   . LYS A 1 53  ? 1.458   3.129   -15.763 1.00 33.14  ? 52  LYS A N   1 
ATOM   431  C CA  . LYS A 1 53  ? 0.434   4.113   -16.134 1.00 32.99  ? 52  LYS A CA  1 
ATOM   432  C C   . LYS A 1 53  ? -0.353  4.495   -14.880 1.00 28.61  ? 52  LYS A C   1 
ATOM   433  O O   . LYS A 1 53  ? -0.492  3.681   -13.976 1.00 29.51  ? 52  LYS A O   1 
ATOM   434  C CB  . LYS A 1 53  ? -0.487  3.535   -17.220 1.00 36.27  ? 52  LYS A CB  1 
ATOM   435  C CG  . LYS A 1 53  ? -0.388  4.273   -18.546 1.00 47.02  ? 52  LYS A CG  1 
ATOM   436  C CD  . LYS A 1 53  ? -0.311  3.338   -19.743 1.00 54.16  ? 52  LYS A CD  1 
ATOM   437  C CE  . LYS A 1 53  ? 0.192   4.071   -20.993 1.00 57.91  ? 52  LYS A CE  1 
ATOM   438  N NZ  . LYS A 1 53  ? 1.588   4.600   -20.858 1.00 59.13  ? 52  LYS A NZ  1 
ATOM   439  N N   . PRO A 1 54  ? -0.844  5.737   -14.793 1.00 29.74  ? 53  PRO A N   1 
ATOM   440  C CA  . PRO A 1 54  ? -1.628  6.042   -13.575 1.00 24.71  ? 53  PRO A CA  1 
ATOM   441  C C   . PRO A 1 54  ? -2.875  5.158   -13.446 1.00 21.88  ? 53  PRO A C   1 
ATOM   442  O O   . PRO A 1 54  ? -3.420  4.762   -14.466 1.00 25.27  ? 53  PRO A O   1 
ATOM   443  C CB  . PRO A 1 54  ? -2.028  7.511   -13.745 1.00 25.05  ? 53  PRO A CB  1 
ATOM   444  C CG  . PRO A 1 54  ? -1.583  7.932   -15.152 1.00 25.97  ? 53  PRO A CG  1 
ATOM   445  C CD  . PRO A 1 54  ? -0.990  6.745   -15.859 1.00 27.98  ? 53  PRO A CD  1 
ATOM   446  N N   . LEU A 1 55  ? -3.276  4.827   -12.220 1.00 21.52  ? 54  LEU A N   1 
ATOM   447  C CA  . LEU A 1 55  ? -4.481  4.029   -11.972 1.00 24.35  ? 54  LEU A CA  1 
ATOM   448  C C   . LEU A 1 55  ? -5.671  4.954   -12.128 1.00 26.77  ? 54  LEU A C   1 
ATOM   449  O O   . LEU A 1 55  ? -5.653  6.089   -11.643 1.00 25.20  ? 54  LEU A O   1 
ATOM   450  C CB  . LEU A 1 55  ? -4.455  3.383   -10.584 1.00 22.49  ? 54  LEU A CB  1 
ATOM   451  C CG  . LEU A 1 55  ? -3.334  2.340   -10.441 1.00 27.16  ? 54  LEU A CG  1 
ATOM   452  C CD1 . LEU A 1 55  ? -3.375  1.676   -9.104  1.00 30.15  ? 54  LEU A CD1 1 
ATOM   453  C CD2 . LEU A 1 55  ? -3.459  1.305   -11.532 1.00 28.64  ? 54  LEU A CD2 1 
ATOM   454  N N   . PRO A 1 56  ? -6.693  4.496   -12.843 1.00 30.36  ? 55  PRO A N   1 
ATOM   455  C CA  . PRO A 1 56  ? -7.745  5.447   -13.232 1.00 28.56  ? 55  PRO A CA  1 
ATOM   456  C C   . PRO A 1 56  ? -8.664  5.823   -12.080 1.00 24.08  ? 55  PRO A C   1 
ATOM   457  O O   . PRO A 1 56  ? -8.780  5.067   -11.109 1.00 22.01  ? 55  PRO A O   1 
ATOM   458  C CB  . PRO A 1 56  ? -8.514  4.699   -14.322 1.00 29.57  ? 55  PRO A CB  1 
ATOM   459  C CG  . PRO A 1 56  ? -8.214  3.278   -14.106 1.00 31.76  ? 55  PRO A CG  1 
ATOM   460  C CD  . PRO A 1 56  ? -6.858  3.176   -13.474 1.00 32.50  ? 55  PRO A CD  1 
ATOM   461  N N   . ASN A 1 57  ? -9.295  6.994   -12.191 1.00 23.44  ? 56  ASN A N   1 
ATOM   462  C CA  . ASN A 1 57  ? -10.348 7.434   -11.256 1.00 25.65  ? 56  ASN A CA  1 
ATOM   463  C C   . ASN A 1 57  ? -9.884  7.722   -9.829  1.00 29.57  ? 56  ASN A C   1 
ATOM   464  O O   . ASN A 1 57  ? -10.639 7.531   -8.861  1.00 26.04  ? 56  ASN A O   1 
ATOM   465  C CB  . ASN A 1 57  ? -11.480 6.405   -11.217 1.00 24.65  ? 56  ASN A CB  1 
ATOM   466  C CG  . ASN A 1 57  ? -12.039 6.125   -12.598 1.00 27.82  ? 56  ASN A CG  1 
ATOM   467  O OD1 . ASN A 1 57  ? -12.096 7.014   -13.447 1.00 34.25  ? 56  ASN A OD1 1 
ATOM   468  N ND2 . ASN A 1 57  ? -12.396 4.890   -12.845 1.00 26.39  ? 56  ASN A ND2 1 
ATOM   469  N N   . ARG A 1 58  ? -8.660  8.228   -9.719  1.00 27.68  ? 57  ARG A N   1 
ATOM   470  C CA  . ARG A 1 58  ? -8.093  8.659   -8.445  1.00 21.34  ? 57  ARG A CA  1 
ATOM   471  C C   . ARG A 1 58  ? -6.842  9.477   -8.748  1.00 23.33  ? 57  ARG A C   1 
ATOM   472  O O   . ARG A 1 58  ? -6.279  9.327   -9.833  1.00 18.73  ? 57  ARG A O   1 
ATOM   473  C CB  . ARG A 1 58  ? -7.770  7.447   -7.554  1.00 19.73  ? 57  ARG A CB  1 
ATOM   474  C CG  . ARG A 1 58  ? -6.586  6.578   -7.954  1.00 17.98  ? 57  ARG A CG  1 
ATOM   475  C CD  . ARG A 1 58  ? -6.877  5.162   -7.488  1.00 21.72  ? 57  ARG A CD  1 
ATOM   476  N NE  . ARG A 1 58  ? -7.603  4.445   -8.527  1.00 21.53  ? 57  ARG A NE  1 
ATOM   477  C CZ  . ARG A 1 58  ? -7.618  3.116   -8.659  1.00 24.08  ? 57  ARG A CZ  1 
ATOM   478  N NH1 . ARG A 1 58  ? -6.984  2.350   -7.788  1.00 21.05  ? 57  ARG A NH1 1 
ATOM   479  N NH2 . ARG A 1 58  ? -8.276  2.543   -9.672  1.00 24.55  ? 57  ARG A NH2 1 
ATOM   480  N N   . ARG A 1 59  ? -6.418  10.340  -7.822  1.00 20.68  ? 58  ARG A N   1 
ATOM   481  C CA  . ARG A 1 59  ? -5.166  11.084  -7.989  1.00 17.13  ? 58  ARG A CA  1 
ATOM   482  C C   . ARG A 1 59  ? -3.965  10.193  -7.798  1.00 22.46  ? 58  ARG A C   1 
ATOM   483  O O   . ARG A 1 59  ? -3.831  9.508   -6.774  1.00 19.63  ? 58  ARG A O   1 
ATOM   484  C CB  . ARG A 1 59  ? -5.099  12.240  -6.996  1.00 18.60  ? 58  ARG A CB  1 
ATOM   485  C CG  . ARG A 1 59  ? -4.088  13.278  -7.306  1.00 23.20  ? 58  ARG A CG  1 
ATOM   486  C CD  . ARG A 1 59  ? -3.916  14.250  -6.124  1.00 26.89  ? 58  ARG A CD  1 
ATOM   487  N NE  . ARG A 1 59  ? -2.936  15.299  -6.419  1.00 26.14  ? 58  ARG A NE  1 
ATOM   488  C CZ  . ARG A 1 59  ? -2.766  16.387  -5.680  1.00 27.33  ? 58  ARG A CZ  1 
ATOM   489  N NH1 . ARG A 1 59  ? -3.524  16.578  -4.611  1.00 25.79  ? 58  ARG A NH1 1 
ATOM   490  N NH2 . ARG A 1 59  ? -1.877  17.306  -6.031  1.00 29.36  ? 58  ARG A NH2 1 
ATOM   491  N N   . ASN A 1 60  ? -3.079  10.200  -8.784  1.00 18.93  ? 59  ASN A N   1 
ATOM   492  C CA  . ASN A 1 60  ? -1.807  9.495   -8.692  1.00 17.60  ? 59  ASN A CA  1 
ATOM   493  C C   . ASN A 1 60  ? -0.688  10.480  -8.380  1.00 19.55  ? 59  ASN A C   1 
ATOM   494  O O   . ASN A 1 60  ? -0.407  11.392  -9.178  1.00 19.42  ? 59  ASN A O   1 
ATOM   495  C CB  . ASN A 1 60  ? -1.507  8.761   -10.005 1.00 15.67  ? 59  ASN A CB  1 
ATOM   496  C CG  . ASN A 1 60  ? -2.476  7.613   -10.263 1.00 20.91  ? 59  ASN A CG  1 
ATOM   497  O OD1 . ASN A 1 60  ? -2.088  6.446   -10.195 1.00 21.41  ? 59  ASN A OD1 1 
ATOM   498  N ND2 . ASN A 1 60  ? -3.742  7.938   -10.526 1.00 16.65  ? 59  ASN A ND2 1 
ATOM   499  N N   . VAL A 1 61  ? -0.066  10.314  -7.220  1.00 15.50  ? 60  VAL A N   1 
ATOM   500  C CA  . VAL A 1 61  ? 1.077   11.142  -6.848  1.00 15.91  ? 60  VAL A CA  1 
ATOM   501  C C   . VAL A 1 61  ? 2.346   10.310  -6.767  1.00 18.40  ? 60  VAL A C   1 
ATOM   502  O O   . VAL A 1 61  ? 2.373   9.244   -6.119  1.00 17.20  ? 60  VAL A O   1 
ATOM   503  C CB  . VAL A 1 61  ? 0.810   11.844  -5.530  1.00 21.27  ? 60  VAL A CB  1 
ATOM   504  C CG1 . VAL A 1 61  ? 2.009   12.659  -5.084  1.00 20.27  ? 60  VAL A CG1 1 
ATOM   505  C CG2 . VAL A 1 61  ? -0.469  12.701  -5.668  1.00 20.91  ? 60  VAL A CG2 1 
ATOM   506  N N   . VAL A 1 62  ? 3.392   10.782  -7.441  1.00 15.35  ? 61  VAL A N   1 
ATOM   507  C CA  . VAL A 1 62  ? 4.644   10.031  -7.498  1.00 19.14  ? 61  VAL A CA  1 
ATOM   508  C C   . VAL A 1 62  ? 5.778   10.828  -6.854  1.00 22.58  ? 61  VAL A C   1 
ATOM   509  O O   . VAL A 1 62  ? 6.000   11.990  -7.170  1.00 23.44  ? 61  VAL A O   1 
ATOM   510  C CB  . VAL A 1 62  ? 5.037   9.637   -8.953  1.00 21.53  ? 61  VAL A CB  1 
ATOM   511  C CG1 . VAL A 1 62  ? 6.494   9.170   -9.007  1.00 22.18  ? 61  VAL A CG1 1 
ATOM   512  C CG2 . VAL A 1 62  ? 4.139   8.516   -9.459  1.00 17.15  ? 61  VAL A CG2 1 
ATOM   513  N N   . LEU A 1 63  ? 6.467   10.177  -5.925  1.00 27.43  ? 62  LEU A N   1 
ATOM   514  C CA  . LEU A 1 63  ? 7.577   10.771  -5.204  1.00 23.49  ? 62  LEU A CA  1 
ATOM   515  C C   . LEU A 1 63  ? 8.862   10.373  -5.899  1.00 16.98  ? 62  LEU A C   1 
ATOM   516  O O   . LEU A 1 63  ? 9.106   9.203   -6.114  1.00 19.48  ? 62  LEU A O   1 
ATOM   517  C CB  . LEU A 1 63  ? 7.581   10.306  -3.742  1.00 25.80  ? 62  LEU A CB  1 
ATOM   518  C CG  . LEU A 1 63  ? 8.754   10.688  -2.848  1.00 24.38  ? 62  LEU A CG  1 
ATOM   519  C CD1 . LEU A 1 63  ? 8.871   12.210  -2.670  1.00 19.78  ? 62  LEU A CD1 1 
ATOM   520  C CD2 . LEU A 1 63  ? 8.574   10.014  -1.511  1.00 20.38  ? 62  LEU A CD2 1 
ATOM   521  N N   . THR A 1 64  ? 9.649   11.367  -6.299  1.00 22.40  ? 63  THR A N   1 
ATOM   522  C CA  . THR A 1 64  ? 10.906  11.111  -7.004  1.00 26.97  ? 63  THR A CA  1 
ATOM   523  C C   . THR A 1 64  ? 11.841  12.307  -6.802  1.00 28.10  ? 63  THR A C   1 
ATOM   524  O O   . THR A 1 64  ? 11.388  13.435  -6.538  1.00 25.93  ? 63  THR A O   1 
ATOM   525  C CB  . THR A 1 64  ? 10.692  10.846  -8.542  1.00 29.50  ? 63  THR A CB  1 
ATOM   526  O OG1 . THR A 1 64  ? 11.955  10.832  -9.204  1.00 27.53  ? 63  THR A OG1 1 
ATOM   527  C CG2 . THR A 1 64  ? 9.864   11.941  -9.210  1.00 25.97  ? 63  THR A CG2 1 
ATOM   528  N N   . SER A 1 65  ? 13.145  12.083  -6.911  1.00 31.97  ? 64  SER A N   1 
ATOM   529  C CA  . SER A 1 65  ? 14.053  13.237  -6.875  1.00 37.84  ? 64  SER A CA  1 
ATOM   530  C C   . SER A 1 65  ? 14.239  13.857  -8.276  1.00 37.80  ? 64  SER A C   1 
ATOM   531  O O   . SER A 1 65  ? 14.799  14.947  -8.412  1.00 37.40  ? 64  SER A O   1 
ATOM   532  C CB  . SER A 1 65  ? 15.407  12.840  -6.290  1.00 33.19  ? 64  SER A CB  1 
ATOM   533  O OG  . SER A 1 65  ? 16.030  11.855  -7.087  1.00 31.61  ? 64  SER A OG  1 
ATOM   534  N N   . ASP A 1 66  ? 13.756  13.151  -9.298  1.00 36.83  ? 65  ASP A N   1 
ATOM   535  C CA  . ASP A 1 66  ? 13.929  13.558  -10.705 1.00 37.64  ? 65  ASP A CA  1 
ATOM   536  C C   . ASP A 1 66  ? 13.049  14.750  -11.113 1.00 34.42  ? 65  ASP A C   1 
ATOM   537  O O   . ASP A 1 66  ? 11.853  14.590  -11.372 1.00 29.39  ? 65  ASP A O   1 
ATOM   538  C CB  . ASP A 1 66  ? 13.641  12.351  -11.606 1.00 40.80  ? 65  ASP A CB  1 
ATOM   539  C CG  . ASP A 1 66  ? 13.962  12.609  -13.076 1.00 42.91  ? 65  ASP A CG  1 
ATOM   540  O OD1 . ASP A 1 66  ? 14.525  13.675  -13.379 1.00 47.01  ? 65  ASP A OD1 1 
ATOM   541  O OD2 . ASP A 1 66  ? 13.649  11.729  -13.914 1.00 40.10  ? 65  ASP A OD2 1 
ATOM   542  N N   . THR A 1 67  ? 13.639  15.950  -11.185 1.00 40.07  ? 66  THR A N   1 
ATOM   543  C CA  . THR A 1 67  ? 12.890  17.126  -11.652 1.00 41.17  ? 66  THR A CA  1 
ATOM   544  C C   . THR A 1 67  ? 12.529  17.049  -13.159 1.00 35.53  ? 66  THR A C   1 
ATOM   545  O O   . THR A 1 67  ? 11.804  17.909  -13.652 1.00 36.81  ? 66  THR A O   1 
ATOM   546  C CB  . THR A 1 67  ? 13.656  18.460  -11.388 1.00 57.44  ? 66  THR A CB  1 
ATOM   547  O OG1 . THR A 1 67  ? 15.066  18.268  -11.585 1.00 58.34  ? 66  THR A OG1 1 
ATOM   548  C CG2 . THR A 1 67  ? 13.384  18.996  -9.968  1.00 54.27  ? 66  THR A CG2 1 
ATOM   549  N N   . SER A 1 68  ? 13.018  16.021  -13.865 1.00 37.74  ? 67  SER A N   1 
ATOM   550  C CA  . SER A 1 68  ? 12.575  15.699  -15.240 1.00 34.98  ? 67  SER A CA  1 
ATOM   551  C C   . SER A 1 68  ? 11.259  14.915  -15.337 1.00 31.25  ? 67  SER A C   1 
ATOM   552  O O   . SER A 1 68  ? 10.729  14.724  -16.425 1.00 29.86  ? 67  SER A O   1 
ATOM   553  C CB  . SER A 1 68  ? 13.632  14.872  -15.969 1.00 29.53  ? 67  SER A CB  1 
ATOM   554  O OG  . SER A 1 68  ? 14.495  15.691  -16.713 1.00 36.68  ? 67  SER A OG  1 
ATOM   555  N N   . PHE A 1 69  ? 10.769  14.405  -14.211 1.00 31.21  ? 68  PHE A N   1 
ATOM   556  C CA  . PHE A 1 69  ? 9.604   13.534  -14.220 1.00 26.32  ? 68  PHE A CA  1 
ATOM   557  C C   . PHE A 1 69  ? 8.376   14.372  -14.505 1.00 27.69  ? 68  PHE A C   1 
ATOM   558  O O   . PHE A 1 69  ? 8.110   15.373  -13.819 1.00 29.33  ? 68  PHE A O   1 
ATOM   559  C CB  . PHE A 1 69  ? 9.493   12.789  -12.872 1.00 31.14  ? 68  PHE A CB  1 
ATOM   560  C CG  . PHE A 1 69  ? 8.603   11.568  -12.903 1.00 32.42  ? 68  PHE A CG  1 
ATOM   561  C CD1 . PHE A 1 69  ? 9.133   10.318  -13.176 1.00 32.75  ? 68  PHE A CD1 1 
ATOM   562  C CD2 . PHE A 1 69  ? 7.238   11.673  -12.663 1.00 37.79  ? 68  PHE A CD2 1 
ATOM   563  C CE1 . PHE A 1 69  ? 8.324   9.188   -13.210 1.00 32.75  ? 68  PHE A CE1 1 
ATOM   564  C CE2 . PHE A 1 69  ? 6.420   10.544  -12.686 1.00 32.79  ? 68  PHE A CE2 1 
ATOM   565  C CZ  . PHE A 1 69  ? 6.972   9.304   -12.959 1.00 29.95  ? 68  PHE A CZ  1 
ATOM   566  N N   . ASN A 1 70  ? 7.629   13.983  -15.533 1.00 29.86  ? 69  ASN A N   1 
ATOM   567  C CA  . ASN A 1 70  ? 6.389   14.672  -15.873 1.00 38.52  ? 69  ASN A CA  1 
ATOM   568  C C   . ASN A 1 70  ? 5.527   13.762  -16.722 1.00 42.67  ? 69  ASN A C   1 
ATOM   569  O O   . ASN A 1 70  ? 5.600   13.816  -17.959 1.00 48.86  ? 69  ASN A O   1 
ATOM   570  C CB  . ASN A 1 70  ? 6.669   15.986  -16.631 1.00 42.86  ? 69  ASN A CB  1 
ATOM   571  C CG  . ASN A 1 70  ? 5.437   16.881  -16.747 1.00 45.80  ? 69  ASN A CG  1 
ATOM   572  O OD1 . ASN A 1 70  ? 4.305   16.436  -16.580 1.00 47.03  ? 69  ASN A OD1 1 
ATOM   573  N ND2 . ASN A 1 70  ? 5.663   18.158  -17.035 1.00 50.21  ? 69  ASN A ND2 1 
ATOM   574  N N   . VAL A 1 71  ? 4.694   12.956  -16.071 1.00 34.48  ? 70  VAL A N   1 
ATOM   575  C CA  . VAL A 1 71  ? 3.864   11.996  -16.783 1.00 28.48  ? 70  VAL A CA  1 
ATOM   576  C C   . VAL A 1 71  ? 2.415   12.475  -16.810 1.00 33.53  ? 70  VAL A C   1 
ATOM   577  O O   . VAL A 1 71  ? 1.903   13.006  -15.814 1.00 30.30  ? 70  VAL A O   1 
ATOM   578  C CB  . VAL A 1 71  ? 4.004   10.605  -16.150 1.00 32.75  ? 70  VAL A CB  1 
ATOM   579  C CG1 . VAL A 1 71  ? 3.158   9.541   -16.885 1.00 35.23  ? 70  VAL A CG1 1 
ATOM   580  C CG2 . VAL A 1 71  ? 5.482   10.203  -16.140 1.00 33.11  ? 70  VAL A CG2 1 
ATOM   581  N N   . GLU A 1 72  ? 1.758   12.349  -17.964 1.00 34.81  ? 71  GLU A N   1 
ATOM   582  C CA  . GLU A 1 72  ? 0.370   12.786  -18.045 1.00 35.51  ? 71  GLU A CA  1 
ATOM   583  C C   . GLU A 1 72  ? -0.492  11.949  -17.100 1.00 28.37  ? 71  GLU A C   1 
ATOM   584  O O   . GLU A 1 72  ? -0.423  10.722  -17.099 1.00 28.12  ? 71  GLU A O   1 
ATOM   585  C CB  . GLU A 1 72  ? -0.164  12.702  -19.463 1.00 47.10  ? 71  GLU A CB  1 
ATOM   586  C CG  . GLU A 1 72  ? -0.332  14.070  -20.138 1.00 63.68  ? 71  GLU A CG  1 
ATOM   587  C CD  . GLU A 1 72  ? -1.308  15.010  -19.407 1.00 74.41  ? 71  GLU A CD  1 
ATOM   588  O OE1 . GLU A 1 72  ? -2.505  14.656  -19.242 1.00 76.71  ? 71  GLU A OE1 1 
ATOM   589  O OE2 . GLU A 1 72  ? -0.868  16.115  -19.008 1.00 77.98  ? 71  GLU A OE2 1 
ATOM   590  N N   . GLY A 1 73  ? -1.282  12.621  -16.277 1.00 27.08  ? 72  GLY A N   1 
ATOM   591  C CA  . GLY A 1 73  ? -2.180  11.924  -15.371 1.00 24.32  ? 72  GLY A CA  1 
ATOM   592  C C   . GLY A 1 73  ? -1.567  11.710  -14.020 1.00 26.60  ? 72  GLY A C   1 
ATOM   593  O O   . GLY A 1 73  ? -2.203  11.129  -13.154 1.00 25.26  ? 72  GLY A O   1 
ATOM   594  N N   . VAL A 1 74  ? -0.329  12.178  -13.841 1.00 23.84  ? 73  VAL A N   1 
ATOM   595  C CA  . VAL A 1 74  ? 0.411   11.967  -12.603 1.00 24.78  ? 73  VAL A CA  1 
ATOM   596  C C   . VAL A 1 74  ? 0.838   13.311  -12.025 1.00 26.76  ? 73  VAL A C   1 
ATOM   597  O O   . VAL A 1 74  ? 1.287   14.168  -12.752 1.00 24.41  ? 73  VAL A O   1 
ATOM   598  C CB  . VAL A 1 74  ? 1.640   11.049  -12.868 1.00 24.95  ? 73  VAL A CB  1 
ATOM   599  C CG1 . VAL A 1 74  ? 2.541   10.936  -11.674 1.00 20.79  ? 73  VAL A CG1 1 
ATOM   600  C CG2 . VAL A 1 74  ? 1.174   9.663   -13.299 1.00 25.17  ? 73  VAL A CG2 1 
ATOM   601  N N   . ASP A 1 75  ? 0.628   13.527  -10.733 1.00 25.30  ? 74  ASP A N   1 
ATOM   602  C CA  . ASP A 1 75  ? 1.225   14.673  -10.033 1.00 27.23  ? 74  ASP A CA  1 
ATOM   603  C C   . ASP A 1 75  ? 2.542   14.278  -9.367  1.00 27.73  ? 74  ASP A C   1 
ATOM   604  O O   . ASP A 1 75  ? 2.653   13.186  -8.787  1.00 26.67  ? 74  ASP A O   1 
ATOM   605  C CB  . ASP A 1 75  ? 0.280   15.222  -8.957  1.00 26.58  ? 74  ASP A CB  1 
ATOM   606  C CG  . ASP A 1 75  ? -1.012  15.789  -9.536  1.00 31.76  ? 74  ASP A CG  1 
ATOM   607  O OD1 . ASP A 1 75  ? -1.098  16.019  -10.769 1.00 31.45  ? 74  ASP A OD1 1 
ATOM   608  O OD2 . ASP A 1 75  ? -1.944  16.000  -8.746  1.00 35.06  ? 74  ASP A OD2 1 
ATOM   609  N N   . VAL A 1 76  ? 3.528   15.163  -9.415  1.00 22.63  ? 75  VAL A N   1 
ATOM   610  C CA  . VAL A 1 76  ? 4.835   14.850  -8.841  1.00 26.62  ? 75  VAL A CA  1 
ATOM   611  C C   . VAL A 1 76  ? 5.092   15.597  -7.553  1.00 28.47  ? 75  VAL A C   1 
ATOM   612  O O   . VAL A 1 76  ? 4.749   16.778  -7.427  1.00 31.21  ? 75  VAL A O   1 
ATOM   613  C CB  . VAL A 1 76  ? 5.981   15.164  -9.824  1.00 34.36  ? 75  VAL A CB  1 
ATOM   614  C CG1 . VAL A 1 76  ? 7.312   14.696  -9.258  1.00 31.18  ? 75  VAL A CG1 1 
ATOM   615  C CG2 . VAL A 1 76  ? 5.734   14.473  -11.150 1.00 40.45  ? 75  VAL A CG2 1 
ATOM   616  N N   . ILE A 1 77  ? 5.685   14.900  -6.592  1.00 25.82  ? 76  ILE A N   1 
ATOM   617  C CA  . ILE A 1 77  ? 6.248   15.546  -5.398  1.00 28.07  ? 76  ILE A CA  1 
ATOM   618  C C   . ILE A 1 77  ? 7.718   15.136  -5.249  1.00 29.65  ? 76  ILE A C   1 
ATOM   619  O O   . ILE A 1 77  ? 8.137   14.131  -5.814  1.00 26.89  ? 76  ILE A O   1 
ATOM   620  C CB  . ILE A 1 77  ? 5.462   15.203  -4.118  1.00 24.20  ? 76  ILE A CB  1 
ATOM   621  C CG1 . ILE A 1 77  ? 5.445   13.680  -3.896  1.00 24.14  ? 76  ILE A CG1 1 
ATOM   622  C CG2 . ILE A 1 77  ? 4.074   15.808  -4.204  1.00 25.73  ? 76  ILE A CG2 1 
ATOM   623  C CD1 . ILE A 1 77  ? 4.828   13.225  -2.545  1.00 21.43  ? 76  ILE A CD1 1 
ATOM   624  N N   . HIS A 1 78  ? 8.495   15.932  -4.509  1.00 29.59  ? 77  HIS A N   1 
ATOM   625  C CA  . HIS A 1 78  ? 9.940   15.729  -4.437  1.00 32.26  ? 77  HIS A CA  1 
ATOM   626  C C   . HIS A 1 78  ? 10.493  15.457  -3.038  1.00 35.47  ? 77  HIS A C   1 
ATOM   627  O O   . HIS A 1 78  ? 11.681  15.127  -2.889  1.00 33.10  ? 77  HIS A O   1 
ATOM   628  C CB  . HIS A 1 78  ? 10.636  16.937  -5.066  1.00 33.70  ? 77  HIS A CB  1 
ATOM   629  C CG  . HIS A 1 78  ? 10.411  17.016  -6.539  1.00 34.45  ? 77  HIS A CG  1 
ATOM   630  N ND1 . HIS A 1 78  ? 10.708  15.965  -7.386  1.00 34.75  ? 77  HIS A ND1 1 
ATOM   631  C CD2 . HIS A 1 78  ? 9.853   17.976  -7.312  1.00 32.05  ? 77  HIS A CD2 1 
ATOM   632  C CE1 . HIS A 1 78  ? 10.364  16.286  -8.619  1.00 30.85  ? 77  HIS A CE1 1 
ATOM   633  N NE2 . HIS A 1 78  ? 9.845   17.502  -8.601  1.00 33.56  ? 77  HIS A NE2 1 
ATOM   634  N N   . SER A 1 79  ? 9.632   15.562  -2.029  1.00 36.37  ? 78  SER A N   1 
ATOM   635  C CA  . SER A 1 79  ? 9.998   15.163  -0.671  1.00 33.45  ? 78  SER A CA  1 
ATOM   636  C C   . SER A 1 79  ? 8.834   14.531  0.080   1.00 28.77  ? 78  SER A C   1 
ATOM   637  O O   . SER A 1 79  ? 7.670   14.637  -0.335  1.00 28.62  ? 78  SER A O   1 
ATOM   638  C CB  . SER A 1 79  ? 10.500  16.360  0.127   1.00 38.79  ? 78  SER A CB  1 
ATOM   639  O OG  . SER A 1 79  ? 9.422   17.215  0.479   1.00 42.00  ? 78  SER A OG  1 
ATOM   640  N N   . ILE A 1 80  ? 9.150   13.908  1.212   1.00 25.21  ? 79  ILE A N   1 
ATOM   641  C CA  . ILE A 1 80  ? 8.117   13.345  2.078   1.00 24.50  ? 79  ILE A CA  1 
ATOM   642  C C   . ILE A 1 80  ? 7.214   14.416  2.627   1.00 24.92  ? 79  ILE A C   1 
ATOM   643  O O   . ILE A 1 80  ? 6.013   14.223  2.746   1.00 28.80  ? 79  ILE A O   1 
ATOM   644  C CB  . ILE A 1 80  ? 8.720   12.575  3.253   1.00 33.22  ? 79  ILE A CB  1 
ATOM   645  C CG1 . ILE A 1 80  ? 9.453   11.342  2.753   1.00 34.03  ? 79  ILE A CG1 1 
ATOM   646  C CG2 . ILE A 1 80  ? 7.626   12.150  4.209   1.00 33.71  ? 79  ILE A CG2 1 
ATOM   647  C CD1 . ILE A 1 80  ? 8.544   10.203  2.417   1.00 29.02  ? 79  ILE A CD1 1 
ATOM   648  N N   . GLU A 1 81  ? 7.786   15.573  2.935   1.00 28.16  ? 80  GLU A N   1 
ATOM   649  C CA  . GLU A 1 81  ? 7.015   16.655  3.540   1.00 31.06  ? 80  GLU A CA  1 
ATOM   650  C C   . GLU A 1 81  ? 5.789   17.014  2.718   1.00 31.29  ? 80  GLU A C   1 
ATOM   651  O O   . GLU A 1 81  ? 4.734   17.366  3.262   1.00 32.80  ? 80  GLU A O   1 
ATOM   652  C CB  . GLU A 1 81  ? 7.894   17.892  3.741   1.00 37.08  ? 80  GLU A CB  1 
ATOM   653  C CG  . GLU A 1 81  ? 8.880   17.756  4.885   1.00 46.98  ? 80  GLU A CG  1 
ATOM   654  C CD  . GLU A 1 81  ? 9.953   16.697  4.632   1.00 54.45  ? 80  GLU A CD  1 
ATOM   655  O OE1 . GLU A 1 81  ? 10.396  16.558  3.457   1.00 55.08  ? 80  GLU A OE1 1 
ATOM   656  O OE2 . GLU A 1 81  ? 10.336  16.000  5.609   1.00 55.41  ? 80  GLU A OE2 1 
ATOM   657  N N   . ASP A 1 82  ? 5.919   16.895  1.405   1.00 27.78  ? 81  ASP A N   1 
ATOM   658  C CA  . ASP A 1 82  ? 4.834   17.262  0.503   1.00 28.27  ? 81  ASP A CA  1 
ATOM   659  C C   . ASP A 1 82  ? 3.583   16.401  0.700   1.00 29.10  ? 81  ASP A C   1 
ATOM   660  O O   . ASP A 1 82  ? 2.454   16.842  0.436   1.00 30.98  ? 81  ASP A O   1 
ATOM   661  C CB  . ASP A 1 82  ? 5.330   17.175  -0.945  1.00 28.60  ? 81  ASP A CB  1 
ATOM   662  C CG  . ASP A 1 82  ? 6.332   18.284  -1.276  1.00 37.79  ? 81  ASP A CG  1 
ATOM   663  O OD1 . ASP A 1 82  ? 6.123   19.421  -0.803  1.00 40.87  ? 81  ASP A OD1 1 
ATOM   664  O OD2 . ASP A 1 82  ? 7.329   18.017  -1.980  1.00 38.82  ? 81  ASP A OD2 1 
ATOM   665  N N   . ILE A 1 83  ? 3.779   15.172  1.163   1.00 23.73  ? 82  ILE A N   1 
ATOM   666  C CA  . ILE A 1 83  ? 2.644   14.272  1.396   1.00 21.26  ? 82  ILE A CA  1 
ATOM   667  C C   . ILE A 1 83  ? 1.615   14.892  2.320   1.00 27.01  ? 82  ILE A C   1 
ATOM   668  O O   . ILE A 1 83  ? 0.413   14.811  2.063   1.00 26.03  ? 82  ILE A O   1 
ATOM   669  C CB  . ILE A 1 83  ? 3.117   12.944  1.980   1.00 22.47  ? 82  ILE A CB  1 
ATOM   670  C CG1 . ILE A 1 83  ? 4.063   12.276  0.978   1.00 19.12  ? 82  ILE A CG1 1 
ATOM   671  C CG2 . ILE A 1 83  ? 1.912   12.064  2.394   1.00 16.59  ? 82  ILE A CG2 1 
ATOM   672  C CD1 . ILE A 1 83  ? 4.686   10.991  1.472   1.00 18.89  ? 82  ILE A CD1 1 
ATOM   673  N N   . TYR A 1 84  ? 2.079   15.541  3.382   1.00 33.33  ? 83  TYR A N   1 
ATOM   674  C CA  . TYR A 1 84  ? 1.153   16.093  4.381   1.00 36.42  ? 83  TYR A CA  1 
ATOM   675  C C   . TYR A 1 84  ? 0.330   17.286  3.875   1.00 38.65  ? 83  TYR A C   1 
ATOM   676  O O   . TYR A 1 84  ? -0.619  17.700  4.533   1.00 38.51  ? 83  TYR A O   1 
ATOM   677  C CB  . TYR A 1 84  ? 1.925   16.489  5.645   1.00 33.31  ? 83  TYR A CB  1 
ATOM   678  C CG  . TYR A 1 84  ? 2.797   15.369  6.159   1.00 28.59  ? 83  TYR A CG  1 
ATOM   679  C CD1 . TYR A 1 84  ? 2.236   14.229  6.732   1.00 31.62  ? 83  TYR A CD1 1 
ATOM   680  C CD2 . TYR A 1 84  ? 4.171   15.440  6.051   1.00 29.63  ? 83  TYR A CD2 1 
ATOM   681  C CE1 . TYR A 1 84  ? 3.032   13.196  7.180   1.00 30.38  ? 83  TYR A CE1 1 
ATOM   682  C CE2 . TYR A 1 84  ? 4.976   14.420  6.498   1.00 30.50  ? 83  TYR A CE2 1 
ATOM   683  C CZ  . TYR A 1 84  ? 4.404   13.299  7.064   1.00 33.65  ? 83  TYR A CZ  1 
ATOM   684  O OH  . TYR A 1 84  ? 5.210   12.264  7.512   1.00 34.83  ? 83  TYR A OH  1 
ATOM   685  N N   . GLN A 1 85  ? 0.679   17.819  2.704   1.00 39.19  ? 84  GLN A N   1 
ATOM   686  C CA  . GLN A 1 85  ? -0.081  18.927  2.098   1.00 40.43  ? 84  GLN A CA  1 
ATOM   687  C C   . GLN A 1 85  ? -1.217  18.421  1.221   1.00 40.89  ? 84  GLN A C   1 
ATOM   688  O O   . GLN A 1 85  ? -2.143  19.172  0.884   1.00 38.78  ? 84  GLN A O   1 
ATOM   689  C CB  . GLN A 1 85  ? 0.828   19.831  1.261   1.00 45.44  ? 84  GLN A CB  1 
ATOM   690  C CG  . GLN A 1 85  ? 1.998   20.385  2.038   1.00 51.83  ? 84  GLN A CG  1 
ATOM   691  C CD  . GLN A 1 85  ? 1.572   20.970  3.373   1.00 58.11  ? 84  GLN A CD  1 
ATOM   692  O OE1 . GLN A 1 85  ? 1.965   20.482  4.436   1.00 59.88  ? 84  GLN A OE1 1 
ATOM   693  N NE2 . GLN A 1 85  ? 0.765   22.029  3.326   1.00 61.23  ? 84  GLN A NE2 1 
ATOM   694  N N   . LEU A 1 86  ? -1.146  17.145  0.854   1.00 31.27  ? 85  LEU A N   1 
ATOM   695  C CA  . LEU A 1 86  ? -2.130  16.552  -0.032  1.00 27.95  ? 85  LEU A CA  1 
ATOM   696  C C   . LEU A 1 86  ? -3.475  16.497  0.674   1.00 30.62  ? 85  LEU A C   1 
ATOM   697  O O   . LEU A 1 86  ? -3.571  16.038  1.808   1.00 35.34  ? 85  LEU A O   1 
ATOM   698  C CB  . LEU A 1 86  ? -1.688  15.138  -0.476  1.00 22.33  ? 85  LEU A CB  1 
ATOM   699  C CG  . LEU A 1 86  ? -0.395  15.125  -1.315  1.00 22.04  ? 85  LEU A CG  1 
ATOM   700  C CD1 . LEU A 1 86  ? 0.097   13.683  -1.559  1.00 17.38  ? 85  LEU A CD1 1 
ATOM   701  C CD2 . LEU A 1 86  ? -0.612  15.842  -2.640  1.00 22.26  ? 85  LEU A CD2 1 
ATOM   702  N N   . PRO A 1 87  ? -4.511  17.002  0.009   1.00 29.64  ? 86  PRO A N   1 
ATOM   703  C CA  . PRO A 1 87  ? -5.885  16.979  0.508   1.00 29.33  ? 86  PRO A CA  1 
ATOM   704  C C   . PRO A 1 87  ? -6.502  15.604  0.485   1.00 30.41  ? 86  PRO A C   1 
ATOM   705  O O   . PRO A 1 87  ? -6.206  14.796  -0.402  1.00 34.34  ? 86  PRO A O   1 
ATOM   706  C CB  . PRO A 1 87  ? -6.639  17.864  -0.486  1.00 28.97  ? 86  PRO A CB  1 
ATOM   707  C CG  . PRO A 1 87  ? -5.621  18.577  -1.246  1.00 31.88  ? 86  PRO A CG  1 
ATOM   708  C CD  . PRO A 1 87  ? -4.366  17.830  -1.202  1.00 25.20  ? 86  PRO A CD  1 
ATOM   709  N N   . GLY A 1 88  ? -7.399  15.368  1.423   1.00 26.63  ? 87  GLY A N   1 
ATOM   710  C CA  . GLY A 1 88  ? -8.282  14.224  1.371   1.00 25.73  ? 87  GLY A CA  1 
ATOM   711  C C   . GLY A 1 88  ? -7.698  12.969  1.978   1.00 21.21  ? 87  GLY A C   1 
ATOM   712  O O   . GLY A 1 88  ? -6.793  13.027  2.794   1.00 19.78  ? 87  GLY A O   1 
ATOM   713  N N   . HIS A 1 89  ? -8.257  11.826  1.597   1.00 20.37  ? 88  HIS A N   1 
ATOM   714  C CA  . HIS A 1 89  ? -7.763  10.557  2.095   1.00 19.75  ? 88  HIS A CA  1 
ATOM   715  C C   . HIS A 1 89  ? -6.590  10.142  1.211   1.00 17.84  ? 88  HIS A C   1 
ATOM   716  O O   . HIS A 1 89  ? -6.735  9.907   0.000   1.00 17.92  ? 88  HIS A O   1 
ATOM   717  C CB  . HIS A 1 89  ? -8.869  9.508   2.099   1.00 17.46  ? 88  HIS A CB  1 
ATOM   718  C CG  . HIS A 1 89  ? -8.547  8.299   2.914   1.00 18.05  ? 88  HIS A CG  1 
ATOM   719  N ND1 . HIS A 1 89  ? -9.496  7.352   3.243   1.00 18.10  ? 88  HIS A ND1 1 
ATOM   720  C CD2 . HIS A 1 89  ? -7.381  7.873   3.462   1.00 14.39  ? 88  HIS A CD2 1 
ATOM   721  C CE1 . HIS A 1 89  ? -8.931  6.401   3.967   1.00 18.57  ? 88  HIS A CE1 1 
ATOM   722  N NE2 . HIS A 1 89  ? -7.650  6.693   4.111   1.00 13.10  ? 88  HIS A NE2 1 
ATOM   723  N N   . VAL A 1 90  ? -5.416  10.108  1.815   1.00 17.19  ? 89  VAL A N   1 
ATOM   724  C CA  . VAL A 1 90  ? -4.203  9.766   1.095   1.00 16.99  ? 89  VAL A CA  1 
ATOM   725  C C   . VAL A 1 90  ? -3.721  8.356   1.470   1.00 15.04  ? 89  VAL A C   1 
ATOM   726  O O   . VAL A 1 90  ? -3.501  8.059   2.649   1.00 17.13  ? 89  VAL A O   1 
ATOM   727  C CB  . VAL A 1 90  ? -3.109  10.808  1.385   1.00 16.12  ? 89  VAL A CB  1 
ATOM   728  C CG1 . VAL A 1 90  ? -1.796  10.418  0.703   1.00 18.28  ? 89  VAL A CG1 1 
ATOM   729  C CG2 . VAL A 1 90  ? -3.578  12.221  0.962   1.00 18.11  ? 89  VAL A CG2 1 
ATOM   730  N N   . PHE A 1 91  ? -3.564  7.487   0.470   1.00 15.56  ? 90  PHE A N   1 
ATOM   731  C CA  . PHE A 1 91  ? -3.009  6.149   0.691   1.00 13.65  ? 90  PHE A CA  1 
ATOM   732  C C   . PHE A 1 91  ? -1.546  6.062   0.238   1.00 15.31  ? 90  PHE A C   1 
ATOM   733  O O   . PHE A 1 91  ? -1.238  6.359   -0.918  1.00 15.21  ? 90  PHE A O   1 
ATOM   734  C CB  . PHE A 1 91  ? -3.825  5.096   -0.090  1.00 14.02  ? 90  PHE A CB  1 
ATOM   735  C CG  . PHE A 1 91  ? -5.260  4.983   0.345   1.00 14.44  ? 90  PHE A CG  1 
ATOM   736  C CD1 . PHE A 1 91  ? -6.241  5.840   -0.183  1.00 15.04  ? 90  PHE A CD1 1 
ATOM   737  C CD2 . PHE A 1 91  ? -5.636  4.025   1.299   1.00 12.08  ? 90  PHE A CD2 1 
ATOM   738  C CE1 . PHE A 1 91  ? -7.584  5.721   0.218   1.00 15.72  ? 90  PHE A CE1 1 
ATOM   739  C CE2 . PHE A 1 91  ? -6.975  3.910   1.723   1.00 12.03  ? 90  PHE A CE2 1 
ATOM   740  C CZ  . PHE A 1 91  ? -7.955  4.755   1.164   1.00 17.82  ? 90  PHE A CZ  1 
ATOM   741  N N   . ILE A 1 92  ? -0.664  5.637   1.126   1.00 12.29  ? 91  ILE A N   1 
ATOM   742  C CA  . ILE A 1 92  ? 0.711   5.287   0.769   1.00 14.45  ? 91  ILE A CA  1 
ATOM   743  C C   . ILE A 1 92  ? 0.713   3.883   0.105   1.00 14.81  ? 91  ILE A C   1 
ATOM   744  O O   . ILE A 1 92  ? 0.344   2.887   0.723   1.00 11.94  ? 91  ILE A O   1 
ATOM   745  C CB  . ILE A 1 92  ? 1.612   5.257   1.997   1.00 13.95  ? 91  ILE A CB  1 
ATOM   746  C CG1 . ILE A 1 92  ? 1.512   6.570   2.784   1.00 15.01  ? 91  ILE A CG1 1 
ATOM   747  C CG2 . ILE A 1 92  ? 3.055   4.940   1.578   1.00 17.07  ? 91  ILE A CG2 1 
ATOM   748  C CD1 . ILE A 1 92  ? 1.885   7.844   1.946   1.00 16.17  ? 91  ILE A CD1 1 
ATOM   749  N N   . PHE A 1 93  ? 1.061   3.829   -1.167  1.00 15.67  ? 92  PHE A N   1 
ATOM   750  C CA  . PHE A 1 93  ? 0.801   2.651   -1.997  1.00 16.60  ? 92  PHE A CA  1 
ATOM   751  C C   . PHE A 1 93  ? 2.086   1.851   -2.287  1.00 19.32  ? 92  PHE A C   1 
ATOM   752  O O   . PHE A 1 93  ? 2.050   0.790   -2.907  1.00 21.34  ? 92  PHE A O   1 
ATOM   753  C CB  . PHE A 1 93  ? 0.135   3.125   -3.289  1.00 16.40  ? 92  PHE A CB  1 
ATOM   754  C CG  . PHE A 1 93  ? -0.354  2.020   -4.201  1.00 21.17  ? 92  PHE A CG  1 
ATOM   755  C CD1 . PHE A 1 93  ? -1.290  1.089   -3.760  1.00 28.94  ? 92  PHE A CD1 1 
ATOM   756  C CD2 . PHE A 1 93  ? 0.063   1.974   -5.537  1.00 24.32  ? 92  PHE A CD2 1 
ATOM   757  C CE1 . PHE A 1 93  ? -1.755  0.094   -4.613  1.00 29.34  ? 92  PHE A CE1 1 
ATOM   758  C CE2 . PHE A 1 93  ? -0.404  0.973   -6.398  1.00 28.87  ? 92  PHE A CE2 1 
ATOM   759  C CZ  . PHE A 1 93  ? -1.303  0.040   -5.935  1.00 27.66  ? 92  PHE A CZ  1 
ATOM   760  N N   . GLY A 1 94  ? 3.229   2.332   -1.823  1.00 17.20  ? 93  GLY A N   1 
ATOM   761  C CA  . GLY A 1 94  ? 4.469   1.593   -2.072  1.00 16.77  ? 93  GLY A CA  1 
ATOM   762  C C   . GLY A 1 94  ? 5.601   2.461   -2.565  1.00 16.88  ? 93  GLY A C   1 
ATOM   763  O O   . GLY A 1 94  ? 5.355   3.632   -2.841  1.00 14.55  ? 93  GLY A O   1 
ATOM   764  N N   . GLY A 1 95  ? 6.832   1.923   -2.649  1.00 17.12  ? 94  GLY A N   1 
ATOM   765  C CA  . GLY A 1 95  ? 7.108   0.526   -2.354  1.00 13.16  ? 94  GLY A CA  1 
ATOM   766  C C   . GLY A 1 95  ? 7.803   0.349   -1.009  1.00 17.08  ? 94  GLY A C   1 
ATOM   767  O O   . GLY A 1 95  ? 7.483   1.021   -0.027  1.00 16.17  ? 94  GLY A O   1 
ATOM   768  N N   . GLN A 1 96  ? 8.792   -0.537  -0.965  1.00 16.44  ? 95  GLN A N   1 
ATOM   769  C CA  . GLN A 1 96  ? 9.477   -0.807  0.296   1.00 9.96   ? 95  GLN A CA  1 
ATOM   770  C C   . GLN A 1 96  ? 10.049  0.466   0.929   1.00 14.94  ? 95  GLN A C   1 
ATOM   771  O O   . GLN A 1 96  ? 9.891   0.691   2.132   1.00 13.13  ? 95  GLN A O   1 
ATOM   772  C CB  . GLN A 1 96  ? 10.609  -1.814  0.107   1.00 10.12  ? 95  GLN A CB  1 
ATOM   773  C CG  . GLN A 1 96  ? 11.457  -1.957  1.408   1.00 14.66  ? 95  GLN A CG  1 
ATOM   774  C CD  . GLN A 1 96  ? 12.481  -3.095  1.353   1.00 22.83  ? 95  GLN A CD  1 
ATOM   775  O OE1 . GLN A 1 96  ? 12.332  -4.052  0.604   1.00 14.13  ? 95  GLN A OE1 1 
ATOM   776  N NE2 . GLN A 1 96  ? 13.530  -2.977  2.158   1.00 28.36  ? 95  GLN A NE2 1 
ATOM   777  N N   A THR A 1 97  ? 10.725  1.291   0.129   0.33 14.59  ? 96  THR A N   1 
ATOM   778  N N   B THR A 1 97  ? 10.716  1.290   0.116   0.67 13.83  ? 96  THR A N   1 
ATOM   779  C CA  A THR A 1 97  ? 11.364  2.490   0.672   0.33 16.34  ? 96  THR A CA  1 
ATOM   780  C CA  B THR A 1 97  ? 11.371  2.484   0.643   0.67 17.01  ? 96  THR A CA  1 
ATOM   781  C C   A THR A 1 97  ? 10.333  3.435   1.282   0.33 15.54  ? 96  THR A C   1 
ATOM   782  C C   B THR A 1 97  ? 10.343  3.438   1.268   0.67 15.94  ? 96  THR A C   1 
ATOM   783  O O   A THR A 1 97  ? 10.487  3.881   2.417   0.33 14.08  ? 96  THR A O   1 
ATOM   784  O O   B THR A 1 97  ? 10.499  3.881   2.403   0.67 13.52  ? 96  THR A O   1 
ATOM   785  C CB  A THR A 1 97  ? 12.166  3.254   -0.394  0.33 19.24  ? 96  THR A CB  1 
ATOM   786  C CB  B THR A 1 97  ? 12.167  3.207   -0.455  0.67 19.74  ? 96  THR A CB  1 
ATOM   787  O OG1 A THR A 1 97  ? 11.304  3.598   -1.484  0.33 19.22  ? 96  THR A OG1 1 
ATOM   788  O OG1 B THR A 1 97  ? 13.136  2.306   -0.998  0.67 20.15  ? 96  THR A OG1 1 
ATOM   789  C CG2 A THR A 1 97  ? 13.313  2.408   -0.902  0.33 19.97  ? 96  THR A CG2 1 
ATOM   790  C CG2 B THR A 1 97  ? 12.882  4.415   0.110   0.67 20.72  ? 96  THR A CG2 1 
ATOM   791  N N   . LEU A 1 98  ? 9.277   3.733   0.533   1.00 15.25  ? 97  LEU A N   1 
ATOM   792  C CA  . LEU A 1 98  ? 8.261   4.621   1.047   1.00 13.68  ? 97  LEU A CA  1 
ATOM   793  C C   . LEU A 1 98  ? 7.555   4.024   2.292   1.00 18.57  ? 97  LEU A C   1 
ATOM   794  O O   . LEU A 1 98  ? 7.291   4.761   3.242   1.00 18.47  ? 97  LEU A O   1 
ATOM   795  C CB  . LEU A 1 98  ? 7.236   4.962   -0.027  1.00 19.03  ? 97  LEU A CB  1 
ATOM   796  C CG  . LEU A 1 98  ? 6.341   6.184   0.239   1.00 23.36  ? 97  LEU A CG  1 
ATOM   797  C CD1 . LEU A 1 98  ? 7.088   7.381   0.809   1.00 19.73  ? 97  LEU A CD1 1 
ATOM   798  C CD2 . LEU A 1 98  ? 5.713   6.577   -1.034  1.00 23.72  ? 97  LEU A CD2 1 
ATOM   799  N N   . PHE A 1 99  ? 7.248   2.723   2.298   1.00 12.83  ? 98  PHE A N   1 
ATOM   800  C CA  . PHE A 1 99  ? 6.626   2.133   3.500   1.00 11.50  ? 98  PHE A CA  1 
ATOM   801  C C   . PHE A 1 99  ? 7.544   2.309   4.696   1.00 13.12  ? 98  PHE A C   1 
ATOM   802  O O   . PHE A 1 99  ? 7.069   2.653   5.775   1.00 15.39  ? 98  PHE A O   1 
ATOM   803  C CB  . PHE A 1 99  ? 6.285   0.647   3.332   1.00 12.85  ? 98  PHE A CB  1 
ATOM   804  C CG  . PHE A 1 99  ? 5.182   0.367   2.333   1.00 12.46  ? 98  PHE A CG  1 
ATOM   805  C CD1 . PHE A 1 99  ? 3.998   1.119   2.318   1.00 9.93   ? 98  PHE A CD1 1 
ATOM   806  C CD2 . PHE A 1 99  ? 5.320   -0.671  1.428   1.00 11.39  ? 98  PHE A CD2 1 
ATOM   807  C CE1 . PHE A 1 99  ? 2.995   0.855   1.368   1.00 12.70  ? 98  PHE A CE1 1 
ATOM   808  C CE2 . PHE A 1 99  ? 4.326   -0.953  0.500   1.00 10.59  ? 98  PHE A CE2 1 
ATOM   809  C CZ  . PHE A 1 99  ? 3.161   -0.197  0.471   1.00 10.45  ? 98  PHE A CZ  1 
ATOM   810  N N   . GLU A 1 100 ? 8.850   2.084   4.521   1.00 13.10  ? 99  GLU A N   1 
ATOM   811  C CA  . GLU A 1 100 ? 9.798   2.238   5.631   1.00 12.94  ? 99  GLU A CA  1 
ATOM   812  C C   . GLU A 1 100 ? 9.797   3.676   6.135   1.00 15.02  ? 99  GLU A C   1 
ATOM   813  O O   . GLU A 1 100 ? 9.954   3.935   7.326   1.00 16.59  ? 99  GLU A O   1 
ATOM   814  C CB  . GLU A 1 100 ? 11.212  1.846   5.203   1.00 14.14  ? 99  GLU A CB  1 
ATOM   815  C CG  . GLU A 1 100 ? 11.372  0.313   5.016   1.00 17.82  ? 99  GLU A CG  1 
ATOM   816  C CD  . GLU A 1 100 ? 12.695  -0.076  4.342   1.00 20.67  ? 99  GLU A CD  1 
ATOM   817  O OE1 . GLU A 1 100 ? 13.006  -1.271  4.316   1.00 15.85  ? 99  GLU A OE1 1 
ATOM   818  O OE2 . GLU A 1 100 ? 13.390  0.799   3.798   1.00 23.40  ? 99  GLU A OE2 1 
ATOM   819  N N   . GLU A 1 101 ? 9.655   4.597   5.189   1.00 15.81  ? 100 GLU A N   1 
ATOM   820  C CA  . GLU A 1 101 ? 9.651   6.008   5.487   1.00 19.21  ? 100 GLU A CA  1 
ATOM   821  C C   . GLU A 1 101 ? 8.380   6.421   6.204   1.00 23.05  ? 100 GLU A C   1 
ATOM   822  O O   . GLU A 1 101 ? 8.405   7.354   6.979   1.00 20.68  ? 100 GLU A O   1 
ATOM   823  C CB  . GLU A 1 101 ? 9.838   6.807   4.203   1.00 18.37  ? 100 GLU A CB  1 
ATOM   824  C CG  . GLU A 1 101 ? 11.292  6.730   3.675   1.00 25.43  ? 100 GLU A CG  1 
ATOM   825  C CD  . GLU A 1 101 ? 11.537  7.604   2.467   1.00 28.24  ? 100 GLU A CD  1 
ATOM   826  O OE1 . GLU A 1 101 ? 11.074  7.255   1.363   1.00 26.07  ? 100 GLU A OE1 1 
ATOM   827  O OE2 . GLU A 1 101 ? 12.180  8.657   2.628   1.00 34.52  ? 100 GLU A OE2 1 
ATOM   828  N N   . MET A 1 102 ? 7.272   5.730   5.961   1.00 20.51  ? 101 MET A N   1 
ATOM   829  C CA  . MET A 1 102 ? 5.967   6.247   6.410   1.00 15.73  ? 101 MET A CA  1 
ATOM   830  C C   . MET A 1 102 ? 5.266   5.431   7.496   1.00 16.35  ? 101 MET A C   1 
ATOM   831  O O   . MET A 1 102 ? 4.259   5.874   8.040   1.00 15.72  ? 101 MET A O   1 
ATOM   832  C CB  . MET A 1 102 ? 5.010   6.344   5.230   1.00 15.09  ? 101 MET A CB  1 
ATOM   833  C CG  . MET A 1 102 ? 5.406   7.376   4.165   1.00 17.58  ? 101 MET A CG  1 
ATOM   834  S SD  . MET A 1 102 ? 5.649   9.060   4.796   1.00 24.21  ? 101 MET A SD  1 
ATOM   835  C CE  . MET A 1 102 ? 3.959   9.439   5.220   1.00 16.41  ? 101 MET A CE  1 
ATOM   836  N N   . ILE A 1 103 ? 5.757   4.246   7.796   1.00 12.80  ? 102 ILE A N   1 
ATOM   837  C CA  . ILE A 1 103 ? 4.971   3.356   8.675   1.00 10.86  ? 102 ILE A CA  1 
ATOM   838  C C   . ILE A 1 103 ? 4.813   3.969   10.074  1.00 13.78  ? 102 ILE A C   1 
ATOM   839  O O   . ILE A 1 103 ? 3.760   3.812   10.694  1.00 16.46  ? 102 ILE A O   1 
ATOM   840  C CB  . ILE A 1 103 ? 5.583   1.911   8.767   1.00 19.08  ? 102 ILE A CB  1 
ATOM   841  C CG1 . ILE A 1 103 ? 4.638   0.972   9.552   1.00 21.07  ? 102 ILE A CG1 1 
ATOM   842  C CG2 . ILE A 1 103 ? 7.019   1.897   9.335   1.00 15.90  ? 102 ILE A CG2 1 
ATOM   843  C CD1 . ILE A 1 103 ? 4.956   -0.483  9.388   1.00 15.67  ? 102 ILE A CD1 1 
ATOM   844  N N   . ASP A 1 104 ? 5.811   4.724   10.526  1.00 13.33  ? 103 ASP A N   1 
ATOM   845  C CA  . ASP A 1 104 ? 5.734   5.398   11.845  1.00 15.52  ? 103 ASP A CA  1 
ATOM   846  C C   . ASP A 1 104 ? 4.894   6.677   11.811  1.00 18.17  ? 103 ASP A C   1 
ATOM   847  O O   . ASP A 1 104 ? 4.724   7.317   12.832  1.00 17.40  ? 103 ASP A O   1 
ATOM   848  C CB  . ASP A 1 104 ? 7.137   5.763   12.364  1.00 17.32  ? 103 ASP A CB  1 
ATOM   849  C CG  . ASP A 1 104 ? 7.969   4.544   12.755  1.00 26.02  ? 103 ASP A CG  1 
ATOM   850  O OD1 . ASP A 1 104 ? 7.394   3.477   13.090  1.00 26.88  ? 103 ASP A OD1 1 
ATOM   851  O OD2 . ASP A 1 104 ? 9.207   4.659   12.744  1.00 30.10  ? 103 ASP A OD2 1 
ATOM   852  N N   . LYS A 1 105 ? 4.387   7.059   10.647  1.00 14.96  ? 104 LYS A N   1 
ATOM   853  C CA  . LYS A 1 105 ? 3.691   8.354   10.496  1.00 15.47  ? 104 LYS A CA  1 
ATOM   854  C C   . LYS A 1 105 ? 2.219   8.217   10.124  1.00 18.28  ? 104 LYS A C   1 
ATOM   855  O O   . LYS A 1 105 ? 1.421   9.161   10.280  1.00 15.63  ? 104 LYS A O   1 
ATOM   856  C CB  . LYS A 1 105 ? 4.367   9.208   9.413   1.00 20.81  ? 104 LYS A CB  1 
ATOM   857  C CG  . LYS A 1 105 ? 5.856   9.347   9.508   1.00 26.23  ? 104 LYS A CG  1 
ATOM   858  C CD  . LYS A 1 105 ? 6.238   10.144  10.732  1.00 38.76  ? 104 LYS A CD  1 
ATOM   859  C CE  . LYS A 1 105 ? 7.742   10.402  10.760  1.00 48.11  ? 104 LYS A CE  1 
ATOM   860  N NZ  . LYS A 1 105 ? 8.179   11.250  11.917  1.00 52.40  ? 104 LYS A NZ  1 
ATOM   861  N N   . VAL A 1 106 ? 1.831   7.069   9.573   1.00 17.67  ? 105 VAL A N   1 
ATOM   862  C CA  . VAL A 1 106 ? 0.447   6.973   9.118   1.00 19.31  ? 105 VAL A CA  1 
ATOM   863  C C   . VAL A 1 106 ? -0.525  6.778   10.308  1.00 19.38  ? 105 VAL A C   1 
ATOM   864  O O   . VAL A 1 106 ? -0.131  6.240   11.347  1.00 21.00  ? 105 VAL A O   1 
ATOM   865  C CB  . VAL A 1 106 ? 0.244   5.820   8.079   1.00 14.49  ? 105 VAL A CB  1 
ATOM   866  C CG1 . VAL A 1 106 ? 1.115   6.098   6.821   1.00 20.29  ? 105 VAL A CG1 1 
ATOM   867  C CG2 . VAL A 1 106 ? 0.539   4.481   8.684   1.00 10.98  ? 105 VAL A CG2 1 
ATOM   868  N N   . ASP A 1 107 ? -1.782  7.202   10.112  1.00 18.04  ? 106 ASP A N   1 
ATOM   869  C CA  . ASP A 1 107 ? -2.886  6.913   11.048  1.00 21.49  ? 106 ASP A CA  1 
ATOM   870  C C   . ASP A 1 107 ? -3.263  5.420   11.096  1.00 15.73  ? 106 ASP A C   1 
ATOM   871  O O   . ASP A 1 107 ? -3.508  4.849   12.170  1.00 15.04  ? 106 ASP A O   1 
ATOM   872  C CB  . ASP A 1 107 ? -4.134  7.720   10.658  1.00 24.43  ? 106 ASP A CB  1 
ATOM   873  C CG  . ASP A 1 107 ? -3.838  9.183   10.453  1.00 27.72  ? 106 ASP A CG  1 
ATOM   874  O OD1 . ASP A 1 107 ? -3.194  9.765   11.340  1.00 28.59  ? 106 ASP A OD1 1 
ATOM   875  O OD2 . ASP A 1 107 ? -4.229  9.746   9.411   1.00 28.83  ? 106 ASP A OD2 1 
ATOM   876  N N   . ASP A 1 108 ? -3.321  4.785   9.929   1.00 13.07  ? 107 ASP A N   1 
ATOM   877  C CA  . ASP A 1 108 ? -3.811  3.427   9.873   1.00 9.38   ? 107 ASP A CA  1 
ATOM   878  C C   . ASP A 1 108 ? -3.282  2.726   8.625   1.00 11.47  ? 107 ASP A C   1 
ATOM   879  O O   . ASP A 1 108 ? -2.652  3.352   7.782   1.00 9.50   ? 107 ASP A O   1 
ATOM   880  C CB  . ASP A 1 108 ? -5.365  3.421   9.928   1.00 12.18  ? 107 ASP A CB  1 
ATOM   881  C CG  . ASP A 1 108 ? -6.006  4.154   8.768   1.00 18.69  ? 107 ASP A CG  1 
ATOM   882  O OD1 . ASP A 1 108 ? -5.301  4.858   8.008   1.00 17.92  ? 107 ASP A OD1 1 
ATOM   883  O OD2 . ASP A 1 108 ? -7.232  4.009   8.615   1.00 19.92  ? 107 ASP A OD2 1 
ATOM   884  N N   . MET A 1 109 ? -3.542  1.423   8.533   1.00 9.74   ? 108 MET A N   1 
ATOM   885  C CA  . MET A 1 109 ? -3.058  0.603   7.429   1.00 8.86   ? 108 MET A CA  1 
ATOM   886  C C   . MET A 1 109 ? -4.154  -0.332  6.938   1.00 9.64   ? 108 MET A C   1 
ATOM   887  O O   . MET A 1 109 ? -4.837  -0.981  7.755   1.00 9.78   ? 108 MET A O   1 
ATOM   888  C CB  . MET A 1 109 ? -1.828  -0.225  7.884   1.00 9.10   ? 108 MET A CB  1 
ATOM   889  C CG  . MET A 1 109 ? -0.767  0.582   8.635   1.00 11.66  ? 108 MET A CG  1 
ATOM   890  S SD  . MET A 1 109 ? 0.852   -0.227  8.687   1.00 11.37  ? 108 MET A SD  1 
ATOM   891  C CE  . MET A 1 109 ? 0.625   -1.408  10.014  1.00 8.20   ? 108 MET A CE  1 
ATOM   892  N N   . TYR A 1 110 ? -4.292  -0.440  5.616   1.00 8.08   ? 109 TYR A N   1 
ATOM   893  C CA  . TYR A 1 110 ? -5.133  -1.468  5.022   1.00 7.16   ? 109 TYR A CA  1 
ATOM   894  C C   . TYR A 1 110 ? -4.194  -2.505  4.455   1.00 13.11  ? 109 TYR A C   1 
ATOM   895  O O   . TYR A 1 110 ? -3.534  -2.276  3.422   1.00 8.65   ? 109 TYR A O   1 
ATOM   896  C CB  . TYR A 1 110 ? -6.031  -0.905  3.916   1.00 11.44  ? 109 TYR A CB  1 
ATOM   897  C CG  . TYR A 1 110 ? -7.074  0.058   4.463   1.00 11.20  ? 109 TYR A CG  1 
ATOM   898  C CD1 . TYR A 1 110 ? -6.757  1.385   4.683   1.00 11.59  ? 109 TYR A CD1 1 
ATOM   899  C CD2 . TYR A 1 110 ? -8.350  -0.391  4.805   1.00 11.13  ? 109 TYR A CD2 1 
ATOM   900  C CE1 . TYR A 1 110 ? -7.711  2.284   5.203   1.00 13.23  ? 109 TYR A CE1 1 
ATOM   901  C CE2 . TYR A 1 110 ? -9.321  0.488   5.334   1.00 12.13  ? 109 TYR A CE2 1 
ATOM   902  C CZ  . TYR A 1 110 ? -8.976  1.814   5.518   1.00 12.49  ? 109 TYR A CZ  1 
ATOM   903  O OH  . TYR A 1 110 ? -9.881  2.686   6.022   1.00 15.02  ? 109 TYR A OH  1 
ATOM   904  N N   . ILE A 1 111 ? -4.119  -3.646  5.131   1.00 8.00   ? 110 ILE A N   1 
ATOM   905  C CA  . ILE A 1 111 ? -3.151  -4.671  4.747   1.00 8.95   ? 110 ILE A CA  1 
ATOM   906  C C   . ILE A 1 111 ? -3.876  -5.890  4.245   1.00 10.05  ? 110 ILE A C   1 
ATOM   907  O O   . ILE A 1 111 ? -4.741  -6.408  4.937   1.00 11.81  ? 110 ILE A O   1 
ATOM   908  C CB  . ILE A 1 111 ? -2.285  -5.031  5.945   1.00 9.36   ? 110 ILE A CB  1 
ATOM   909  C CG1 . ILE A 1 111 ? -1.467  -3.799  6.332   1.00 12.16  ? 110 ILE A CG1 1 
ATOM   910  C CG2 . ILE A 1 111 ? -1.405  -6.257  5.674   1.00 6.87   ? 110 ILE A CG2 1 
ATOM   911  C CD1 . ILE A 1 111 ? -0.436  -4.086  7.410   1.00 15.11  ? 110 ILE A CD1 1 
ATOM   912  N N   . THR A 1 112 ? -3.552  -6.362  3.050   1.00 8.90   ? 111 THR A N   1 
ATOM   913  C CA  . THR A 1 112 ? -4.045  -7.680  2.694   1.00 6.66   ? 111 THR A CA  1 
ATOM   914  C C   . THR A 1 112 ? -2.963  -8.675  3.010   1.00 11.96  ? 111 THR A C   1 
ATOM   915  O O   . THR A 1 112 ? -1.886  -8.612  2.419   1.00 10.43  ? 111 THR A O   1 
ATOM   916  C CB  . THR A 1 112 ? -4.420  -7.761  1.213   1.00 10.39  ? 111 THR A CB  1 
ATOM   917  O OG1 . THR A 1 112 ? -5.427  -6.776  0.921   1.00 9.11   ? 111 THR A OG1 1 
ATOM   918  C CG2 . THR A 1 112 ? -4.904  -9.192  0.849   1.00 11.60  ? 111 THR A CG2 1 
ATOM   919  N N   . VAL A 1 113 ? -3.214  -9.580  3.954   1.00 9.38   ? 112 VAL A N   1 
ATOM   920  C CA  . VAL A 1 113 ? -2.222  -10.592 4.240   1.00 6.46   ? 112 VAL A CA  1 
ATOM   921  C C   . VAL A 1 113 ? -2.411  -11.729 3.259   1.00 10.95  ? 112 VAL A C   1 
ATOM   922  O O   . VAL A 1 113 ? -3.459  -12.401 3.258   1.00 11.85  ? 112 VAL A O   1 
ATOM   923  C CB  . VAL A 1 113 ? -2.335  -11.168 5.659   1.00 10.29  ? 112 VAL A CB  1 
ATOM   924  C CG1 . VAL A 1 113 ? -1.319  -12.321 5.870   1.00 10.53  ? 112 VAL A CG1 1 
ATOM   925  C CG2 . VAL A 1 113 ? -2.155  -10.082 6.719   1.00 13.42  ? 112 VAL A CG2 1 
ATOM   926  N N   . ILE A 1 114 ? -1.402  -11.956 2.437   1.00 9.14   ? 113 ILE A N   1 
ATOM   927  C CA  . ILE A 1 114 ? -1.426  -13.084 1.486   1.00 9.69   ? 113 ILE A CA  1 
ATOM   928  C C   . ILE A 1 114 ? -0.899  -14.303 2.228   1.00 14.31  ? 113 ILE A C   1 
ATOM   929  O O   . ILE A 1 114 ? 0.280   -14.334 2.603   1.00 9.80   ? 113 ILE A O   1 
ATOM   930  C CB  . ILE A 1 114 ? -0.551  -12.819 0.249   1.00 12.70  ? 113 ILE A CB  1 
ATOM   931  C CG1 . ILE A 1 114 ? -0.857  -11.444 -0.351  1.00 11.82  ? 113 ILE A CG1 1 
ATOM   932  C CG2 . ILE A 1 114 ? -0.737  -13.923 -0.783  1.00 11.58  ? 113 ILE A CG2 1 
ATOM   933  C CD1 . ILE A 1 114 ? -2.165  -11.371 -1.122  1.00 11.15  ? 113 ILE A CD1 1 
ATOM   934  N N   . GLU A 1 115 ? -1.760  -15.286 2.464   1.00 12.69  ? 114 GLU A N   1 
ATOM   935  C CA  . GLU A 1 115 ? -1.439  -16.364 3.399   1.00 11.65  ? 114 GLU A CA  1 
ATOM   936  C C   . GLU A 1 115 ? -0.622  -17.476 2.719   1.00 15.26  ? 114 GLU A C   1 
ATOM   937  O O   . GLU A 1 115 ? -1.027  -18.642 2.688   1.00 12.44  ? 114 GLU A O   1 
ATOM   938  C CB  . GLU A 1 115 ? -2.748  -16.912 4.007   1.00 8.92   ? 114 GLU A CB  1 
ATOM   939  C CG  . GLU A 1 115 ? -3.644  -15.802 4.540   1.00 16.33  ? 114 GLU A CG  1 
ATOM   940  C CD  . GLU A 1 115 ? -3.410  -15.495 5.988   1.00 26.17  ? 114 GLU A CD  1 
ATOM   941  O OE1 . GLU A 1 115 ? -2.520  -16.118 6.587   1.00 24.89  ? 114 GLU A OE1 1 
ATOM   942  O OE2 . GLU A 1 115 ? -4.117  -14.626 6.534   1.00 25.90  ? 114 GLU A OE2 1 
ATOM   943  N N   . GLY A 1 116 ? 0.536   -17.090 2.179   1.00 14.25  ? 115 GLY A N   1 
ATOM   944  C CA  . GLY A 1 116 ? 1.495   -18.013 1.601   1.00 11.79  ? 115 GLY A CA  1 
ATOM   945  C C   . GLY A 1 116 ? 2.932   -17.459 1.718   1.00 8.88   ? 115 GLY A C   1 
ATOM   946  O O   . GLY A 1 116 ? 3.152   -16.373 2.267   1.00 9.68   ? 115 GLY A O   1 
ATOM   947  N N   . LYS A 1 117 ? 3.896   -18.224 1.233   1.00 10.61  ? 116 LYS A N   1 
ATOM   948  C CA  . LYS A 1 117 ? 5.292   -17.836 1.276   1.00 9.24   ? 116 LYS A CA  1 
ATOM   949  C C   . LYS A 1 117 ? 5.774   -17.776 -0.169  1.00 14.31  ? 116 LYS A C   1 
ATOM   950  O O   . LYS A 1 117 ? 5.892   -18.823 -0.817  1.00 11.76  ? 116 LYS A O   1 
ATOM   951  C CB  . LYS A 1 117 ? 6.129   -18.833 2.100   1.00 11.62  ? 116 LYS A CB  1 
ATOM   952  C CG  . LYS A 1 117 ? 5.650   -18.912 3.552   1.00 17.90  ? 116 LYS A CG  1 
ATOM   953  C CD  . LYS A 1 117 ? 6.609   -19.671 4.486   1.00 27.07  ? 116 LYS A CD  1 
ATOM   954  C CE  . LYS A 1 117 ? 7.000   -21.013 3.969   1.00 36.09  ? 116 LYS A CE  1 
ATOM   955  N NZ  . LYS A 1 117 ? 7.854   -21.743 4.978   1.00 40.33  ? 116 LYS A NZ  1 
ATOM   956  N N   . PHE A 1 118 ? 6.033   -16.560 -0.654  1.00 10.56  ? 117 PHE A N   1 
ATOM   957  C CA  . PHE A 1 118 ? 6.508   -16.324 -2.024  1.00 10.34  ? 117 PHE A CA  1 
ATOM   958  C C   . PHE A 1 118 ? 7.986   -15.954 -2.000  1.00 11.62  ? 117 PHE A C   1 
ATOM   959  O O   . PHE A 1 118 ? 8.465   -15.454 -0.987  1.00 14.09  ? 117 PHE A O   1 
ATOM   960  C CB  . PHE A 1 118 ? 5.676   -15.176 -2.675  1.00 11.08  ? 117 PHE A CB  1 
ATOM   961  C CG  . PHE A 1 118 ? 4.240   -15.555 -2.923  1.00 14.13  ? 117 PHE A CG  1 
ATOM   962  C CD1 . PHE A 1 118 ? 3.353   -15.647 -1.866  1.00 11.02  ? 117 PHE A CD1 1 
ATOM   963  C CD2 . PHE A 1 118 ? 3.791   -15.869 -4.213  1.00 13.43  ? 117 PHE A CD2 1 
ATOM   964  C CE1 . PHE A 1 118 ? 2.004   -16.044 -2.069  1.00 12.83  ? 117 PHE A CE1 1 
ATOM   965  C CE2 . PHE A 1 118 ? 2.439   -16.248 -4.415  1.00 11.25  ? 117 PHE A CE2 1 
ATOM   966  C CZ  . PHE A 1 118 ? 1.578   -16.322 -3.355  1.00 9.94   ? 117 PHE A CZ  1 
ATOM   967  N N   . ARG A 1 119 ? 8.687   -16.173 -3.102  1.00 12.55  ? 118 ARG A N   1 
ATOM   968  C CA  . ARG A 1 119 ? 10.023  -15.619 -3.278  1.00 10.91  ? 118 ARG A CA  1 
ATOM   969  C C   . ARG A 1 119 ? 9.868   -14.097 -3.490  1.00 11.14  ? 118 ARG A C   1 
ATOM   970  O O   . ARG A 1 119 ? 9.046   -13.661 -4.327  1.00 15.13  ? 118 ARG A O   1 
ATOM   971  C CB  . ARG A 1 119 ? 10.750  -16.263 -4.487  1.00 14.27  ? 118 ARG A CB  1 
ATOM   972  C CG  . ARG A 1 119 ? 12.070  -15.562 -4.836  1.00 23.97  ? 118 ARG A CG  1 
ATOM   973  C CD  . ARG A 1 119 ? 12.873  -16.236 -5.984  1.00 35.26  ? 118 ARG A CD  1 
ATOM   974  N NE  . ARG A 1 119 ? 13.250  -17.591 -5.622  1.00 38.71  ? 118 ARG A NE  1 
ATOM   975  C CZ  . ARG A 1 119 ? 12.582  -18.677 -5.991  1.00 46.68  ? 118 ARG A CZ  1 
ATOM   976  N NH1 . ARG A 1 119 ? 11.510  -18.574 -6.763  1.00 47.15  ? 118 ARG A NH1 1 
ATOM   977  N NH2 . ARG A 1 119 ? 12.979  -19.873 -5.580  1.00 50.42  ? 118 ARG A NH2 1 
ATOM   978  N N   . GLY A 1 120 ? 10.624  -13.296 -2.736  1.00 14.27  ? 119 GLY A N   1 
ATOM   979  C CA  . GLY A 1 120 ? 10.510  -11.841 -2.814  1.00 10.05  ? 119 GLY A CA  1 
ATOM   980  C C   . GLY A 1 120 ? 11.859  -11.154 -2.842  1.00 12.44  ? 119 GLY A C   1 
ATOM   981  O O   . GLY A 1 120 ? 12.849  -11.751 -2.444  1.00 11.98  ? 119 GLY A O   1 
ATOM   982  N N   . ASP A 1 121 ? 11.916  -9.920  -3.343  1.00 10.59  ? 120 ASP A N   1 
ATOM   983  C CA  . ASP A 1 121 ? 13.126  -9.138  -3.178  1.00 12.43  ? 120 ASP A CA  1 
ATOM   984  C C   . ASP A 1 121 ? 12.811  -7.759  -2.554  1.00 15.19  ? 120 ASP A C   1 
ATOM   985  O O   . ASP A 1 121 ? 13.696  -6.938  -2.399  1.00 11.06  ? 120 ASP A O   1 
ATOM   986  C CB  . ASP A 1 121 ? 13.893  -8.985  -4.512  1.00 13.53  ? 120 ASP A CB  1 
ATOM   987  C CG  . ASP A 1 121 ? 13.045  -8.421  -5.619  1.00 11.79  ? 120 ASP A CG  1 
ATOM   988  O OD1 . ASP A 1 121 ? 12.067  -7.730  -5.307  1.00 13.29  ? 120 ASP A OD1 1 
ATOM   989  O OD2 . ASP A 1 121 ? 13.349  -8.678  -6.809  1.00 12.57  ? 120 ASP A OD2 1 
ATOM   990  N N   . THR A 1 122 ? 11.550  -7.516  -2.201  1.00 10.19  ? 121 THR A N   1 
ATOM   991  C CA  . THR A 1 122 ? 11.184  -6.316  -1.469  1.00 10.62  ? 121 THR A CA  1 
ATOM   992  C C   . THR A 1 122 ? 10.129  -6.685  -0.409  1.00 14.14  ? 121 THR A C   1 
ATOM   993  O O   . THR A 1 122 ? 9.308   -7.603  -0.597  1.00 10.50  ? 121 THR A O   1 
ATOM   994  C CB  . THR A 1 122 ? 10.670  -5.188  -2.404  1.00 15.82  ? 121 THR A CB  1 
ATOM   995  O OG1 . THR A 1 122 ? 9.638   -5.699  -3.241  1.00 21.57  ? 121 THR A OG1 1 
ATOM   996  C CG2 . THR A 1 122 ? 11.813  -4.687  -3.308  1.00 21.05  ? 121 THR A CG2 1 
ATOM   997  N N   . PHE A 1 123 ? 10.208  -5.985  0.722   1.00 11.16  ? 122 PHE A N   1 
ATOM   998  C CA  . PHE A 1 123 ? 9.516   -6.357  1.944   1.00 11.97  ? 122 PHE A CA  1 
ATOM   999  C C   . PHE A 1 123 ? 8.828   -5.162  2.602   1.00 11.47  ? 122 PHE A C   1 
ATOM   1000 O O   . PHE A 1 123 ? 9.334   -4.053  2.556   1.00 10.55  ? 122 PHE A O   1 
ATOM   1001 C CB  . PHE A 1 123 ? 10.508  -6.946  2.936   1.00 11.31  ? 122 PHE A CB  1 
ATOM   1002 C CG  . PHE A 1 123 ? 10.944  -8.328  2.596   1.00 10.63  ? 122 PHE A CG  1 
ATOM   1003 C CD1 . PHE A 1 123 ? 11.878  -8.545  1.586   1.00 9.34   ? 122 PHE A CD1 1 
ATOM   1004 C CD2 . PHE A 1 123 ? 10.402  -9.412  3.262   1.00 12.70  ? 122 PHE A CD2 1 
ATOM   1005 C CE1 . PHE A 1 123 ? 12.273  -9.831  1.236   1.00 10.59  ? 122 PHE A CE1 1 
ATOM   1006 C CE2 . PHE A 1 123 ? 10.797  -10.729 2.911   1.00 14.06  ? 122 PHE A CE2 1 
ATOM   1007 C CZ  . PHE A 1 123 ? 11.738  -10.925 1.923   1.00 9.21   ? 122 PHE A CZ  1 
ATOM   1008 N N   . PHE A 1 124 ? 7.717   -5.423  3.258   1.00 8.09   ? 123 PHE A N   1 
ATOM   1009 C CA  . PHE A 1 124 ? 7.091   -4.484  4.150   1.00 10.26  ? 123 PHE A CA  1 
ATOM   1010 C C   . PHE A 1 124 ? 7.891   -4.501  5.461   1.00 13.88  ? 123 PHE A C   1 
ATOM   1011 O O   . PHE A 1 124 ? 8.328   -5.565  5.913   1.00 13.86  ? 123 PHE A O   1 
ATOM   1012 C CB  . PHE A 1 124 ? 5.607   -4.888  4.395   1.00 8.98   ? 123 PHE A CB  1 
ATOM   1013 C CG  . PHE A 1 124 ? 4.756   -3.798  5.017   1.00 8.21   ? 123 PHE A CG  1 
ATOM   1014 C CD1 . PHE A 1 124 ? 4.340   -2.691  4.249   1.00 10.77  ? 123 PHE A CD1 1 
ATOM   1015 C CD2 . PHE A 1 124 ? 4.374   -3.881  6.360   1.00 10.72  ? 123 PHE A CD2 1 
ATOM   1016 C CE1 . PHE A 1 124 ? 3.560   -1.658  4.811   1.00 9.06   ? 123 PHE A CE1 1 
ATOM   1017 C CE2 . PHE A 1 124 ? 3.558   -2.883  6.954   1.00 8.24   ? 123 PHE A CE2 1 
ATOM   1018 C CZ  . PHE A 1 124 ? 3.176   -1.745  6.206   1.00 7.51   ? 123 PHE A CZ  1 
ATOM   1019 N N   . PRO A 1 125 ? 8.038   -3.343  6.115   1.00 14.27  ? 124 PRO A N   1 
ATOM   1020 C CA  . PRO A 1 125 ? 8.757   -3.374  7.419   1.00 11.14  ? 124 PRO A CA  1 
ATOM   1021 C C   . PRO A 1 125 ? 8.017   -4.179  8.488   1.00 11.81  ? 124 PRO A C   1 
ATOM   1022 O O   . PRO A 1 125 ? 6.794   -4.268  8.448   1.00 8.60   ? 124 PRO A O   1 
ATOM   1023 C CB  . PRO A 1 125 ? 8.832   -1.893  7.827   1.00 13.00  ? 124 PRO A CB  1 
ATOM   1024 C CG  . PRO A 1 125 ? 8.056   -1.099  6.797   1.00 15.46  ? 124 PRO A CG  1 
ATOM   1025 C CD  . PRO A 1 125 ? 7.330   -2.080  5.886   1.00 12.04  ? 124 PRO A CD  1 
ATOM   1026 N N   . PRO A 1 126 ? 8.767   -4.806  9.411   1.00 11.35  ? 125 PRO A N   1 
ATOM   1027 C CA  . PRO A 1 126 ? 8.185   -5.519  10.547  1.00 15.01  ? 125 PRO A CA  1 
ATOM   1028 C C   . PRO A 1 126 ? 7.317   -4.573  11.365  1.00 15.67  ? 125 PRO A C   1 
ATOM   1029 O O   . PRO A 1 126 ? 7.585   -3.383  11.405  1.00 10.98  ? 125 PRO A O   1 
ATOM   1030 C CB  . PRO A 1 126 ? 9.404   -5.974  11.385  1.00 17.79  ? 125 PRO A CB  1 
ATOM   1031 C CG  . PRO A 1 126 ? 10.577  -6.003  10.384  1.00 14.59  ? 125 PRO A CG  1 
ATOM   1032 C CD  . PRO A 1 126 ? 10.249  -4.858  9.384   1.00 14.20  ? 125 PRO A CD  1 
ATOM   1033 N N   . TYR A 1 127 ? 6.250   -5.088  11.941  1.00 13.47  ? 126 TYR A N   1 
ATOM   1034 C CA  . TYR A 1 127 ? 5.385   -4.278  12.813  1.00 12.66  ? 126 TYR A CA  1 
ATOM   1035 C C   . TYR A 1 127 ? 4.808   -5.275  13.792  1.00 16.09  ? 126 TYR A C   1 
ATOM   1036 O O   . TYR A 1 127 ? 4.804   -6.495  13.514  1.00 12.18  ? 126 TYR A O   1 
ATOM   1037 C CB  . TYR A 1 127 ? 4.290   -3.546  12.034  1.00 12.17  ? 126 TYR A CB  1 
ATOM   1038 C CG  . TYR A 1 127 ? 3.366   -4.475  11.255  1.00 10.50  ? 126 TYR A CG  1 
ATOM   1039 C CD1 . TYR A 1 127 ? 3.700   -4.878  9.959   1.00 11.61  ? 126 TYR A CD1 1 
ATOM   1040 C CD2 . TYR A 1 127 ? 2.160   -4.918  11.789  1.00 11.71  ? 126 TYR A CD2 1 
ATOM   1041 C CE1 . TYR A 1 127 ? 2.870   -5.708  9.215   1.00 12.38  ? 126 TYR A CE1 1 
ATOM   1042 C CE2 . TYR A 1 127 ? 1.304   -5.776  11.047  1.00 12.23  ? 126 TYR A CE2 1 
ATOM   1043 C CZ  . TYR A 1 127 ? 1.679   -6.171  9.772   1.00 13.42  ? 126 TYR A CZ  1 
ATOM   1044 O OH  . TYR A 1 127 ? 0.870   -6.978  9.015   1.00 11.07  ? 126 TYR A OH  1 
ATOM   1045 N N   . THR A 1 128 ? 4.346   -4.801  14.944  1.00 15.58  ? 127 THR A N   1 
ATOM   1046 C CA  . THR A 1 128 ? 3.726   -5.733  15.879  1.00 21.69  ? 127 THR A CA  1 
ATOM   1047 C C   . THR A 1 128 ? 2.290   -5.354  16.210  1.00 15.99  ? 127 THR A C   1 
ATOM   1048 O O   . THR A 1 128 ? 1.980   -4.162  16.321  1.00 12.64  ? 127 THR A O   1 
ATOM   1049 C CB  . THR A 1 128 ? 4.560   -5.826  17.181  1.00 24.98  ? 127 THR A CB  1 
ATOM   1050 O OG1 . THR A 1 128 ? 3.781   -6.460  18.201  1.00 28.16  ? 127 THR A OG1 1 
ATOM   1051 C CG2 . THR A 1 128 ? 5.011   -4.449  17.649  1.00 23.66  ? 127 THR A CG2 1 
ATOM   1052 N N   . PHE A 1 129 ? 1.415   -6.347  16.410  1.00 16.29  ? 128 PHE A N   1 
ATOM   1053 C CA  . PHE A 1 129 ? 0.018   -6.046  16.801  1.00 21.22  ? 128 PHE A CA  1 
ATOM   1054 C C   . PHE A 1 129 ? -0.082  -5.449  18.196  1.00 27.12  ? 128 PHE A C   1 
ATOM   1055 O O   . PHE A 1 129 ? -1.125  -4.922  18.607  1.00 26.21  ? 128 PHE A O   1 
ATOM   1056 C CB  . PHE A 1 129 ? -0.865  -7.282  16.711  1.00 21.42  ? 128 PHE A CB  1 
ATOM   1057 C CG  . PHE A 1 129 ? -1.125  -7.713  15.295  1.00 23.21  ? 128 PHE A CG  1 
ATOM   1058 C CD1 . PHE A 1 129 ? -2.096  -7.087  14.539  1.00 23.64  ? 128 PHE A CD1 1 
ATOM   1059 C CD2 . PHE A 1 129 ? -0.348  -8.694  14.705  1.00 24.66  ? 128 PHE A CD2 1 
ATOM   1060 C CE1 . PHE A 1 129 ? -2.324  -7.459  13.196  1.00 23.02  ? 128 PHE A CE1 1 
ATOM   1061 C CE2 . PHE A 1 129 ? -0.561  -9.074  13.377  1.00 27.61  ? 128 PHE A CE2 1 
ATOM   1062 C CZ  . PHE A 1 129 ? -1.563  -8.454  12.627  1.00 26.68  ? 128 PHE A CZ  1 
ATOM   1063 N N   . GLU A 1 130 ? 1.011   -5.503  18.929  1.00 21.76  ? 129 GLU A N   1 
ATOM   1064 C CA  . GLU A 1 130 ? 1.067   -4.737  20.163  1.00 30.71  ? 129 GLU A CA  1 
ATOM   1065 C C   . GLU A 1 130 ? 0.788   -3.275  19.889  1.00 26.22  ? 129 GLU A C   1 
ATOM   1066 O O   . GLU A 1 130 ? 0.305   -2.563  20.773  1.00 23.05  ? 129 GLU A O   1 
ATOM   1067 C CB  . GLU A 1 130 ? 2.438   -4.857  20.852  1.00 41.61  ? 129 GLU A CB  1 
ATOM   1068 C CG  . GLU A 1 130 ? 2.787   -6.224  21.421  1.00 56.25  ? 129 GLU A CG  1 
ATOM   1069 C CD  . GLU A 1 130 ? 4.259   -6.298  21.858  1.00 68.22  ? 129 GLU A CD  1 
ATOM   1070 O OE1 . GLU A 1 130 ? 4.643   -5.556  22.795  1.00 67.97  ? 129 GLU A OE1 1 
ATOM   1071 O OE2 . GLU A 1 130 ? 5.036   -7.076  21.241  1.00 74.78  ? 129 GLU A OE2 1 
ATOM   1072 N N   . ASP A 1 131 ? 1.120   -2.807  18.689  1.00 15.55  ? 130 ASP A N   1 
ATOM   1073 C CA  . ASP A 1 131 ? 1.071   -1.379  18.427  1.00 15.46  ? 130 ASP A CA  1 
ATOM   1074 C C   . ASP A 1 131 ? -0.153  -0.978  17.620  1.00 16.35  ? 130 ASP A C   1 
ATOM   1075 O O   . ASP A 1 131 ? -0.382  0.217   17.448  1.00 13.00  ? 130 ASP A O   1 
ATOM   1076 C CB  . ASP A 1 131 ? 2.292   -0.886  17.650  1.00 17.19  ? 130 ASP A CB  1 
ATOM   1077 C CG  . ASP A 1 131 ? 3.580   -0.992  18.431  1.00 23.56  ? 130 ASP A CG  1 
ATOM   1078 O OD1 . ASP A 1 131 ? 3.533   -1.120  19.674  1.00 23.32  ? 130 ASP A OD1 1 
ATOM   1079 O OD2 . ASP A 1 131 ? 4.633   -0.967  17.767  1.00 25.38  ? 130 ASP A OD2 1 
ATOM   1080 N N   . TRP A 1 132 ? -0.863  -1.973  17.079  1.00 16.84  ? 131 TRP A N   1 
ATOM   1081 C CA  . TRP A 1 132 ? -1.910  -1.765  16.065  1.00 12.56  ? 131 TRP A CA  1 
ATOM   1082 C C   . TRP A 1 132 ? -3.157  -2.528  16.438  1.00 15.78  ? 131 TRP A C   1 
ATOM   1083 O O   . TRP A 1 132 ? -3.122  -3.745  16.629  1.00 15.27  ? 131 TRP A O   1 
ATOM   1084 C CB  . TRP A 1 132 ? -1.448  -2.228  14.686  1.00 9.83   ? 131 TRP A CB  1 
ATOM   1085 C CG  . TRP A 1 132 ? -0.298  -1.448  14.150  1.00 10.14  ? 131 TRP A CG  1 
ATOM   1086 C CD1 . TRP A 1 132 ? 1.017   -1.755  14.281  1.00 10.14  ? 131 TRP A CD1 1 
ATOM   1087 C CD2 . TRP A 1 132 ? -0.353  -0.212  13.427  1.00 12.62  ? 131 TRP A CD2 1 
ATOM   1088 N NE1 . TRP A 1 132 ? 1.788   -0.814  13.655  1.00 12.37  ? 131 TRP A NE1 1 
ATOM   1089 C CE2 . TRP A 1 132 ? 0.975   0.171   13.161  1.00 15.14  ? 131 TRP A CE2 1 
ATOM   1090 C CE3 . TRP A 1 132 ? -1.393  0.609   12.977  1.00 10.70  ? 131 TRP A CE3 1 
ATOM   1091 C CZ2 . TRP A 1 132 ? 1.291   1.304   12.467  1.00 11.95  ? 131 TRP A CZ2 1 
ATOM   1092 C CZ3 . TRP A 1 132 ? -1.071  1.763   12.290  1.00 11.93  ? 131 TRP A CZ3 1 
ATOM   1093 C CH2 . TRP A 1 132 ? 0.255   2.088   12.031  1.00 10.02  ? 131 TRP A CH2 1 
ATOM   1094 N N   . GLU A 1 133 ? -4.255  -1.802  16.544  1.00 13.04  ? 132 GLU A N   1 
ATOM   1095 C CA  . GLU A 1 133 ? -5.546  -2.375  16.872  1.00 15.10  ? 132 GLU A CA  1 
ATOM   1096 C C   . GLU A 1 133 ? -6.206  -2.943  15.623  1.00 14.81  ? 132 GLU A C   1 
ATOM   1097 O O   . GLU A 1 133 ? -6.240  -2.261  14.607  1.00 11.75  ? 132 GLU A O   1 
ATOM   1098 C CB  . GLU A 1 133 ? -6.479  -1.313  17.469  1.00 14.32  ? 132 GLU A CB  1 
ATOM   1099 C CG  . GLU A 1 133 ? -7.841  -1.888  17.639  1.00 25.15  ? 132 GLU A CG  1 
ATOM   1100 C CD  . GLU A 1 133 ? -8.647  -1.209  18.689  1.00 33.26  ? 132 GLU A CD  1 
ATOM   1101 O OE1 . GLU A 1 133 ? -9.467  -1.911  19.319  1.00 40.87  ? 132 GLU A OE1 1 
ATOM   1102 O OE2 . GLU A 1 133 ? -8.476  0.015   18.867  1.00 31.98  ? 132 GLU A OE2 1 
ATOM   1103 N N   . VAL A 1 134 ? -6.733  -4.165  15.694  1.00 12.03  ? 133 VAL A N   1 
ATOM   1104 C CA  . VAL A 1 134 ? -7.380  -4.762  14.545  1.00 12.23  ? 133 VAL A CA  1 
ATOM   1105 C C   . VAL A 1 134 ? -8.799  -4.186  14.415  1.00 12.64  ? 133 VAL A C   1 
ATOM   1106 O O   . VAL A 1 134 ? -9.752  -4.665  15.061  1.00 15.26  ? 133 VAL A O   1 
ATOM   1107 C CB  . VAL A 1 134 ? -7.418  -6.303  14.666  1.00 13.19  ? 133 VAL A CB  1 
ATOM   1108 C CG1 . VAL A 1 134 ? -8.183  -6.905  13.495  1.00 13.12  ? 133 VAL A CG1 1 
ATOM   1109 C CG2 . VAL A 1 134 ? -5.958  -6.882  14.772  1.00 17.09  ? 133 VAL A CG2 1 
ATOM   1110 N N   . ALA A 1 135 ? -8.955  -3.142  13.613  1.00 10.17  ? 134 ALA A N   1 
ATOM   1111 C CA  . ALA A 1 135 ? -10.285 -2.542  13.473  1.00 7.59   ? 134 ALA A CA  1 
ATOM   1112 C C   . ALA A 1 135 ? -11.234 -3.528  12.779  1.00 10.96  ? 134 ALA A C   1 
ATOM   1113 O O   . ALA A 1 135 ? -12.452 -3.594  13.078  1.00 10.73  ? 134 ALA A O   1 
ATOM   1114 C CB  . ALA A 1 135 ? -10.224 -1.223  12.684  1.00 9.80   ? 134 ALA A CB  1 
ATOM   1115 N N   . SER A 1 136 ? -10.696 -4.258  11.816  1.00 9.76   ? 135 SER A N   1 
ATOM   1116 C CA  . SER A 1 136 ? -11.458 -5.317  11.135  1.00 7.77   ? 135 SER A CA  1 
ATOM   1117 C C   . SER A 1 136 ? -10.516 -6.333  10.523  1.00 11.65  ? 135 SER A C   1 
ATOM   1118 O O   . SER A 1 136 ? -9.373  -6.025  10.171  1.00 9.97   ? 135 SER A O   1 
ATOM   1119 C CB  . SER A 1 136 ? -12.361 -4.778  10.041  1.00 11.56  ? 135 SER A CB  1 
ATOM   1120 O OG  . SER A 1 136 ? -11.602 -4.142  9.044   1.00 12.24  ? 135 SER A OG  1 
ATOM   1121 N N   . SER A 1 137 ? -10.989 -7.571  10.461  1.00 11.17  ? 136 SER A N   1 
ATOM   1122 C CA  . SER A 1 137 ? -10.243 -8.672  9.869   1.00 10.25  ? 136 SER A CA  1 
ATOM   1123 C C   . SER A 1 137 ? -11.224 -9.533  9.098   1.00 16.26  ? 136 SER A C   1 
ATOM   1124 O O   . SER A 1 137 ? -12.145 -10.070 9.696   1.00 12.52  ? 136 SER A O   1 
ATOM   1125 C CB  . SER A 1 137 ? -9.521  -9.506  10.939  1.00 10.76  ? 136 SER A CB  1 
ATOM   1126 O OG  . SER A 1 137 ? -8.817  -10.587 10.312  1.00 10.48  ? 136 SER A OG  1 
ATOM   1127 N N   . VAL A 1 138 ? -11.076 -9.608  7.776   1.00 11.69  ? 137 VAL A N   1 
ATOM   1128 C CA  . VAL A 1 138 ? -12.059 -10.262 6.934   1.00 14.09  ? 137 VAL A CA  1 
ATOM   1129 C C   . VAL A 1 138 ? -11.380 -11.252 5.996   1.00 13.14  ? 137 VAL A C   1 
ATOM   1130 O O   . VAL A 1 138 ? -10.493 -10.890 5.218   1.00 9.61   ? 137 VAL A O   1 
ATOM   1131 C CB  . VAL A 1 138 ? -12.867 -9.238  6.108   1.00 14.17  ? 137 VAL A CB  1 
ATOM   1132 C CG1 . VAL A 1 138 ? -13.895 -9.943  5.208   1.00 11.24  ? 137 VAL A CG1 1 
ATOM   1133 C CG2 . VAL A 1 138 ? -13.534 -8.171  7.028   1.00 10.52  ? 137 VAL A CG2 1 
ATOM   1134 N N   A GLU A 1 139 ? -11.794 -12.511 6.076   0.58 14.53  ? 138 GLU A N   1 
ATOM   1135 N N   B GLU A 1 139 ? -11.792 -12.510 6.086   0.42 14.58  ? 138 GLU A N   1 
ATOM   1136 C CA  A GLU A 1 139 ? -11.208 -13.561 5.243   0.58 15.92  ? 138 GLU A CA  1 
ATOM   1137 C CA  B GLU A 1 139 ? -11.246 -13.564 5.237   0.42 15.66  ? 138 GLU A CA  1 
ATOM   1138 C C   A GLU A 1 139 ? -11.682 -13.398 3.800   0.58 14.87  ? 138 GLU A C   1 
ATOM   1139 C C   B GLU A 1 139 ? -11.687 -13.347 3.792   0.42 14.78  ? 138 GLU A C   1 
ATOM   1140 O O   A GLU A 1 139 ? -12.870 -13.197 3.549   0.58 13.36  ? 138 GLU A O   1 
ATOM   1141 O O   B GLU A 1 139 ? -12.860 -13.080 3.530   0.42 13.44  ? 138 GLU A O   1 
ATOM   1142 C CB  A GLU A 1 139 ? -11.566 -14.935 5.814   0.58 15.22  ? 138 GLU A CB  1 
ATOM   1143 C CB  B GLU A 1 139 ? -11.700 -14.928 5.749   0.42 15.84  ? 138 GLU A CB  1 
ATOM   1144 C CG  A GLU A 1 139 ? -11.103 -15.113 7.259   0.58 12.75  ? 138 GLU A CG  1 
ATOM   1145 C CG  B GLU A 1 139 ? -11.119 -16.110 5.002   0.42 17.42  ? 138 GLU A CG  1 
ATOM   1146 C CD  A GLU A 1 139 ? -11.337 -16.541 7.814   0.58 23.47  ? 138 GLU A CD  1 
ATOM   1147 C CD  B GLU A 1 139 ? -11.774 -17.413 5.409   0.42 20.31  ? 138 GLU A CD  1 
ATOM   1148 O OE1 A GLU A 1 139 ? -11.096 -16.797 9.010   0.58 29.36  ? 138 GLU A OE1 1 
ATOM   1149 O OE1 B GLU A 1 139 ? -12.419 -17.431 6.475   0.42 23.01  ? 138 GLU A OE1 1 
ATOM   1150 O OE2 A GLU A 1 139 ? -11.763 -17.406 7.055   0.58 21.36  ? 138 GLU A OE2 1 
ATOM   1151 O OE2 B GLU A 1 139 ? -11.663 -18.406 4.662   0.42 21.86  ? 138 GLU A OE2 1 
ATOM   1152 N N   . GLY A 1 140 ? -10.752 -13.425 2.852   1.00 15.22  ? 139 GLY A N   1 
ATOM   1153 C CA  . GLY A 1 140 ? -11.106 -13.249 1.449   1.00 12.71  ? 139 GLY A CA  1 
ATOM   1154 C C   . GLY A 1 140 ? -11.764 -14.540 0.964   1.00 13.10  ? 139 GLY A C   1 
ATOM   1155 O O   . GLY A 1 140 ? -11.432 -15.610 1.440   1.00 15.92  ? 139 GLY A O   1 
ATOM   1156 N N   . LYS A 1 141 ? -12.690 -14.444 0.021   1.00 15.38  ? 140 LYS A N   1 
ATOM   1157 C CA  . LYS A 1 141 ? -13.363 -15.619 -0.516  1.00 20.66  ? 140 LYS A CA  1 
ATOM   1158 C C   . LYS A 1 141 ? -12.531 -16.190 -1.667  1.00 21.20  ? 140 LYS A C   1 
ATOM   1159 O O   . LYS A 1 141 ? -11.994 -15.440 -2.482  1.00 23.03  ? 140 LYS A O   1 
ATOM   1160 C CB  . LYS A 1 141 ? -14.783 -15.259 -0.977  1.00 22.01  ? 140 LYS A CB  1 
ATOM   1161 C CG  . LYS A 1 141 ? -15.737 -14.903 0.204   1.00 45.02  ? 140 LYS A CG  1 
ATOM   1162 C CD  . LYS A 1 141 ? -16.077 -16.128 1.092   1.00 40.76  ? 140 LYS A CD  1 
ATOM   1163 C CE  . LYS A 1 141 ? -17.576 -16.210 1.431   1.00 40.10  ? 140 LYS A CE  1 
ATOM   1164 N NZ  . LYS A 1 141 ? -18.138 -15.090 2.285   1.00 35.19  ? 140 LYS A NZ  1 
ATOM   1165 N N   . LEU A 1 142 ? -12.393 -17.511 -1.710  1.00 16.79  ? 141 LEU A N   1 
ATOM   1166 C CA  . LEU A 1 142 ? -11.607 -18.173 -2.749  1.00 14.32  ? 141 LEU A CA  1 
ATOM   1167 C C   . LEU A 1 142 ? -12.512 -18.689 -3.846  1.00 20.36  ? 141 LEU A C   1 
ATOM   1168 O O   . LEU A 1 142 ? -13.658 -18.993 -3.591  1.00 21.95  ? 141 LEU A O   1 
ATOM   1169 C CB  . LEU A 1 142 ? -10.817 -19.338 -2.169  1.00 21.16  ? 141 LEU A CB  1 
ATOM   1170 C CG  . LEU A 1 142 ? -9.935  -18.999 -0.962  1.00 21.25  ? 141 LEU A CG  1 
ATOM   1171 C CD1 . LEU A 1 142 ? -9.056  -20.183 -0.702  1.00 24.76  ? 141 LEU A CD1 1 
ATOM   1172 C CD2 . LEU A 1 142 ? -9.157  -17.737 -1.231  1.00 22.85  ? 141 LEU A CD2 1 
ATOM   1173 N N   . ASP A 1 143 ? -11.982 -18.808 -5.049  1.00 22.26  ? 142 ASP A N   1 
ATOM   1174 C CA  . ASP A 1 143 ? -12.741 -19.340 -6.160  1.00 27.30  ? 142 ASP A CA  1 
ATOM   1175 C C   . ASP A 1 143 ? -11.781 -19.753 -7.229  1.00 28.58  ? 142 ASP A C   1 
ATOM   1176 O O   . ASP A 1 143 ? -10.564 -19.703 -7.027  1.00 25.82  ? 142 ASP A O   1 
ATOM   1177 C CB  . ASP A 1 143 ? -13.741 -18.315 -6.682  1.00 30.25  ? 142 ASP A CB  1 
ATOM   1178 C CG  . ASP A 1 143 ? -13.071 -17.089 -7.322  1.00 30.01  ? 142 ASP A CG  1 
ATOM   1179 O OD1 . ASP A 1 143 ? -11.860 -17.092 -7.616  1.00 32.97  ? 142 ASP A OD1 1 
ATOM   1180 O OD2 . ASP A 1 143 ? -13.772 -16.101 -7.536  1.00 34.66  ? 142 ASP A OD2 1 
ATOM   1181 N N   . GLU A 1 144 ? -12.326 -20.101 -8.393  1.00 36.70  ? 143 GLU A N   1 
ATOM   1182 C CA  . GLU A 1 144 ? -11.516 -20.498 -9.541  1.00 46.30  ? 143 GLU A CA  1 
ATOM   1183 C C   . GLU A 1 144 ? -10.397 -19.505 -9.885  1.00 39.02  ? 143 GLU A C   1 
ATOM   1184 O O   . GLU A 1 144 ? -9.274  -19.911 -10.195 1.00 34.66  ? 143 GLU A O   1 
ATOM   1185 C CB  . GLU A 1 144 ? -12.423 -20.702 -10.760 1.00 58.32  ? 143 GLU A CB  1 
ATOM   1186 C CG  . GLU A 1 144 ? -13.382 -21.892 -10.631 1.00 68.32  ? 143 GLU A CG  1 
ATOM   1187 C CD  . GLU A 1 144 ? -12.680 -23.263 -10.672 1.00 75.10  ? 143 GLU A CD  1 
ATOM   1188 O OE1 . GLU A 1 144 ? -11.586 -23.385 -11.279 1.00 75.04  ? 143 GLU A OE1 1 
ATOM   1189 O OE2 . GLU A 1 144 ? -13.242 -24.227 -10.095 1.00 77.86  ? 143 GLU A OE2 1 
ATOM   1190 N N   . LYS A 1 145 ? -10.713 -18.209 -9.808  1.00 37.08  ? 144 LYS A N   1 
ATOM   1191 C CA  . LYS A 1 145 ? -9.785  -17.129 -10.200 1.00 37.50  ? 144 LYS A CA  1 
ATOM   1192 C C   . LYS A 1 145 ? -8.914  -16.606 -9.045  1.00 33.11  ? 144 LYS A C   1 
ATOM   1193 O O   . LYS A 1 145 ? -7.949  -15.875 -9.257  1.00 31.64  ? 144 LYS A O   1 
ATOM   1194 C CB  . LYS A 1 145 ? -10.580 -15.953 -10.793 1.00 42.74  ? 144 LYS A CB  1 
ATOM   1195 C CG  . LYS A 1 145 ? -11.773 -16.338 -11.673 1.00 49.21  ? 144 LYS A CG  1 
ATOM   1196 C CD  . LYS A 1 145 ? -11.331 -17.048 -12.948 1.00 55.42  ? 144 LYS A CD  1 
ATOM   1197 C CE  . LYS A 1 145 ? -10.241 -16.279 -13.681 1.00 60.01  ? 144 LYS A CE  1 
ATOM   1198 N NZ  . LYS A 1 145 ? -9.663  -17.067 -14.814 1.00 63.06  ? 144 LYS A NZ  1 
ATOM   1199 N N   . ASN A 1 146 ? -9.279  -16.974 -7.821  1.00 25.69  ? 145 ASN A N   1 
ATOM   1200 C CA  . ASN A 1 146 ? -8.664  -16.412 -6.628  1.00 20.58  ? 145 ASN A CA  1 
ATOM   1201 C C   . ASN A 1 146 ? -8.358  -17.516 -5.640  1.00 18.99  ? 145 ASN A C   1 
ATOM   1202 O O   . ASN A 1 146 ? -9.205  -17.858 -4.814  1.00 22.57  ? 145 ASN A O   1 
ATOM   1203 C CB  . ASN A 1 146 ? -9.604  -15.397 -5.996  1.00 20.00  ? 145 ASN A CB  1 
ATOM   1204 C CG  . ASN A 1 146 ? -9.805  -14.185 -6.870  1.00 22.47  ? 145 ASN A CG  1 
ATOM   1205 O OD1 . ASN A 1 146 ? -9.033  -13.220 -6.787  1.00 18.35  ? 145 ASN A OD1 1 
ATOM   1206 N ND2 . ASN A 1 146 ? -10.827 -14.241 -7.746  1.00 22.80  ? 145 ASN A ND2 1 
ATOM   1207 N N   . THR A 1 147 ? -7.167  -18.085 -5.735  1.00 16.17  ? 146 THR A N   1 
ATOM   1208 C CA  . THR A 1 147 ? -6.946  -19.386 -5.152  1.00 14.93  ? 146 THR A CA  1 
ATOM   1209 C C   . THR A 1 147 ? -5.972  -19.337 -3.946  1.00 15.51  ? 146 THR A C   1 
ATOM   1210 O O   . THR A 1 147 ? -5.688  -20.358 -3.311  1.00 16.22  ? 146 THR A O   1 
ATOM   1211 C CB  . THR A 1 147 ? -6.429  -20.365 -6.273  1.00 21.95  ? 146 THR A CB  1 
ATOM   1212 O OG1 . THR A 1 147 ? -5.159  -19.921 -6.752  1.00 25.61  ? 146 THR A OG1 1 
ATOM   1213 C CG2 . THR A 1 147 ? -7.394  -20.402 -7.471  1.00 25.46  ? 146 THR A CG2 1 
ATOM   1214 N N   . ILE A 1 148 ? -5.457  -18.159 -3.630  1.00 12.91  ? 147 ILE A N   1 
ATOM   1215 C CA  . ILE A 1 148 ? -4.524  -18.040 -2.510  1.00 11.84  ? 147 ILE A CA  1 
ATOM   1216 C C   . ILE A 1 148 ? -5.303  -17.477 -1.334  1.00 9.15   ? 147 ILE A C   1 
ATOM   1217 O O   . ILE A 1 148 ? -5.968  -16.480 -1.480  1.00 12.39  ? 147 ILE A O   1 
ATOM   1218 C CB  . ILE A 1 148 ? -3.358  -17.114 -2.812  1.00 17.42  ? 147 ILE A CB  1 
ATOM   1219 C CG1 . ILE A 1 148 ? -2.743  -17.457 -4.173  1.00 27.61  ? 147 ILE A CG1 1 
ATOM   1220 C CG2 . ILE A 1 148 ? -2.362  -17.259 -1.706  1.00 15.48  ? 147 ILE A CG2 1 
ATOM   1221 C CD1 . ILE A 1 148 ? -2.195  -16.255 -5.019  1.00 24.68  ? 147 ILE A CD1 1 
ATOM   1222 N N   . PRO A 1 149 ? -5.255  -18.146 -0.179  1.00 12.78  ? 148 PRO A N   1 
ATOM   1223 C CA  . PRO A 1 149 ? -6.009  -17.588 0.938   1.00 9.04   ? 148 PRO A CA  1 
ATOM   1224 C C   . PRO A 1 149 ? -5.454  -16.246 1.288   1.00 11.31  ? 148 PRO A C   1 
ATOM   1225 O O   . PRO A 1 149 ? -4.242  -16.023 1.154   1.00 11.91  ? 148 PRO A O   1 
ATOM   1226 C CB  . PRO A 1 149 ? -5.779  -18.586 2.069   1.00 13.88  ? 148 PRO A CB  1 
ATOM   1227 C CG  . PRO A 1 149 ? -5.346  -19.860 1.393   1.00 20.32  ? 148 PRO A CG  1 
ATOM   1228 C CD  . PRO A 1 149 ? -4.672  -19.463 0.125   1.00 14.00  ? 148 PRO A CD  1 
ATOM   1229 N N   . HIS A 1 150 ? -6.325  -15.348 1.735   1.00 11.78  ? 149 HIS A N   1 
ATOM   1230 C CA  . HIS A 1 150 ? -5.868  -13.987 2.032   1.00 14.15  ? 149 HIS A CA  1 
ATOM   1231 C C   . HIS A 1 150 ? -6.817  -13.346 3.018   1.00 11.32  ? 149 HIS A C   1 
ATOM   1232 O O   . HIS A 1 150 ? -7.987  -13.718 3.091   1.00 13.80  ? 149 HIS A O   1 
ATOM   1233 C CB  . HIS A 1 150 ? -5.751  -13.146 0.737   1.00 9.47   ? 149 HIS A CB  1 
ATOM   1234 C CG  . HIS A 1 150 ? -6.994  -13.145 -0.105  1.00 11.97  ? 149 HIS A CG  1 
ATOM   1235 N ND1 . HIS A 1 150 ? -7.419  -14.257 -0.811  1.00 11.68  ? 149 HIS A ND1 1 
ATOM   1236 C CD2 . HIS A 1 150 ? -7.907  -12.161 -0.358  1.00 13.91  ? 149 HIS A CD2 1 
ATOM   1237 C CE1 . HIS A 1 150 ? -8.529  -13.952 -1.476  1.00 16.95  ? 149 HIS A CE1 1 
ATOM   1238 N NE2 . HIS A 1 150 ? -8.837  -12.685 -1.230  1.00 13.31  ? 149 HIS A NE2 1 
ATOM   1239 N N   . THR A 1 151 ? -6.313  -12.373 3.768   1.00 11.17  ? 150 THR A N   1 
ATOM   1240 C CA  . THR A 1 151 ? -7.104  -11.730 4.809   1.00 8.50   ? 150 THR A CA  1 
ATOM   1241 C C   . THR A 1 151 ? -6.980  -10.205 4.735   1.00 10.12  ? 150 THR A C   1 
ATOM   1242 O O   . THR A 1 151 ? -5.879  -9.678  4.728   1.00 10.53  ? 150 THR A O   1 
ATOM   1243 C CB  . THR A 1 151 ? -6.661  -12.236 6.206   1.00 12.78  ? 150 THR A CB  1 
ATOM   1244 O OG1 . THR A 1 151 ? -6.796  -13.659 6.267   1.00 15.61  ? 150 THR A OG1 1 
ATOM   1245 C CG2 . THR A 1 151 ? -7.483  -11.628 7.309   1.00 11.67  ? 150 THR A CG2 1 
ATOM   1246 N N   . PHE A 1 152 ? -8.117  -9.512  4.689   1.00 12.12  ? 151 PHE A N   1 
ATOM   1247 C CA  . PHE A 1 152 ? -8.159  -8.053  4.703   1.00 11.67  ? 151 PHE A CA  1 
ATOM   1248 C C   . PHE A 1 152 ? -8.130  -7.519  6.126   1.00 10.60  ? 151 PHE A C   1 
ATOM   1249 O O   . PHE A 1 152 ? -9.092  -7.705  6.877   1.00 11.04  ? 151 PHE A O   1 
ATOM   1250 C CB  . PHE A 1 152 ? -9.421  -7.554  3.976   1.00 8.44   ? 151 PHE A CB  1 
ATOM   1251 C CG  . PHE A 1 152 ? -9.532  -8.053  2.546   1.00 10.55  ? 151 PHE A CG  1 
ATOM   1252 C CD1 . PHE A 1 152 ? -8.653  -7.607  1.577   1.00 9.19   ? 151 PHE A CD1 1 
ATOM   1253 C CD2 . PHE A 1 152 ? -10.552 -8.929  2.164   1.00 12.23  ? 151 PHE A CD2 1 
ATOM   1254 C CE1 . PHE A 1 152 ? -8.755  -8.050  0.250   1.00 12.05  ? 151 PHE A CE1 1 
ATOM   1255 C CE2 . PHE A 1 152 ? -10.638 -9.408  0.838   1.00 12.42  ? 151 PHE A CE2 1 
ATOM   1256 C CZ  . PHE A 1 152 ? -9.725  -8.956  -0.122  1.00 11.79  ? 151 PHE A CZ  1 
ATOM   1257 N N   . LEU A 1 153 ? -7.032  -6.872  6.486   1.00 8.96   ? 152 LEU A N   1 
ATOM   1258 C CA  . LEU A 1 153 ? -6.878  -6.199  7.782   1.00 11.40  ? 152 LEU A CA  1 
ATOM   1259 C C   . LEU A 1 153 ? -7.033  -4.703  7.668   1.00 13.65  ? 152 LEU A C   1 
ATOM   1260 O O   . LEU A 1 153 ? -6.458  -4.112  6.770   1.00 11.31  ? 152 LEU A O   1 
ATOM   1261 C CB  . LEU A 1 153 ? -5.492  -6.462  8.378   1.00 10.73  ? 152 LEU A CB  1 
ATOM   1262 C CG  . LEU A 1 153 ? -5.119  -7.913  8.692   1.00 11.17  ? 152 LEU A CG  1 
ATOM   1263 C CD1 . LEU A 1 153 ? -3.717  -7.974  9.247   1.00 10.24  ? 152 LEU A CD1 1 
ATOM   1264 C CD2 . LEU A 1 153 ? -6.147  -8.589  9.646   1.00 13.06  ? 152 LEU A CD2 1 
ATOM   1265 N N   . HIS A 1 154 ? -7.786  -4.091  8.584   1.00 6.73   ? 153 HIS A N   1 
ATOM   1266 C CA  . HIS A 1 154 ? -7.683  -2.657  8.765   1.00 10.23  ? 153 HIS A CA  1 
ATOM   1267 C C   . HIS A 1 154 ? -7.128  -2.438  10.169  1.00 11.13  ? 153 HIS A C   1 
ATOM   1268 O O   . HIS A 1 154 ? -7.773  -2.798  11.150  1.00 11.59  ? 153 HIS A O   1 
ATOM   1269 C CB  . HIS A 1 154 ? -9.050  -1.979  8.592   1.00 11.79  ? 153 HIS A CB  1 
ATOM   1270 C CG  . HIS A 1 154 ? -9.006  -0.503  8.778   1.00 14.61  ? 153 HIS A CG  1 
ATOM   1271 N ND1 . HIS A 1 154 ? -10.097 0.216   9.224   1.00 9.58   ? 153 HIS A ND1 1 
ATOM   1272 C CD2 . HIS A 1 154 ? -7.992  0.390   8.617   1.00 7.64   ? 153 HIS A CD2 1 
ATOM   1273 C CE1 . HIS A 1 154 ? -9.764  1.499   9.291   1.00 13.01  ? 153 HIS A CE1 1 
ATOM   1274 N NE2 . HIS A 1 154 ? -8.498  1.632   8.928   1.00 10.21  ? 153 HIS A NE2 1 
ATOM   1275 N N   . LEU A 1 155 ? -5.917  -1.897  10.257  1.00 8.10   ? 154 LEU A N   1 
ATOM   1276 C CA  . LEU A 1 155 ? -5.216  -1.709  11.533  1.00 10.91  ? 154 LEU A CA  1 
ATOM   1277 C C   . LEU A 1 155 ? -5.099  -0.218  11.888  1.00 12.74  ? 154 LEU A C   1 
ATOM   1278 O O   . LEU A 1 155 ? -4.783  0.605   11.034  1.00 10.66  ? 154 LEU A O   1 
ATOM   1279 C CB  . LEU A 1 155 ? -3.814  -2.327  11.485  1.00 7.52   ? 154 LEU A CB  1 
ATOM   1280 C CG  . LEU A 1 155 ? -3.704  -3.744  10.951  1.00 10.41  ? 154 LEU A CG  1 
ATOM   1281 C CD1 . LEU A 1 155 ? -2.234  -4.225  10.964  1.00 13.38  ? 154 LEU A CD1 1 
ATOM   1282 C CD2 . LEU A 1 155 ? -4.584  -4.673  11.820  1.00 9.80   ? 154 LEU A CD2 1 
ATOM   1283 N N   . ILE A 1 156 ? -5.343  0.124   13.149  1.00 10.21  ? 155 ILE A N   1 
ATOM   1284 C CA  . ILE A 1 156 ? -5.322  1.528   13.545  1.00 9.75   ? 155 ILE A CA  1 
ATOM   1285 C C   . ILE A 1 156 ? -4.290  1.657   14.656  1.00 12.21  ? 155 ILE A C   1 
ATOM   1286 O O   . ILE A 1 156 ? -4.223  0.795   15.528  1.00 11.42  ? 155 ILE A O   1 
ATOM   1287 C CB  . ILE A 1 156 ? -6.737  2.028   14.012  1.00 11.98  ? 155 ILE A CB  1 
ATOM   1288 C CG1 . ILE A 1 156 ? -7.753  1.884   12.849  1.00 14.90  ? 155 ILE A CG1 1 
ATOM   1289 C CG2 . ILE A 1 156 ? -6.648  3.499   14.534  1.00 16.50  ? 155 ILE A CG2 1 
ATOM   1290 C CD1 . ILE A 1 156 ? -9.154  2.314   13.182  1.00 19.98  ? 155 ILE A CD1 1 
ATOM   1291 N N   . ARG A 1 157 ? -3.453  2.686   14.587  1.00 14.34  ? 156 ARG A N   1 
ATOM   1292 C CA  . ARG A 1 157 ? -2.350  2.822   15.539  1.00 16.34  ? 156 ARG A CA  1 
ATOM   1293 C C   . ARG A 1 157 ? -2.906  2.978   16.950  1.00 16.21  ? 156 ARG A C   1 
ATOM   1294 O O   . ARG A 1 157 ? -3.796  3.792   17.162  1.00 16.54  ? 156 ARG A O   1 
ATOM   1295 C CB  . ARG A 1 157 ? -1.483  4.038   15.180  1.00 13.63  ? 156 ARG A CB  1 
ATOM   1296 C CG  . ARG A 1 157 ? -0.254  4.189   16.066  1.00 17.74  ? 156 ARG A CG  1 
ATOM   1297 C CD  . ARG A 1 157 ? 0.500   5.493   15.681  1.00 23.29  ? 156 ARG A CD  1 
ATOM   1298 N NE  . ARG A 1 157 ? 0.803   5.599   14.245  1.00 20.68  ? 156 ARG A NE  1 
ATOM   1299 C CZ  . ARG A 1 157 ? 1.805   4.968   13.618  1.00 18.10  ? 156 ARG A CZ  1 
ATOM   1300 N NH1 . ARG A 1 157 ? 2.632   4.167   14.281  1.00 18.50  ? 156 ARG A NH1 1 
ATOM   1301 N NH2 . ARG A 1 157 ? 1.979   5.149   12.314  1.00 16.81  ? 156 ARG A NH2 1 
ATOM   1302 N N   . LYS A 1 158 ? -2.376  2.221   17.905  1.00 16.31  ? 157 LYS A N   1 
ATOM   1303 C CA  . LYS A 1 158 ? -2.816  2.317   19.298  1.00 20.78  ? 157 LYS A CA  1 
ATOM   1304 C C   . LYS A 1 158 ? -2.233  3.558   19.918  1.00 21.22  ? 157 LYS A C   1 
ATOM   1305 O O   . LYS A 1 158 ? -1.111  3.918   19.595  1.00 21.33  ? 157 LYS A O   1 
ATOM   1306 C CB  . LYS A 1 158 ? -2.402  1.076   20.090  1.00 19.08  ? 157 LYS A CB  1 
ATOM   1307 C CG  . LYS A 1 158 ? -3.200  -0.189  19.686  1.00 19.43  ? 157 LYS A CG  1 
ATOM   1308 C CD  . LYS A 1 158 ? -2.957  -1.306  20.684  1.00 17.98  ? 157 LYS A CD  1 
ATOM   1309 C CE  . LYS A 1 158 ? -3.591  -2.599  20.259  1.00 20.78  ? 157 LYS A CE  1 
ATOM   1310 N NZ  . LYS A 1 158 ? -3.014  -3.737  21.017  1.00 21.13  ? 157 LYS A NZ  1 
ATOM   1311 N N   . LYS A 1 159 ? -3.005  4.237   20.768  1.00 26.26  ? 158 LYS A N   1 
ATOM   1312 C CA  . LYS A 1 159 ? -2.478  5.368   21.541  1.00 34.11  ? 158 LYS A CA  1 
ATOM   1313 C C   . LYS A 1 159 ? -1.608  4.863   22.696  1.00 31.39  ? 158 LYS A C   1 
ATOM   1314 O O   . LYS A 1 159 ? -1.879  3.818   23.268  1.00 26.02  ? 158 LYS A O   1 
ATOM   1315 C CB  . LYS A 1 159 ? -3.610  6.246   22.110  1.00 41.84  ? 158 LYS A CB  1 
ATOM   1316 C CG  . LYS A 1 159 ? -4.625  6.752   21.097  1.00 50.83  ? 158 LYS A CG  1 
ATOM   1317 C CD  . LYS A 1 159 ? -4.007  7.733   20.084  1.00 54.77  ? 158 LYS A CD  1 
ATOM   1318 C CE  . LYS A 1 159 ? -5.044  8.190   19.063  1.00 57.05  ? 158 LYS A CE  1 
ATOM   1319 N NZ  . LYS A 1 159 ? -4.442  8.950   17.934  1.00 58.06  ? 158 LYS A NZ  1 
ATOM   1320 N N   . LEU A 1 160 ? -0.577  5.625   23.042  1.00 27.80  ? 159 LEU A N   1 
ATOM   1321 C CA  . LEU A 1 160 ? 0.276   5.291   24.165  1.00 34.33  ? 159 LEU A CA  1 
ATOM   1322 C C   . LEU A 1 160 ? -0.284  5.954   25.414  1.00 32.82  ? 159 LEU A C   1 
ATOM   1323 O O   . LEU A 1 160 ? -0.336  7.177   25.484  1.00 30.52  ? 159 LEU A O   1 
ATOM   1324 C CB  . LEU A 1 160 ? 1.706   5.751   23.902  1.00 40.72  ? 159 LEU A CB  1 
ATOM   1325 C CG  . LEU A 1 160 ? 2.615   4.811   23.115  1.00 46.39  ? 159 LEU A CG  1 
ATOM   1326 C CD1 . LEU A 1 160 ? 3.914   5.511   22.751  1.00 51.31  ? 159 LEU A CD1 1 
ATOM   1327 C CD2 . LEU A 1 160 ? 2.910   3.578   23.946  1.00 43.46  ? 159 LEU A CD2 1 
ATOM   1328 N N   . VAL A 1 161 ? -0.737  5.157   26.376  1.00 27.79  ? 160 VAL A N   1 
ATOM   1329 C CA  . VAL A 1 161 ? -1.341  5.699   27.603  1.00 27.42  ? 160 VAL A CA  1 
ATOM   1330 C C   . VAL A 1 161 ? -0.626  5.135   28.842  1.00 26.68  ? 160 VAL A C   1 
ATOM   1331 O O   . VAL A 1 161 ? -0.040  4.032   28.773  1.00 26.24  ? 160 VAL A O   1 
ATOM   1332 C CB  . VAL A 1 161 ? -2.818  5.355   27.680  1.00 30.40  ? 160 VAL A CB  1 
ATOM   1333 C CG1 . VAL A 1 161 ? -3.570  6.050   26.559  1.00 35.07  ? 160 VAL A CG1 1 
ATOM   1334 C CG2 . VAL A 1 161 ? -3.008  3.809   27.615  1.00 26.00  ? 160 VAL A CG2 1 
ATOM   1335 N N   . PRO A 1 162 ? -0.656  5.884   29.967  1.00 25.33  ? 161 PRO A N   1 
ATOM   1336 C CA  . PRO A 1 162 ? -0.003  5.394   31.201  1.00 33.58  ? 161 PRO A CA  1 
ATOM   1337 C C   . PRO A 1 162 ? -0.706  4.162   31.779  1.00 35.15  ? 161 PRO A C   1 
ATOM   1338 O O   . PRO A 1 162 ? -1.910  4.226   31.973  1.00 36.05  ? 161 PRO A O   1 
ATOM   1339 C CB  . PRO A 1 162 ? -0.118  6.583   32.179  1.00 32.78  ? 161 PRO A CB  1 
ATOM   1340 C CG  . PRO A 1 162 ? -0.464  7.778   31.331  1.00 32.84  ? 161 PRO A CG  1 
ATOM   1341 C CD  . PRO A 1 162 ? -1.174  7.256   30.114  1.00 25.40  ? 161 PRO A CD  1 
ATOM   1342 N N   . ARG A 1 163 ? 0.040   3.088   32.048  1.00 37.42  ? 162 ARG A N   1 
ATOM   1343 C CA  . ARG A 1 163 ? -0.495  1.799   32.555  1.00 41.75  ? 162 ARG A CA  1 
ATOM   1344 C C   . ARG A 1 163 ? -1.397  1.100   31.582  1.00 47.89  ? 162 ARG A C   1 
ATOM   1345 O O   . ARG A 1 163 ? -2.598  1.358   31.569  1.00 56.84  ? 162 ARG A O   1 
ATOM   1346 C CB  . ARG A 1 163 ? -1.254  1.988   33.872  1.00 41.35  ? 162 ARG A CB  1 
ATOM   1347 C CG  . ARG A 1 163 ? -0.474  1.476   35.085  1.00 43.26  ? 162 ARG A CG  1 
ATOM   1348 C CD  . ARG A 1 163 ? 0.996   1.344   34.728  1.00 41.33  ? 162 ARG A CD  1 
HETATM 1349 P PA  . NAP B 2 .   ? 9.735   2.477   -4.394  1.00 23.96  ? 201 NAP A PA  1 
HETATM 1350 O O1A . NAP B 2 .   ? 9.686   2.860   -2.937  1.00 19.46  ? 201 NAP A O1A 1 
HETATM 1351 O O2A . NAP B 2 .   ? 8.497   2.140   -5.165  1.00 21.88  ? 201 NAP A O2A 1 
HETATM 1352 O O5B . NAP B 2 .   ? 10.500  3.655   -5.170  1.00 28.53  ? 201 NAP A O5B 1 
HETATM 1353 C C5B . NAP B 2 .   ? 11.639  4.249   -4.561  1.00 27.71  ? 201 NAP A C5B 1 
HETATM 1354 C C4B . NAP B 2 .   ? 11.940  5.536   -5.294  1.00 29.27  ? 201 NAP A C4B 1 
HETATM 1355 O O4B . NAP B 2 .   ? 11.066  6.551   -4.798  1.00 24.97  ? 201 NAP A O4B 1 
HETATM 1356 C C3B . NAP B 2 .   ? 13.333  6.064   -4.997  1.00 32.72  ? 201 NAP A C3B 1 
HETATM 1357 O O3B . NAP B 2 .   ? 14.314  5.456   -5.844  1.00 25.21  ? 201 NAP A O3B 1 
HETATM 1358 C C2B . NAP B 2 .   ? 13.140  7.536   -5.272  1.00 33.75  ? 201 NAP A C2B 1 
HETATM 1359 O O2B . NAP B 2 .   ? 13.029  7.711   -6.676  1.00 34.27  ? 201 NAP A O2B 1 
HETATM 1360 C C1B . NAP B 2 .   ? 11.744  7.797   -4.730  1.00 28.84  ? 201 NAP A C1B 1 
HETATM 1361 N N9A . NAP B 2 .   ? 11.807  8.233   -3.326  1.00 24.69  ? 201 NAP A N9A 1 
HETATM 1362 C C8A . NAP B 2 .   ? 11.648  7.461   -2.230  1.00 28.33  ? 201 NAP A C8A 1 
HETATM 1363 N N7A . NAP B 2 .   ? 11.770  8.198   -1.095  1.00 28.95  ? 201 NAP A N7A 1 
HETATM 1364 C C5A . NAP B 2 .   ? 12.011  9.476   -1.464  1.00 30.11  ? 201 NAP A C5A 1 
HETATM 1365 C C6A . NAP B 2 .   ? 12.237  10.773  -0.783  1.00 27.76  ? 201 NAP A C6A 1 
HETATM 1366 N N6A . NAP B 2 .   ? 12.239  10.893  0.571   1.00 34.78  ? 201 NAP A N6A 1 
HETATM 1367 N N1A . NAP B 2 .   ? 12.447  11.859  -1.563  1.00 34.74  ? 201 NAP A N1A 1 
HETATM 1368 C C2A . NAP B 2 .   ? 12.447  11.786  -2.906  1.00 30.35  ? 201 NAP A C2A 1 
HETATM 1369 N N3A . NAP B 2 .   ? 12.252  10.648  -3.593  1.00 31.29  ? 201 NAP A N3A 1 
HETATM 1370 C C4A . NAP B 2 .   ? 12.028  9.486   -2.937  1.00 31.26  ? 201 NAP A C4A 1 
HETATM 1371 O O3  . NAP B 2 .   ? 10.824  1.331   -4.744  1.00 32.48  ? 201 NAP A O3  1 
HETATM 1372 P PN  . NAP B 2 .   ? 11.128  -0.019  -3.946  1.00 30.71  ? 201 NAP A PN  1 
HETATM 1373 O O1N . NAP B 2 .   ? 12.187  -0.801  -4.693  1.00 40.02  ? 201 NAP A O1N 1 
HETATM 1374 O O2N . NAP B 2 .   ? 11.375  0.329   -2.516  1.00 24.54  ? 201 NAP A O2N 1 
HETATM 1375 O O5D . NAP B 2 .   ? 9.738   -0.853  -4.099  1.00 26.13  ? 201 NAP A O5D 1 
HETATM 1376 C C5D . NAP B 2 .   ? 9.297   -1.418  -5.335  1.00 21.84  ? 201 NAP A C5D 1 
HETATM 1377 C C4D . NAP B 2 .   ? 8.550   -2.734  -5.125  1.00 37.96  ? 201 NAP A C4D 1 
HETATM 1378 O O4D . NAP B 2 .   ? 7.412   -2.592  -4.259  1.00 41.77  ? 201 NAP A O4D 1 
HETATM 1379 C C3D . NAP B 2 .   ? 8.023   -3.330  -6.433  1.00 29.46  ? 201 NAP A C3D 1 
HETATM 1380 O O3D . NAP B 2 .   ? 8.404   -4.705  -6.518  1.00 30.62  ? 201 NAP A O3D 1 
HETATM 1381 C C2D . NAP B 2 .   ? 6.527   -3.368  -6.286  1.00 30.04  ? 201 NAP A C2D 1 
HETATM 1382 O O2D . NAP B 2 .   ? 6.000   -4.546  -6.909  1.00 31.62  ? 201 NAP A O2D 1 
HETATM 1383 C C1D . NAP B 2 .   ? 6.371   -3.421  -4.781  1.00 21.49  ? 201 NAP A C1D 1 
HETATM 1384 N N1N . NAP B 2 .   ? 5.021   -2.989  -4.419  1.00 32.25  ? 201 NAP A N1N 1 
HETATM 1385 C C2N . NAP B 2 .   ? 4.238   -3.848  -3.751  1.00 28.13  ? 201 NAP A C2N 1 
HETATM 1386 C C3N . NAP B 2 .   ? 2.944   -3.503  -3.369  1.00 33.75  ? 201 NAP A C3N 1 
HETATM 1387 C C7N . NAP B 2 .   ? 2.076   -4.482  -2.608  1.00 31.68  ? 201 NAP A C7N 1 
HETATM 1388 O O7N . NAP B 2 .   ? 0.988   -4.114  -2.147  1.00 20.34  ? 201 NAP A O7N 1 
HETATM 1389 N N7N . NAP B 2 .   ? 2.524   -5.738  -2.466  1.00 10.13  ? 201 NAP A N7N 1 
HETATM 1390 C C4N . NAP B 2 .   ? 2.476   -2.246  -3.732  1.00 39.88  ? 201 NAP A C4N 1 
HETATM 1391 C C5N . NAP B 2 .   ? 3.306   -1.381  -4.442  1.00 32.74  ? 201 NAP A C5N 1 
HETATM 1392 C C6N . NAP B 2 .   ? 4.592   -1.776  -4.770  1.00 35.26  ? 201 NAP A C6N 1 
HETATM 1393 P P2B . NAP B 2 .   ? 14.223  8.325   -7.597  1.00 31.01  ? 201 NAP A P2B 1 
HETATM 1394 O O1X . NAP B 2 .   ? 15.247  7.206   -7.588  1.00 27.50  ? 201 NAP A O1X 1 
HETATM 1395 O O2X . NAP B 2 .   ? 13.538  8.497   -8.939  1.00 32.31  ? 201 NAP A O2X 1 
HETATM 1396 O O3X . NAP B 2 .   ? 14.583  9.598   -6.884  1.00 20.10  ? 201 NAP A O3X 1 
HETATM 1397 C C1  . GOL C 3 .   ? 5.732   -9.103  11.768  1.00 43.34  ? 202 GOL A C1  1 
HETATM 1398 O O1  . GOL C 3 .   ? 6.577   -7.971  11.529  1.00 32.03  ? 202 GOL A O1  1 
HETATM 1399 C C2  . GOL C 3 .   ? 4.477   -8.990  10.911  1.00 46.27  ? 202 GOL A C2  1 
HETATM 1400 O O2  . GOL C 3 .   ? 4.549   -9.929  9.833   1.00 49.27  ? 202 GOL A O2  1 
HETATM 1401 C C3  . GOL C 3 .   ? 3.251   -9.289  11.765  1.00 46.85  ? 202 GOL A C3  1 
HETATM 1402 O O3  . GOL C 3 .   ? 2.156   -9.652  10.917  1.00 47.75  ? 202 GOL A O3  1 
HETATM 1403 C C1  . GOL D 3 .   ? 5.022   1.078   13.049  1.00 40.87  ? 203 GOL A C1  1 
HETATM 1404 O O1  . GOL D 3 .   ? 5.201   2.206   13.912  1.00 28.28  ? 203 GOL A O1  1 
HETATM 1405 C C2  . GOL D 3 .   ? 5.680   -0.148  13.672  1.00 43.35  ? 203 GOL A C2  1 
HETATM 1406 O O2  . GOL D 3 .   ? 6.609   -0.714  12.741  1.00 40.91  ? 203 GOL A O2  1 
HETATM 1407 C C3  . GOL D 3 .   ? 4.611   -1.180  14.014  1.00 32.90  ? 203 GOL A C3  1 
HETATM 1408 O O3  . GOL D 3 .   ? 5.006   -1.904  15.185  1.00 19.38  ? 203 GOL A O3  1 
HETATM 1409 O O   . HOH E 4 .   ? 0.329   -9.491  9.813   1.00 23.12  ? 301 HOH A O   1 
HETATM 1410 O O   . HOH E 4 .   ? 6.349   -8.090  19.731  1.00 52.36  ? 302 HOH A O   1 
HETATM 1411 O O   . HOH E 4 .   ? 11.678  -3.251  -7.005  1.00 36.54  ? 303 HOH A O   1 
HETATM 1412 O O   . HOH E 4 .   ? 12.173  1.554   -12.291 1.00 62.73  ? 304 HOH A O   1 
HETATM 1413 O O   . HOH E 4 .   ? 8.424   6.926   -16.899 1.00 45.17  ? 305 HOH A O   1 
HETATM 1414 O O   . HOH E 4 .   ? 0.003   -1.178  -2.256  1.00 31.52  ? 306 HOH A O   1 
HETATM 1415 O O   . HOH E 4 .   ? 7.658   -10.966 -10.076 1.00 38.25  ? 307 HOH A O   1 
HETATM 1416 O O   . HOH E 4 .   ? 3.400   -14.605 9.139   1.00 46.75  ? 308 HOH A O   1 
HETATM 1417 O O   . HOH E 4 .   ? -12.723 -7.704  -3.154  1.00 40.14  ? 309 HOH A O   1 
HETATM 1418 O O   . HOH E 4 .   ? -9.877  1.343   20.531  1.00 30.08  ? 310 HOH A O   1 
HETATM 1419 O O   . HOH E 4 .   ? -6.849  -11.491 11.670  1.00 26.89  ? 311 HOH A O   1 
HETATM 1420 O O   . HOH E 4 .   ? -7.403  12.532  -1.814  1.00 28.63  ? 312 HOH A O   1 
HETATM 1421 O O   . HOH E 4 .   ? -8.959  4.967   6.773   1.00 15.10  ? 313 HOH A O   1 
HETATM 1422 O O   . HOH E 4 .   ? 15.486  -10.023 -7.301  1.00 13.63  ? 314 HOH A O   1 
HETATM 1423 O O   . HOH E 4 .   ? 14.209  3.238   3.683   1.00 38.26  ? 315 HOH A O   1 
HETATM 1424 O O   . HOH E 4 .   ? -10.382 11.890  -0.680  1.00 24.02  ? 316 HOH A O   1 
HETATM 1425 O O   . HOH E 4 .   ? -4.950  14.681  -2.652  1.00 24.67  ? 317 HOH A O   1 
HETATM 1426 O O   . HOH E 4 .   ? 7.862   18.716  -4.414  1.00 44.37  ? 318 HOH A O   1 
HETATM 1427 O O   . HOH E 4 .   ? -2.238  -7.582  -4.255  1.00 12.19  ? 319 HOH A O   1 
HETATM 1428 O O   . HOH E 4 .   ? -0.314  8.538   -18.516 1.00 45.05  ? 320 HOH A O   1 
HETATM 1429 O O   . HOH E 4 .   ? -13.577 4.763   -2.845  1.00 36.62  ? 321 HOH A O   1 
HETATM 1430 O O   . HOH E 4 .   ? -14.625 -11.800 -7.387  1.00 39.85  ? 322 HOH A O   1 
HETATM 1431 O O   . HOH E 4 .   ? -1.633  -15.436 8.956   1.00 33.90  ? 323 HOH A O   1 
HETATM 1432 O O   . HOH E 4 .   ? 10.786  -5.898  -6.675  1.00 22.19  ? 324 HOH A O   1 
HETATM 1433 O O   . HOH E 4 .   ? -9.616  -19.223 3.229   1.00 20.03  ? 325 HOH A O   1 
HETATM 1434 O O   . HOH E 4 .   ? -15.122 -13.592 4.850   1.00 18.64  ? 326 HOH A O   1 
HETATM 1435 O O   . HOH E 4 .   ? -11.998 7.606   2.391   1.00 38.02  ? 327 HOH A O   1 
HETATM 1436 O O   . HOH E 4 .   ? 9.457   -11.981 -12.484 1.00 40.18  ? 328 HOH A O   1 
HETATM 1437 O O   . HOH E 4 .   ? 2.461   -6.715  -10.524 1.00 24.07  ? 329 HOH A O   1 
HETATM 1438 O O   . HOH E 4 .   ? 8.005   -15.352 1.709   1.00 11.90  ? 330 HOH A O   1 
HETATM 1439 O O   . HOH E 4 .   ? -11.864 4.433   0.991   1.00 19.98  ? 331 HOH A O   1 
HETATM 1440 O O   . HOH E 4 .   ? 0.816   2.160   18.992  1.00 26.54  ? 332 HOH A O   1 
HETATM 1441 O O   . HOH E 4 .   ? -10.803 -5.638  6.905   1.00 12.46  ? 333 HOH A O   1 
HETATM 1442 O O   . HOH E 4 .   ? 5.130   6.821   15.443  1.00 41.25  ? 334 HOH A O   1 
HETATM 1443 O O   . HOH E 4 .   ? -11.930 2.839   -10.343 1.00 29.47  ? 335 HOH A O   1 
HETATM 1444 O O   . HOH E 4 .   ? -13.537 -17.431 2.985   1.00 35.35  ? 336 HOH A O   1 
HETATM 1445 O O   . HOH E 4 .   ? 15.816  -3.981  3.191   1.00 44.92  ? 337 HOH A O   1 
HETATM 1446 O O   . HOH E 4 .   ? 4.954   -1.875  21.853  1.00 40.77  ? 338 HOH A O   1 
HETATM 1447 O O   . HOH E 4 .   ? -1.053  -3.304  22.996  1.00 39.61  ? 339 HOH A O   1 
HETATM 1448 O O   . HOH E 4 .   ? -6.298  3.525   18.175  1.00 30.79  ? 340 HOH A O   1 
HETATM 1449 O O   . HOH E 4 .   ? -12.389 -1.220  9.448   1.00 16.99  ? 341 HOH A O   1 
HETATM 1450 O O   . HOH E 4 .   ? 5.815   -15.525 -7.563  1.00 32.63  ? 342 HOH A O   1 
HETATM 1451 O O   . HOH E 4 .   ? -4.558  6.312   16.479  1.00 32.35  ? 343 HOH A O   1 
HETATM 1452 O O   . HOH E 4 .   ? -9.071  -16.655 2.304   1.00 10.30  ? 344 HOH A O   1 
HETATM 1453 O O   . HOH E 4 .   ? -3.888  -5.820  18.217  1.00 27.60  ? 345 HOH A O   1 
HETATM 1454 O O   . HOH E 4 .   ? 7.168   -1.146  18.775  1.00 34.78  ? 346 HOH A O   1 
HETATM 1455 O O   . HOH E 4 .   ? -10.044 -13.018 9.993   1.00 29.56  ? 347 HOH A O   1 
HETATM 1456 O O   . HOH E 4 .   ? -10.533 -4.436  19.520  1.00 43.18  ? 348 HOH A O   1 
HETATM 1457 O O   . HOH E 4 .   ? 11.846  13.553  1.665   1.00 35.97  ? 349 HOH A O   1 
HETATM 1458 O O   . HOH E 4 .   ? 9.002   1.239   13.025  1.00 55.49  ? 350 HOH A O   1 
HETATM 1459 O O   . HOH E 4 .   ? -5.446  -16.920 -7.546  1.00 37.78  ? 351 HOH A O   1 
HETATM 1460 O O   . HOH E 4 .   ? 8.183   -14.712 -6.727  1.00 23.06  ? 352 HOH A O   1 
HETATM 1461 O O   . HOH E 4 .   ? -13.648 -11.359 -1.016  1.00 38.43  ? 353 HOH A O   1 
HETATM 1462 O O   . HOH E 4 .   ? -11.423 6.875   -16.119 1.00 41.74  ? 354 HOH A O   1 
HETATM 1463 O O   . HOH E 4 .   ? 14.406  -5.858  0.359   1.00 25.91  ? 355 HOH A O   1 
HETATM 1464 O O   . HOH E 4 .   ? -13.564 -19.085 0.239   1.00 30.99  ? 356 HOH A O   1 
HETATM 1465 O O   . HOH E 4 .   ? -14.651 6.271   -1.100  1.00 58.23  ? 357 HOH A O   1 
HETATM 1466 O O   . HOH E 4 .   ? -12.146 -12.317 -9.429  1.00 48.04  ? 358 HOH A O   1 
HETATM 1467 O O   . HOH E 4 .   ? -13.962 11.398  -3.703  1.00 32.83  ? 359 HOH A O   1 
HETATM 1468 O O   . HOH E 4 .   ? -14.453 -14.314 -9.541  1.00 43.10  ? 360 HOH A O   1 
HETATM 1469 O O   . HOH E 4 .   ? -7.008  -0.240  -8.789  1.00 29.65  ? 361 HOH A O   1 
HETATM 1470 O O   . HOH E 4 .   ? 10.937  -3.046  4.851   1.00 13.05  ? 362 HOH A O   1 
HETATM 1471 O O   . HOH E 4 .   ? -11.066 -7.016  15.758  1.00 13.08  ? 363 HOH A O   1 
HETATM 1472 O O   . HOH E 4 .   ? -14.224 -11.465 1.716   1.00 39.36  ? 364 HOH A O   1 
HETATM 1473 O O   . HOH E 4 .   ? 7.208   -17.371 -5.145  1.00 16.77  ? 365 HOH A O   1 
HETATM 1474 O O   . HOH E 4 .   ? -5.117  -4.039  1.400   1.00 21.97  ? 366 HOH A O   1 
HETATM 1475 O O   . HOH E 4 .   ? 0.409   -16.250 -8.055  1.00 27.48  ? 367 HOH A O   1 
HETATM 1476 O O   . HOH E 4 .   ? 14.812  -13.507 -3.398  1.00 17.74  ? 368 HOH A O   1 
HETATM 1477 O O   . HOH E 4 .   ? -6.826  -5.617  18.098  1.00 18.66  ? 369 HOH A O   1 
HETATM 1478 O O   . HOH E 4 .   ? 5.106   1.660   16.671  1.00 34.86  ? 370 HOH A O   1 
HETATM 1479 O O   . HOH E 4 .   ? -14.505 -14.016 -5.616  1.00 42.06  ? 371 HOH A O   1 
HETATM 1480 O O   . HOH E 4 .   ? -3.589  -4.570  -1.296  1.00 13.11  ? 372 HOH A O   1 
HETATM 1481 O O   . HOH E 4 .   ? 8.472   5.177   9.397   1.00 26.31  ? 373 HOH A O   1 
HETATM 1482 O O   . HOH E 4 .   ? 9.842   -0.750  -11.465 1.00 33.36  ? 374 HOH A O   1 
HETATM 1483 O O   . HOH E 4 .   ? 6.863   14.090  -20.490 1.00 42.54  ? 375 HOH A O   1 
HETATM 1484 O O   . HOH E 4 .   ? -8.912  8.423   -14.620 1.00 31.23  ? 376 HOH A O   1 
HETATM 1485 O O   . HOH E 4 .   ? 2.497   -8.984  16.401  1.00 35.50  ? 377 HOH A O   1 
HETATM 1486 O O   . HOH E 4 .   ? 1.537   15.756  -15.161 1.00 48.99  ? 378 HOH A O   1 
HETATM 1487 O O   . HOH E 4 .   ? 1.907   -11.418 8.685   1.00 46.58  ? 379 HOH A O   1 
HETATM 1488 O O   . HOH E 4 .   ? -12.469 1.628   6.618   1.00 32.52  ? 380 HOH A O   1 
HETATM 1489 O O   . HOH E 4 .   ? -2.365  -9.942  -8.581  1.00 26.01  ? 381 HOH A O   1 
HETATM 1490 O O   . HOH E 4 .   ? 10.214  -2.191  11.357  1.00 28.17  ? 382 HOH A O   1 
HETATM 1491 O O   . HOH E 4 .   ? -7.481  -4.288  4.071   1.00 8.99   ? 383 HOH A O   1 
HETATM 1492 O O   . HOH E 4 .   ? -0.267  7.955   21.351  1.00 42.41  ? 384 HOH A O   1 
HETATM 1493 O O   . HOH E 4 .   ? -8.080  -14.726 8.633   1.00 32.00  ? 385 HOH A O   1 
HETATM 1494 O O   . HOH E 4 .   ? -4.607  6.687   14.134  1.00 33.93  ? 386 HOH A O   1 
HETATM 1495 O O   . HOH E 4 .   ? -7.915  -16.067 4.969   1.00 19.00  ? 387 HOH A O   1 
HETATM 1496 O O   . HOH E 4 .   ? 0.077   6.570   19.021  1.00 40.69  ? 388 HOH A O   1 
HETATM 1497 O O   . HOH E 4 .   ? 12.705  8.935   -13.600 1.00 47.54  ? 389 HOH A O   1 
HETATM 1498 O O   . HOH E 4 .   ? -6.148  8.678   -13.012 1.00 42.40  ? 390 HOH A O   1 
HETATM 1499 O O   . HOH E 4 .   ? -3.220  -8.909  -6.355  1.00 16.70  ? 391 HOH A O   1 
HETATM 1500 O O   . HOH E 4 .   ? 9.827   -16.540 -8.216  1.00 27.53  ? 392 HOH A O   1 
HETATM 1501 O O   . HOH E 4 .   ? -1.700  -2.966  -2.889  1.00 28.67  ? 393 HOH A O   1 
HETATM 1502 O O   . HOH E 4 .   ? -9.542  -7.545  -10.568 1.00 39.04  ? 394 HOH A O   1 
HETATM 1503 O O   . HOH E 4 .   ? -13.793 -1.125  11.915  1.00 16.21  ? 395 HOH A O   1 
HETATM 1504 O O   . HOH E 4 .   ? 7.996   -2.449  15.346  1.00 34.94  ? 396 HOH A O   1 
HETATM 1505 O O   . HOH E 4 .   ? -1.856  13.844  3.848   1.00 37.83  ? 397 HOH A O   1 
HETATM 1506 O O   . HOH E 4 .   ? 14.478  0.166   1.026   1.00 34.30  ? 398 HOH A O   1 
HETATM 1507 O O   . HOH E 4 .   ? 14.932  -1.621  6.666   1.00 36.40  ? 399 HOH A O   1 
HETATM 1508 O O   . HOH E 4 .   ? -2.003  14.430  6.156   1.00 46.35  ? 400 HOH A O   1 
HETATM 1509 O O   . HOH E 4 .   ? 14.874  8.106   -11.680 1.00 37.88  ? 401 HOH A O   1 
HETATM 1510 O O   . HOH E 4 .   ? 12.165  -14.086 -0.190  1.00 15.63  ? 402 HOH A O   1 
HETATM 1511 O O   . HOH E 4 .   ? -1.688  19.353  -3.721  1.00 50.75  ? 403 HOH A O   1 
HETATM 1512 O O   . HOH E 4 .   ? -10.915 9.537   5.723   1.00 38.77  ? 404 HOH A O   1 
HETATM 1513 O O   . HOH E 4 .   ? 10.820  1.853   9.464   1.00 35.04  ? 405 HOH A O   1 
HETATM 1514 O O   . HOH E 4 .   ? -0.656  8.324   13.894  1.00 30.97  ? 406 HOH A O   1 
HETATM 1515 O O   . HOH E 4 .   ? -12.425 -14.266 10.318  1.00 32.21  ? 407 HOH A O   1 
HETATM 1516 O O   . HOH E 4 .   ? 2.752   3.467   17.346  1.00 24.88  ? 408 HOH A O   1 
HETATM 1517 O O   . HOH E 4 .   ? -11.195 4.240   3.610   1.00 33.32  ? 409 HOH A O   1 
HETATM 1518 O O   . HOH E 4 .   ? 2.604   -3.380  -8.980  1.00 43.08  ? 410 HOH A O   1 
HETATM 1519 O O   . HOH E 4 .   ? -8.564  -0.169  -11.338 1.00 45.03  ? 411 HOH A O   1 
HETATM 1520 O O   . HOH E 4 .   ? -8.471  2.708   17.142  1.00 50.64  ? 412 HOH A O   1 
HETATM 1521 O O   . HOH E 4 .   ? 10.778  -14.491 2.054   1.00 15.19  ? 413 HOH A O   1 
HETATM 1522 O O   . HOH E 4 .   ? 3.419   10.798  -20.238 1.00 53.22  ? 414 HOH A O   1 
HETATM 1523 O O   . HOH E 4 .   ? -5.872  -2.124  -8.505  1.00 40.87  ? 415 HOH A O   1 
HETATM 1524 O O   . HOH E 4 .   ? -4.153  19.782  -4.289  1.00 47.83  ? 416 HOH A O   1 
HETATM 1525 O O   . HOH E 4 .   ? -6.308  4.182   20.647  1.00 80.05  ? 417 HOH A O   1 
HETATM 1526 O O   . HOH E 4 .   ? -8.599  5.691   11.166  1.00 36.24  ? 418 HOH A O   1 
HETATM 1527 O O   . HOH E 4 .   ? -12.487 1.260   11.469  1.00 33.31  ? 419 HOH A O   1 
HETATM 1528 O O   . HOH E 4 .   ? -6.995  15.825  -3.610  1.00 34.31  ? 420 HOH A O   1 
HETATM 1529 O O   . HOH E 4 .   ? -15.200 -16.332 4.670   1.00 20.21  ? 421 HOH A O   1 
HETATM 1530 O O   . HOH E 4 .   ? 15.078  19.025  -15.004 1.00 31.19  ? 422 HOH A O   1 
HETATM 1531 O O   . HOH E 4 .   ? 1.792   -9.146  19.406  1.00 49.67  ? 423 HOH A O   1 
HETATM 1532 O O   . HOH E 4 .   ? -9.024  13.035  -5.325  1.00 41.41  ? 424 HOH A O   1 
HETATM 1533 O O   . HOH E 4 .   ? -0.666  -8.219  20.519  1.00 40.37  ? 425 HOH A O   1 
HETATM 1534 O O   . HOH E 4 .   ? -6.854  -3.990  20.612  1.00 60.60  ? 426 HOH A O   1 
HETATM 1535 O O   . HOH E 4 .   ? 5.055   -9.449  16.584  1.00 44.73  ? 427 HOH A O   1 
HETATM 1536 O O   . HOH E 4 .   ? -9.724  -3.769  5.182   1.00 17.87  ? 428 HOH A O   1 
HETATM 1537 O O   . HOH E 4 .   ? -1.672  -4.868  -4.535  1.00 26.55  ? 429 HOH A O   1 
HETATM 1538 O O   . HOH E 4 .   ? 1.613   9.111   14.902  1.00 52.73  ? 430 HOH A O   1 
HETATM 1539 O O   . HOH E 4 .   ? 7.065   -3.515  20.772  1.00 56.62  ? 431 HOH A O   1 
HETATM 1540 O O   . HOH E 4 .   ? -14.556 2.717   -10.510 1.00 42.22  ? 432 HOH A O   1 
HETATM 1541 O O   . HOH E 4 .   ? 12.862  -16.116 5.604   1.00 33.54  ? 433 HOH A O   1 
HETATM 1542 O O   . HOH E 4 .   ? 8.344   -4.828  15.118  1.00 37.26  ? 434 HOH A O   1 
HETATM 1543 O O   . HOH E 4 .   ? 6.966   -13.699 -8.955  1.00 35.98  ? 435 HOH A O   1 
HETATM 1544 O O   . HOH E 4 .   ? -13.713 -4.614  5.798   1.00 39.50  ? 436 HOH A O   1 
HETATM 1545 O O   . HOH E 4 .   ? -10.735 7.101   7.537   1.00 36.15  ? 437 HOH A O   1 
HETATM 1546 O O   . HOH E 4 .   ? 14.002  18.127  -6.248  1.00 58.55  ? 438 HOH A O   1 
HETATM 1547 O O   . HOH E 4 .   ? 11.871  -13.964 4.666   1.00 19.07  ? 439 HOH A O   1 
HETATM 1548 O O   . HOH E 4 .   ? 13.558  5.357   6.157   1.00 38.54  ? 440 HOH A O   1 
HETATM 1549 O O   . HOH E 4 .   ? -12.563 -5.303  3.614   1.00 42.06  ? 441 HOH A O   1 
HETATM 1550 O O   . HOH E 4 .   ? -11.524 3.988   10.338  1.00 42.06  ? 442 HOH A O   1 
HETATM 1551 O O   . HOH E 4 .   ? 2.278   6.212   19.489  1.00 54.46  ? 443 HOH A O   1 
HETATM 1552 O O   . HOH E 4 .   ? 0.544   -13.475 9.448   1.00 33.48  ? 444 HOH A O   1 
HETATM 1553 O O   . HOH E 4 .   ? 8.185   -5.849  18.363  1.00 45.38  ? 445 HOH A O   1 
HETATM 1554 O O   . HOH E 4 .   ? 11.606  -3.464  13.673  1.00 39.04  ? 446 HOH A O   1 
HETATM 1555 O O   . HOH E 4 .   ? 0.941   -2.849  -7.266  1.00 39.21  ? 447 HOH A O   1 
HETATM 1556 O O   . HOH E 4 .   ? 12.679  -1.501  9.493   1.00 43.88  ? 448 HOH A O   1 
HETATM 1557 O O   . HOH E 4 .   ? -1.044  -4.454  -10.127 1.00 47.52  ? 449 HOH A O   1 
# 
loop_
_pdbx_poly_seq_scheme.asym_id 
_pdbx_poly_seq_scheme.entity_id 
_pdbx_poly_seq_scheme.seq_id 
_pdbx_poly_seq_scheme.mon_id 
_pdbx_poly_seq_scheme.ndb_seq_num 
_pdbx_poly_seq_scheme.pdb_seq_num 
_pdbx_poly_seq_scheme.auth_seq_num 
_pdbx_poly_seq_scheme.pdb_mon_id 
_pdbx_poly_seq_scheme.auth_mon_id 
_pdbx_poly_seq_scheme.pdb_strand_id 
_pdbx_poly_seq_scheme.pdb_ins_code 
_pdbx_poly_seq_scheme.hetero 
A 1 1   MET 1   0   0   MET MET A . n 
A 1 2   THR 2   1   1   THR THR A . n 
A 1 3   LEU 3   2   2   LEU LEU A . n 
A 1 4   SER 4   3   3   SER SER A . n 
A 1 5   ILE 5   4   4   ILE ILE A . n 
A 1 6   LEU 6   5   5   LEU LEU A . n 
A 1 7   VAL 7   6   6   VAL VAL A . n 
A 1 8   ALA 8   7   7   ALA ALA A . n 
A 1 9   HIS 9   8   8   HIS HIS A . n 
A 1 10  ASP 10  9   9   ASP ASP A . n 
A 1 11  LEU 11  10  10  LEU LEU A . n 
A 1 12  GLN 12  11  11  GLN GLN A . n 
A 1 13  ARG 13  12  12  ARG ARG A . n 
A 1 14  VAL 14  13  13  VAL VAL A . n 
A 1 15  ILE 15  14  14  ILE ILE A . n 
A 1 16  GLY 16  15  15  GLY GLY A . n 
A 1 17  PHE 17  16  16  PHE PHE A . n 
A 1 18  GLU 18  17  17  GLU GLU A . n 
A 1 19  ASN 19  18  18  ASN ASN A . n 
A 1 20  GLN 20  19  19  GLN GLN A . n 
A 1 21  LEU 21  20  20  LEU LEU A . n 
A 1 22  PRO 22  21  21  PRO PRO A . n 
A 1 23  TRP 23  22  22  TRP TRP A . n 
A 1 24  HIS 24  23  23  HIS HIS A . n 
A 1 25  LEU 25  24  24  LEU LEU A . n 
A 1 26  PRO 26  25  25  PRO PRO A . n 
A 1 27  ASN 27  26  26  ASN ASN A . n 
A 1 28  ASP 28  27  27  ASP ASP A . n 
A 1 29  LEU 29  28  28  LEU LEU A . n 
A 1 30  LYS 30  29  29  LYS LYS A . n 
A 1 31  HIS 31  30  30  HIS HIS A . n 
A 1 32  VAL 32  31  31  VAL VAL A . n 
A 1 33  LYS 33  32  32  LYS LYS A . n 
A 1 34  LYS 34  33  33  LYS LYS A . n 
A 1 35  LEU 35  34  34  LEU LEU A . n 
A 1 36  SER 36  35  35  SER SER A . n 
A 1 37  THR 37  36  36  THR THR A . n 
A 1 38  GLY 38  37  37  GLY GLY A . n 
A 1 39  HIS 39  38  38  HIS HIS A . n 
A 1 40  THR 40  39  39  THR THR A . n 
A 1 41  LEU 41  40  40  LEU LEU A . n 
A 1 42  VAL 42  41  41  VAL VAL A . n 
A 1 43  MET 43  42  42  MET MET A . n 
A 1 44  GLY 44  43  43  GLY GLY A . n 
A 1 45  ARG 45  44  44  ARG ARG A . n 
A 1 46  LYS 46  45  45  LYS LYS A . n 
A 1 47  THR 47  46  46  THR THR A . n 
A 1 48  PHE 48  47  47  PHE PHE A . n 
A 1 49  GLU 49  48  48  GLU GLU A . n 
A 1 50  SER 50  49  49  SER SER A . n 
A 1 51  ILE 51  50  50  ILE ILE A . n 
A 1 52  GLY 52  51  51  GLY GLY A . n 
A 1 53  LYS 53  52  52  LYS LYS A . n 
A 1 54  PRO 54  53  53  PRO PRO A . n 
A 1 55  LEU 55  54  54  LEU LEU A . n 
A 1 56  PRO 56  55  55  PRO PRO A . n 
A 1 57  ASN 57  56  56  ASN ASN A . n 
A 1 58  ARG 58  57  57  ARG ARG A . n 
A 1 59  ARG 59  58  58  ARG ARG A . n 
A 1 60  ASN 60  59  59  ASN ASN A . n 
A 1 61  VAL 61  60  60  VAL VAL A . n 
A 1 62  VAL 62  61  61  VAL VAL A . n 
A 1 63  LEU 63  62  62  LEU LEU A . n 
A 1 64  THR 64  63  63  THR THR A . n 
A 1 65  SER 65  64  64  SER SER A . n 
A 1 66  ASP 66  65  65  ASP ASP A . n 
A 1 67  THR 67  66  66  THR THR A . n 
A 1 68  SER 68  67  67  SER SER A . n 
A 1 69  PHE 69  68  68  PHE PHE A . n 
A 1 70  ASN 70  69  69  ASN ASN A . n 
A 1 71  VAL 71  70  70  VAL VAL A . n 
A 1 72  GLU 72  71  71  GLU GLU A . n 
A 1 73  GLY 73  72  72  GLY GLY A . n 
A 1 74  VAL 74  73  73  VAL VAL A . n 
A 1 75  ASP 75  74  74  ASP ASP A . n 
A 1 76  VAL 76  75  75  VAL VAL A . n 
A 1 77  ILE 77  76  76  ILE ILE A . n 
A 1 78  HIS 78  77  77  HIS HIS A . n 
A 1 79  SER 79  78  78  SER SER A . n 
A 1 80  ILE 80  79  79  ILE ILE A . n 
A 1 81  GLU 81  80  80  GLU GLU A . n 
A 1 82  ASP 82  81  81  ASP ASP A . n 
A 1 83  ILE 83  82  82  ILE ILE A . n 
A 1 84  TYR 84  83  83  TYR TYR A . n 
A 1 85  GLN 85  84  84  GLN GLN A . n 
A 1 86  LEU 86  85  85  LEU LEU A . n 
A 1 87  PRO 87  86  86  PRO PRO A . n 
A 1 88  GLY 88  87  87  GLY GLY A . n 
A 1 89  HIS 89  88  88  HIS HIS A . n 
A 1 90  VAL 90  89  89  VAL VAL A . n 
A 1 91  PHE 91  90  90  PHE PHE A . n 
A 1 92  ILE 92  91  91  ILE ILE A . n 
A 1 93  PHE 93  92  92  PHE PHE A . n 
A 1 94  GLY 94  93  93  GLY GLY A . n 
A 1 95  GLY 95  94  94  GLY GLY A . n 
A 1 96  GLN 96  95  95  GLN GLN A . n 
A 1 97  THR 97  96  96  THR THR A . n 
A 1 98  LEU 98  97  97  LEU LEU A . n 
A 1 99  PHE 99  98  98  PHE PHE A . n 
A 1 100 GLU 100 99  99  GLU GLU A . n 
A 1 101 GLU 101 100 100 GLU GLU A . n 
A 1 102 MET 102 101 101 MET MET A . n 
A 1 103 ILE 103 102 102 ILE ILE A . n 
A 1 104 ASP 104 103 103 ASP ASP A . n 
A 1 105 LYS 105 104 104 LYS LYS A . n 
A 1 106 VAL 106 105 105 VAL VAL A . n 
A 1 107 ASP 107 106 106 ASP ASP A . n 
A 1 108 ASP 108 107 107 ASP ASP A . n 
A 1 109 MET 109 108 108 MET MET A . n 
A 1 110 TYR 110 109 109 TYR TYR A . n 
A 1 111 ILE 111 110 110 ILE ILE A . n 
A 1 112 THR 112 111 111 THR THR A . n 
A 1 113 VAL 113 112 112 VAL VAL A . n 
A 1 114 ILE 114 113 113 ILE ILE A . n 
A 1 115 GLU 115 114 114 GLU GLU A . n 
A 1 116 GLY 116 115 115 GLY GLY A . n 
A 1 117 LYS 117 116 116 LYS LYS A . n 
A 1 118 PHE 118 117 117 PHE PHE A . n 
A 1 119 ARG 119 118 118 ARG ARG A . n 
A 1 120 GLY 120 119 119 GLY GLY A . n 
A 1 121 ASP 121 120 120 ASP ASP A . n 
A 1 122 THR 122 121 121 THR THR A . n 
A 1 123 PHE 123 122 122 PHE PHE A . n 
A 1 124 PHE 124 123 123 PHE PHE A . n 
A 1 125 PRO 125 124 124 PRO PRO A . n 
A 1 126 PRO 126 125 125 PRO PRO A . n 
A 1 127 TYR 127 126 126 TYR TYR A . n 
A 1 128 THR 128 127 127 THR THR A . n 
A 1 129 PHE 129 128 128 PHE PHE A . n 
A 1 130 GLU 130 129 129 GLU GLU A . n 
A 1 131 ASP 131 130 130 ASP ASP A . n 
A 1 132 TRP 132 131 131 TRP TRP A . n 
A 1 133 GLU 133 132 132 GLU GLU A . n 
A 1 134 VAL 134 133 133 VAL VAL A . n 
A 1 135 ALA 135 134 134 ALA ALA A . n 
A 1 136 SER 136 135 135 SER SER A . n 
A 1 137 SER 137 136 136 SER SER A . n 
A 1 138 VAL 138 137 137 VAL VAL A . n 
A 1 139 GLU 139 138 138 GLU GLU A . n 
A 1 140 GLY 140 139 139 GLY GLY A . n 
A 1 141 LYS 141 140 140 LYS LYS A . n 
A 1 142 LEU 142 141 141 LEU LEU A . n 
A 1 143 ASP 143 142 142 ASP ASP A . n 
A 1 144 GLU 144 143 143 GLU GLU A . n 
A 1 145 LYS 145 144 144 LYS LYS A . n 
A 1 146 ASN 146 145 145 ASN ASN A . n 
A 1 147 THR 147 146 146 THR THR A . n 
A 1 148 ILE 148 147 147 ILE ILE A . n 
A 1 149 PRO 149 148 148 PRO PRO A . n 
A 1 150 HIS 150 149 149 HIS HIS A . n 
A 1 151 THR 151 150 150 THR THR A . n 
A 1 152 PHE 152 151 151 PHE PHE A . n 
A 1 153 LEU 153 152 152 LEU LEU A . n 
A 1 154 HIS 154 153 153 HIS HIS A . n 
A 1 155 LEU 155 154 154 LEU LEU A . n 
A 1 156 ILE 156 155 155 ILE ILE A . n 
A 1 157 ARG 157 156 156 ARG ARG A . n 
A 1 158 LYS 158 157 157 LYS LYS A . n 
A 1 159 LYS 159 158 158 LYS LYS A . n 
A 1 160 LEU 160 159 159 LEU LEU A . n 
A 1 161 VAL 161 160 160 VAL VAL A . n 
A 1 162 PRO 162 161 161 PRO PRO A . n 
A 1 163 ARG 163 162 162 ARG ARG A . n 
# 
loop_
_pdbx_nonpoly_scheme.asym_id 
_pdbx_nonpoly_scheme.entity_id 
_pdbx_nonpoly_scheme.mon_id 
_pdbx_nonpoly_scheme.ndb_seq_num 
_pdbx_nonpoly_scheme.pdb_seq_num 
_pdbx_nonpoly_scheme.auth_seq_num 
_pdbx_nonpoly_scheme.pdb_mon_id 
_pdbx_nonpoly_scheme.auth_mon_id 
_pdbx_nonpoly_scheme.pdb_strand_id 
_pdbx_nonpoly_scheme.pdb_ins_code 
B 2 NAP 1   201 201 NAP NAP A . 
C 3 GOL 1   202 401 GOL GOL A . 
D 3 GOL 1   203 501 GOL GOL A . 
E 4 HOH 1   301 160 HOH HOH A . 
E 4 HOH 2   302 63  HOH HOH A . 
E 4 HOH 3   303 142 HOH HOH A . 
E 4 HOH 4   304 119 HOH HOH A . 
E 4 HOH 5   305 133 HOH HOH A . 
E 4 HOH 6   306 9   HOH HOH A . 
E 4 HOH 7   307 77  HOH HOH A . 
E 4 HOH 8   308 136 HOH HOH A . 
E 4 HOH 9   309 144 HOH HOH A . 
E 4 HOH 10  310 152 HOH HOH A . 
E 4 HOH 11  311 44  HOH HOH A . 
E 4 HOH 12  312 17  HOH HOH A . 
E 4 HOH 13  313 19  HOH HOH A . 
E 4 HOH 14  314 16  HOH HOH A . 
E 4 HOH 15  315 108 HOH HOH A . 
E 4 HOH 16  316 14  HOH HOH A . 
E 4 HOH 17  317 22  HOH HOH A . 
E 4 HOH 18  318 85  HOH HOH A . 
E 4 HOH 19  319 5   HOH HOH A . 
E 4 HOH 20  320 137 HOH HOH A . 
E 4 HOH 21  321 55  HOH HOH A . 
E 4 HOH 22  322 81  HOH HOH A . 
E 4 HOH 23  323 75  HOH HOH A . 
E 4 HOH 24  324 71  HOH HOH A . 
E 4 HOH 25  325 66  HOH HOH A . 
E 4 HOH 26  326 35  HOH HOH A . 
E 4 HOH 27  327 59  HOH HOH A . 
E 4 HOH 28  328 105 HOH HOH A . 
E 4 HOH 29  329 42  HOH HOH A . 
E 4 HOH 30  330 12  HOH HOH A . 
E 4 HOH 31  331 31  HOH HOH A . 
E 4 HOH 32  332 125 HOH HOH A . 
E 4 HOH 33  333 24  HOH HOH A . 
E 4 HOH 34  334 89  HOH HOH A . 
E 4 HOH 35  335 158 HOH HOH A . 
E 4 HOH 36  336 98  HOH HOH A . 
E 4 HOH 37  337 149 HOH HOH A . 
E 4 HOH 38  338 114 HOH HOH A . 
E 4 HOH 39  339 91  HOH HOH A . 
E 4 HOH 40  340 39  HOH HOH A . 
E 4 HOH 41  341 6   HOH HOH A . 
E 4 HOH 42  342 50  HOH HOH A . 
E 4 HOH 43  343 45  HOH HOH A . 
E 4 HOH 44  344 2   HOH HOH A . 
E 4 HOH 45  345 23  HOH HOH A . 
E 4 HOH 46  346 94  HOH HOH A . 
E 4 HOH 47  347 95  HOH HOH A . 
E 4 HOH 48  348 121 HOH HOH A . 
E 4 HOH 49  349 139 HOH HOH A . 
E 4 HOH 50  350 107 HOH HOH A . 
E 4 HOH 51  351 37  HOH HOH A . 
E 4 HOH 52  352 30  HOH HOH A . 
E 4 HOH 53  353 129 HOH HOH A . 
E 4 HOH 54  354 102 HOH HOH A . 
E 4 HOH 55  355 43  HOH HOH A . 
E 4 HOH 56  356 76  HOH HOH A . 
E 4 HOH 57  357 96  HOH HOH A . 
E 4 HOH 58  358 46  HOH HOH A . 
E 4 HOH 59  359 62  HOH HOH A . 
E 4 HOH 60  360 97  HOH HOH A . 
E 4 HOH 61  361 33  HOH HOH A . 
E 4 HOH 62  362 10  HOH HOH A . 
E 4 HOH 63  363 1   HOH HOH A . 
E 4 HOH 64  364 56  HOH HOH A . 
E 4 HOH 65  365 70  HOH HOH A . 
E 4 HOH 66  366 8   HOH HOH A . 
E 4 HOH 67  367 141 HOH HOH A . 
E 4 HOH 68  368 64  HOH HOH A . 
E 4 HOH 69  369 28  HOH HOH A . 
E 4 HOH 70  370 34  HOH HOH A . 
E 4 HOH 71  371 61  HOH HOH A . 
E 4 HOH 72  372 154 HOH HOH A . 
E 4 HOH 73  373 40  HOH HOH A . 
E 4 HOH 74  374 87  HOH HOH A . 
E 4 HOH 75  375 110 HOH HOH A . 
E 4 HOH 76  376 60  HOH HOH A . 
E 4 HOH 77  377 51  HOH HOH A . 
E 4 HOH 78  378 109 HOH HOH A . 
E 4 HOH 79  379 18  HOH HOH A . 
E 4 HOH 80  380 47  HOH HOH A . 
E 4 HOH 81  381 53  HOH HOH A . 
E 4 HOH 82  382 32  HOH HOH A . 
E 4 HOH 83  383 4   HOH HOH A . 
E 4 HOH 84  384 122 HOH HOH A . 
E 4 HOH 85  385 126 HOH HOH A . 
E 4 HOH 86  386 83  HOH HOH A . 
E 4 HOH 87  387 26  HOH HOH A . 
E 4 HOH 88  388 52  HOH HOH A . 
E 4 HOH 89  389 159 HOH HOH A . 
E 4 HOH 90  390 99  HOH HOH A . 
E 4 HOH 91  391 13  HOH HOH A . 
E 4 HOH 92  392 54  HOH HOH A . 
E 4 HOH 93  393 153 HOH HOH A . 
E 4 HOH 94  394 101 HOH HOH A . 
E 4 HOH 95  395 3   HOH HOH A . 
E 4 HOH 96  396 57  HOH HOH A . 
E 4 HOH 97  397 131 HOH HOH A . 
E 4 HOH 98  398 93  HOH HOH A . 
E 4 HOH 99  399 90  HOH HOH A . 
E 4 HOH 100 400 132 HOH HOH A . 
E 4 HOH 101 401 86  HOH HOH A . 
E 4 HOH 102 402 20  HOH HOH A . 
E 4 HOH 103 403 146 HOH HOH A . 
E 4 HOH 104 404 115 HOH HOH A . 
E 4 HOH 105 405 38  HOH HOH A . 
E 4 HOH 106 406 36  HOH HOH A . 
E 4 HOH 107 407 79  HOH HOH A . 
E 4 HOH 108 408 49  HOH HOH A . 
E 4 HOH 109 409 58  HOH HOH A . 
E 4 HOH 110 410 135 HOH HOH A . 
E 4 HOH 111 411 84  HOH HOH A . 
E 4 HOH 112 412 112 HOH HOH A . 
E 4 HOH 113 413 21  HOH HOH A . 
E 4 HOH 114 414 92  HOH HOH A . 
E 4 HOH 115 415 88  HOH HOH A . 
E 4 HOH 116 416 140 HOH HOH A . 
E 4 HOH 117 417 145 HOH HOH A . 
E 4 HOH 118 418 156 HOH HOH A . 
E 4 HOH 119 419 80  HOH HOH A . 
E 4 HOH 120 420 100 HOH HOH A . 
E 4 HOH 121 421 65  HOH HOH A . 
E 4 HOH 122 422 73  HOH HOH A . 
E 4 HOH 123 423 117 HOH HOH A . 
E 4 HOH 124 424 72  HOH HOH A . 
E 4 HOH 125 425 118 HOH HOH A . 
E 4 HOH 126 426 124 HOH HOH A . 
E 4 HOH 127 427 130 HOH HOH A . 
E 4 HOH 128 428 27  HOH HOH A . 
E 4 HOH 129 429 11  HOH HOH A . 
E 4 HOH 130 430 150 HOH HOH A . 
E 4 HOH 131 431 134 HOH HOH A . 
E 4 HOH 132 432 151 HOH HOH A . 
E 4 HOH 133 433 103 HOH HOH A . 
E 4 HOH 134 434 161 HOH HOH A . 
E 4 HOH 135 435 82  HOH HOH A . 
E 4 HOH 136 436 48  HOH HOH A . 
E 4 HOH 137 437 78  HOH HOH A . 
E 4 HOH 138 438 138 HOH HOH A . 
E 4 HOH 139 439 67  HOH HOH A . 
E 4 HOH 140 440 116 HOH HOH A . 
E 4 HOH 141 441 147 HOH HOH A . 
E 4 HOH 142 442 157 HOH HOH A . 
E 4 HOH 143 443 123 HOH HOH A . 
E 4 HOH 144 444 68  HOH HOH A . 
E 4 HOH 145 445 162 HOH HOH A . 
E 4 HOH 146 446 106 HOH HOH A . 
E 4 HOH 147 447 128 HOH HOH A . 
E 4 HOH 148 448 113 HOH HOH A . 
E 4 HOH 149 449 104 HOH HOH A . 
# 
_pdbx_struct_assembly.id                   1 
_pdbx_struct_assembly.details              author_and_software_defined_assembly 
_pdbx_struct_assembly.method_details       PISA 
_pdbx_struct_assembly.oligomeric_details   monomeric 
_pdbx_struct_assembly.oligomeric_count     1 
# 
_pdbx_struct_assembly_gen.assembly_id       1 
_pdbx_struct_assembly_gen.oper_expression   1 
_pdbx_struct_assembly_gen.asym_id_list      A,B,C,D,E 
# 
_pdbx_struct_oper_list.id                   1 
_pdbx_struct_oper_list.type                 'identity operation' 
_pdbx_struct_oper_list.name                 1_555 
_pdbx_struct_oper_list.symmetry_operation   x,y,z 
_pdbx_struct_oper_list.matrix[1][1]         1.0000000000 
_pdbx_struct_oper_list.matrix[1][2]         0.0000000000 
_pdbx_struct_oper_list.matrix[1][3]         0.0000000000 
_pdbx_struct_oper_list.vector[1]            0.0000000000 
_pdbx_struct_oper_list.matrix[2][1]         0.0000000000 
_pdbx_struct_oper_list.matrix[2][2]         1.0000000000 
_pdbx_struct_oper_list.matrix[2][3]         0.0000000000 
_pdbx_struct_oper_list.vector[2]            0.0000000000 
_pdbx_struct_oper_list.matrix[3][1]         0.0000000000 
_pdbx_struct_oper_list.matrix[3][2]         0.0000000000 
_pdbx_struct_oper_list.matrix[3][3]         1.0000000000 
_pdbx_struct_oper_list.vector[3]            0.0000000000 
# 
loop_
_pdbx_audit_revision_history.ordinal 
_pdbx_audit_revision_history.data_content_type 
_pdbx_audit_revision_history.major_revision 
_pdbx_audit_revision_history.minor_revision 
_pdbx_audit_revision_history.revision_date 
1 'Structure model' 1 0 2020-06-17 
2 'Structure model' 1 1 2023-10-11 
# 
_pdbx_audit_revision_details.ordinal             1 
_pdbx_audit_revision_details.revision_ordinal    1 
_pdbx_audit_revision_details.data_content_type   'Structure model' 
_pdbx_audit_revision_details.provider            repository 
_pdbx_audit_revision_details.type                'Initial release' 
_pdbx_audit_revision_details.description         ? 
_pdbx_audit_revision_details.details             ? 
# 
loop_
_pdbx_audit_revision_group.ordinal 
_pdbx_audit_revision_group.revision_ordinal 
_pdbx_audit_revision_group.data_content_type 
_pdbx_audit_revision_group.group 
1 2 'Structure model' 'Data collection'        
2 2 'Structure model' 'Database references'    
3 2 'Structure model' 'Refinement description' 
# 
loop_
_pdbx_audit_revision_category.ordinal 
_pdbx_audit_revision_category.revision_ordinal 
_pdbx_audit_revision_category.data_content_type 
_pdbx_audit_revision_category.category 
1 2 'Structure model' chem_comp_atom                
2 2 'Structure model' chem_comp_bond                
3 2 'Structure model' database_2                    
4 2 'Structure model' pdbx_initial_refinement_model 
# 
loop_
_pdbx_audit_revision_item.ordinal 
_pdbx_audit_revision_item.revision_ordinal 
_pdbx_audit_revision_item.data_content_type 
_pdbx_audit_revision_item.item 
1 2 'Structure model' '_database_2.pdbx_DOI'                
2 2 'Structure model' '_database_2.pdbx_database_accession' 
# 
loop_
_space_group_symop.id 
_space_group_symop.operation_xyz 
1  x,y,z          
2  x-y,x,z+1/6    
3  y,-x+y,z+5/6   
4  -y,x-y,z+1/3   
5  -x+y,-x,z+2/3  
6  x-y,-y,-z      
7  -x,-x+y,-z+2/3 
8  -x,-y,z+1/2    
9  y,x,-z+1/3     
10 -y,-x,-z+5/6   
11 -x+y,y,-z+1/2  
12 x,x-y,-z+1/6   
# 
loop_
_software.citation_id 
_software.classification 
_software.compiler_name 
_software.compiler_version 
_software.contact_author 
_software.contact_author_email 
_software.date 
_software.description 
_software.dependencies 
_software.hardware 
_software.language 
_software.location 
_software.mods 
_software.name 
_software.os 
_software.os_version 
_software.type 
_software.version 
_software.pdbx_ordinal 
? refinement        ? ? ? ? ? ? ? ? ? ? ? PHENIX       ? ? ? 1.8.4_1496 1 
? 'data collection' ? ? ? ? ? ? ? ? ? ? ? CrystalClear ? ? ? .          2 
? 'data reduction'  ? ? ? ? ? ? ? ? ? ? ? d*TREK       ? ? ? .          3 
? 'data scaling'    ? ? ? ? ? ? ? ? ? ? ? d*TREK       ? ? ? .          4 
? phasing           ? ? ? ? ? ? ? ? ? ? ? PHASER       ? ? ? .          5 
# 
_pdbx_entry_details.entry_id                 6PRA 
_pdbx_entry_details.nonpolymer_details       ? 
_pdbx_entry_details.sequence_details         ? 
_pdbx_entry_details.compound_details         ? 
_pdbx_entry_details.source_details           ? 
_pdbx_entry_details.has_ligand_of_interest   N 
# 
_pdbx_validate_close_contact.id               1 
_pdbx_validate_close_contact.PDB_model_num    1 
_pdbx_validate_close_contact.auth_atom_id_1   O3 
_pdbx_validate_close_contact.auth_asym_id_1   A 
_pdbx_validate_close_contact.auth_comp_id_1   GOL 
_pdbx_validate_close_contact.auth_seq_id_1    202 
_pdbx_validate_close_contact.PDB_ins_code_1   ? 
_pdbx_validate_close_contact.label_alt_id_1   ? 
_pdbx_validate_close_contact.auth_atom_id_2   O 
_pdbx_validate_close_contact.auth_asym_id_2   A 
_pdbx_validate_close_contact.auth_comp_id_2   HOH 
_pdbx_validate_close_contact.auth_seq_id_2    301 
_pdbx_validate_close_contact.PDB_ins_code_2   ? 
_pdbx_validate_close_contact.label_alt_id_2   ? 
_pdbx_validate_close_contact.dist             2.14 
# 
loop_
_pdbx_validate_torsion.id 
_pdbx_validate_torsion.PDB_model_num 
_pdbx_validate_torsion.auth_comp_id 
_pdbx_validate_torsion.auth_asym_id 
_pdbx_validate_torsion.auth_seq_id 
_pdbx_validate_torsion.PDB_ins_code 
_pdbx_validate_torsion.label_alt_id 
_pdbx_validate_torsion.phi 
_pdbx_validate_torsion.psi 
1 1 HIS A 38 ? ? -125.88 -151.31 
2 1 ASN A 69 ? ? -160.03 88.95   
# 
_pdbx_distant_solvent_atoms.id                                1 
_pdbx_distant_solvent_atoms.PDB_model_num                     1 
_pdbx_distant_solvent_atoms.auth_atom_id                      O 
_pdbx_distant_solvent_atoms.label_alt_id                      ? 
_pdbx_distant_solvent_atoms.auth_asym_id                      A 
_pdbx_distant_solvent_atoms.auth_comp_id                      HOH 
_pdbx_distant_solvent_atoms.auth_seq_id                       449 
_pdbx_distant_solvent_atoms.PDB_ins_code                      ? 
_pdbx_distant_solvent_atoms.neighbor_macromolecule_distance   5.88 
_pdbx_distant_solvent_atoms.neighbor_ligand_distance          . 
# 
loop_
_pdbx_unobs_or_zero_occ_atoms.id 
_pdbx_unobs_or_zero_occ_atoms.PDB_model_num 
_pdbx_unobs_or_zero_occ_atoms.polymer_flag 
_pdbx_unobs_or_zero_occ_atoms.occupancy_flag 
_pdbx_unobs_or_zero_occ_atoms.auth_asym_id 
_pdbx_unobs_or_zero_occ_atoms.auth_comp_id 
_pdbx_unobs_or_zero_occ_atoms.auth_seq_id 
_pdbx_unobs_or_zero_occ_atoms.PDB_ins_code 
_pdbx_unobs_or_zero_occ_atoms.auth_atom_id 
_pdbx_unobs_or_zero_occ_atoms.label_alt_id 
_pdbx_unobs_or_zero_occ_atoms.label_asym_id 
_pdbx_unobs_or_zero_occ_atoms.label_comp_id 
_pdbx_unobs_or_zero_occ_atoms.label_seq_id 
_pdbx_unobs_or_zero_occ_atoms.label_atom_id 
1 1 Y 1 A ARG 162 ? NE  ? A ARG 163 NE  
2 1 Y 1 A ARG 162 ? CZ  ? A ARG 163 CZ  
3 1 Y 1 A ARG 162 ? NH1 ? A ARG 163 NH1 
4 1 Y 1 A ARG 162 ? NH2 ? A ARG 163 NH2 
# 
loop_
_chem_comp_atom.comp_id 
_chem_comp_atom.atom_id 
_chem_comp_atom.type_symbol 
_chem_comp_atom.pdbx_aromatic_flag 
_chem_comp_atom.pdbx_stereo_config 
_chem_comp_atom.pdbx_ordinal 
ALA N    N N N 1   
ALA CA   C N S 2   
ALA C    C N N 3   
ALA O    O N N 4   
ALA CB   C N N 5   
ALA OXT  O N N 6   
ALA H    H N N 7   
ALA H2   H N N 8   
ALA HA   H N N 9   
ALA HB1  H N N 10  
ALA HB2  H N N 11  
ALA HB3  H N N 12  
ALA HXT  H N N 13  
ARG N    N N N 14  
ARG CA   C N S 15  
ARG C    C N N 16  
ARG O    O N N 17  
ARG CB   C N N 18  
ARG CG   C N N 19  
ARG CD   C N N 20  
ARG NE   N N N 21  
ARG CZ   C N N 22  
ARG NH1  N N N 23  
ARG NH2  N N N 24  
ARG OXT  O N N 25  
ARG H    H N N 26  
ARG H2   H N N 27  
ARG HA   H N N 28  
ARG HB2  H N N 29  
ARG HB3  H N N 30  
ARG HG2  H N N 31  
ARG HG3  H N N 32  
ARG HD2  H N N 33  
ARG HD3  H N N 34  
ARG HE   H N N 35  
ARG HH11 H N N 36  
ARG HH12 H N N 37  
ARG HH21 H N N 38  
ARG HH22 H N N 39  
ARG HXT  H N N 40  
ASN N    N N N 41  
ASN CA   C N S 42  
ASN C    C N N 43  
ASN O    O N N 44  
ASN CB   C N N 45  
ASN CG   C N N 46  
ASN OD1  O N N 47  
ASN ND2  N N N 48  
ASN OXT  O N N 49  
ASN H    H N N 50  
ASN H2   H N N 51  
ASN HA   H N N 52  
ASN HB2  H N N 53  
ASN HB3  H N N 54  
ASN HD21 H N N 55  
ASN HD22 H N N 56  
ASN HXT  H N N 57  
ASP N    N N N 58  
ASP CA   C N S 59  
ASP C    C N N 60  
ASP O    O N N 61  
ASP CB   C N N 62  
ASP CG   C N N 63  
ASP OD1  O N N 64  
ASP OD2  O N N 65  
ASP OXT  O N N 66  
ASP H    H N N 67  
ASP H2   H N N 68  
ASP HA   H N N 69  
ASP HB2  H N N 70  
ASP HB3  H N N 71  
ASP HD2  H N N 72  
ASP HXT  H N N 73  
GLN N    N N N 74  
GLN CA   C N S 75  
GLN C    C N N 76  
GLN O    O N N 77  
GLN CB   C N N 78  
GLN CG   C N N 79  
GLN CD   C N N 80  
GLN OE1  O N N 81  
GLN NE2  N N N 82  
GLN OXT  O N N 83  
GLN H    H N N 84  
GLN H2   H N N 85  
GLN HA   H N N 86  
GLN HB2  H N N 87  
GLN HB3  H N N 88  
GLN HG2  H N N 89  
GLN HG3  H N N 90  
GLN HE21 H N N 91  
GLN HE22 H N N 92  
GLN HXT  H N N 93  
GLU N    N N N 94  
GLU CA   C N S 95  
GLU C    C N N 96  
GLU O    O N N 97  
GLU CB   C N N 98  
GLU CG   C N N 99  
GLU CD   C N N 100 
GLU OE1  O N N 101 
GLU OE2  O N N 102 
GLU OXT  O N N 103 
GLU H    H N N 104 
GLU H2   H N N 105 
GLU HA   H N N 106 
GLU HB2  H N N 107 
GLU HB3  H N N 108 
GLU HG2  H N N 109 
GLU HG3  H N N 110 
GLU HE2  H N N 111 
GLU HXT  H N N 112 
GLY N    N N N 113 
GLY CA   C N N 114 
GLY C    C N N 115 
GLY O    O N N 116 
GLY OXT  O N N 117 
GLY H    H N N 118 
GLY H2   H N N 119 
GLY HA2  H N N 120 
GLY HA3  H N N 121 
GLY HXT  H N N 122 
GOL C1   C N N 123 
GOL O1   O N N 124 
GOL C2   C N N 125 
GOL O2   O N N 126 
GOL C3   C N N 127 
GOL O3   O N N 128 
GOL H11  H N N 129 
GOL H12  H N N 130 
GOL HO1  H N N 131 
GOL H2   H N N 132 
GOL HO2  H N N 133 
GOL H31  H N N 134 
GOL H32  H N N 135 
GOL HO3  H N N 136 
HIS N    N N N 137 
HIS CA   C N S 138 
HIS C    C N N 139 
HIS O    O N N 140 
HIS CB   C N N 141 
HIS CG   C Y N 142 
HIS ND1  N Y N 143 
HIS CD2  C Y N 144 
HIS CE1  C Y N 145 
HIS NE2  N Y N 146 
HIS OXT  O N N 147 
HIS H    H N N 148 
HIS H2   H N N 149 
HIS HA   H N N 150 
HIS HB2  H N N 151 
HIS HB3  H N N 152 
HIS HD1  H N N 153 
HIS HD2  H N N 154 
HIS HE1  H N N 155 
HIS HE2  H N N 156 
HIS HXT  H N N 157 
HOH O    O N N 158 
HOH H1   H N N 159 
HOH H2   H N N 160 
ILE N    N N N 161 
ILE CA   C N S 162 
ILE C    C N N 163 
ILE O    O N N 164 
ILE CB   C N S 165 
ILE CG1  C N N 166 
ILE CG2  C N N 167 
ILE CD1  C N N 168 
ILE OXT  O N N 169 
ILE H    H N N 170 
ILE H2   H N N 171 
ILE HA   H N N 172 
ILE HB   H N N 173 
ILE HG12 H N N 174 
ILE HG13 H N N 175 
ILE HG21 H N N 176 
ILE HG22 H N N 177 
ILE HG23 H N N 178 
ILE HD11 H N N 179 
ILE HD12 H N N 180 
ILE HD13 H N N 181 
ILE HXT  H N N 182 
LEU N    N N N 183 
LEU CA   C N S 184 
LEU C    C N N 185 
LEU O    O N N 186 
LEU CB   C N N 187 
LEU CG   C N N 188 
LEU CD1  C N N 189 
LEU CD2  C N N 190 
LEU OXT  O N N 191 
LEU H    H N N 192 
LEU H2   H N N 193 
LEU HA   H N N 194 
LEU HB2  H N N 195 
LEU HB3  H N N 196 
LEU HG   H N N 197 
LEU HD11 H N N 198 
LEU HD12 H N N 199 
LEU HD13 H N N 200 
LEU HD21 H N N 201 
LEU HD22 H N N 202 
LEU HD23 H N N 203 
LEU HXT  H N N 204 
LYS N    N N N 205 
LYS CA   C N S 206 
LYS C    C N N 207 
LYS O    O N N 208 
LYS CB   C N N 209 
LYS CG   C N N 210 
LYS CD   C N N 211 
LYS CE   C N N 212 
LYS NZ   N N N 213 
LYS OXT  O N N 214 
LYS H    H N N 215 
LYS H2   H N N 216 
LYS HA   H N N 217 
LYS HB2  H N N 218 
LYS HB3  H N N 219 
LYS HG2  H N N 220 
LYS HG3  H N N 221 
LYS HD2  H N N 222 
LYS HD3  H N N 223 
LYS HE2  H N N 224 
LYS HE3  H N N 225 
LYS HZ1  H N N 226 
LYS HZ2  H N N 227 
LYS HZ3  H N N 228 
LYS HXT  H N N 229 
MET N    N N N 230 
MET CA   C N S 231 
MET C    C N N 232 
MET O    O N N 233 
MET CB   C N N 234 
MET CG   C N N 235 
MET SD   S N N 236 
MET CE   C N N 237 
MET OXT  O N N 238 
MET H    H N N 239 
MET H2   H N N 240 
MET HA   H N N 241 
MET HB2  H N N 242 
MET HB3  H N N 243 
MET HG2  H N N 244 
MET HG3  H N N 245 
MET HE1  H N N 246 
MET HE2  H N N 247 
MET HE3  H N N 248 
MET HXT  H N N 249 
NAP PA   P N R 250 
NAP O1A  O N N 251 
NAP O2A  O N N 252 
NAP O5B  O N N 253 
NAP C5B  C N N 254 
NAP C4B  C N R 255 
NAP O4B  O N N 256 
NAP C3B  C N R 257 
NAP O3B  O N N 258 
NAP C2B  C N R 259 
NAP O2B  O N N 260 
NAP C1B  C N R 261 
NAP N9A  N Y N 262 
NAP C8A  C Y N 263 
NAP N7A  N Y N 264 
NAP C5A  C Y N 265 
NAP C6A  C Y N 266 
NAP N6A  N N N 267 
NAP N1A  N Y N 268 
NAP C2A  C Y N 269 
NAP N3A  N Y N 270 
NAP C4A  C Y N 271 
NAP O3   O N N 272 
NAP PN   P N N 273 
NAP O1N  O N N 274 
NAP O2N  O N N 275 
NAP O5D  O N N 276 
NAP C5D  C N N 277 
NAP C4D  C N R 278 
NAP O4D  O N N 279 
NAP C3D  C N S 280 
NAP O3D  O N N 281 
NAP C2D  C N R 282 
NAP O2D  O N N 283 
NAP C1D  C N R 284 
NAP N1N  N Y N 285 
NAP C2N  C Y N 286 
NAP C3N  C Y N 287 
NAP C7N  C N N 288 
NAP O7N  O N N 289 
NAP N7N  N N N 290 
NAP C4N  C Y N 291 
NAP C5N  C Y N 292 
NAP C6N  C Y N 293 
NAP P2B  P N N 294 
NAP O1X  O N N 295 
NAP O2X  O N N 296 
NAP O3X  O N N 297 
NAP HOA2 H N N 298 
NAP H51A H N N 299 
NAP H52A H N N 300 
NAP H4B  H N N 301 
NAP H3B  H N N 302 
NAP HO3A H N N 303 
NAP H2B  H N N 304 
NAP H1B  H N N 305 
NAP H8A  H N N 306 
NAP H61A H N N 307 
NAP H62A H N N 308 
NAP H2A  H N N 309 
NAP H51N H N N 310 
NAP H52N H N N 311 
NAP H4D  H N N 312 
NAP H3D  H N N 313 
NAP HO3N H N N 314 
NAP H2D  H N N 315 
NAP HO2N H N N 316 
NAP H1D  H N N 317 
NAP H2N  H N N 318 
NAP H71N H N N 319 
NAP H72N H N N 320 
NAP H4N  H N N 321 
NAP H5N  H N N 322 
NAP H6N  H N N 323 
NAP HOP2 H N N 324 
NAP HOP3 H N N 325 
PHE N    N N N 326 
PHE CA   C N S 327 
PHE C    C N N 328 
PHE O    O N N 329 
PHE CB   C N N 330 
PHE CG   C Y N 331 
PHE CD1  C Y N 332 
PHE CD2  C Y N 333 
PHE CE1  C Y N 334 
PHE CE2  C Y N 335 
PHE CZ   C Y N 336 
PHE OXT  O N N 337 
PHE H    H N N 338 
PHE H2   H N N 339 
PHE HA   H N N 340 
PHE HB2  H N N 341 
PHE HB3  H N N 342 
PHE HD1  H N N 343 
PHE HD2  H N N 344 
PHE HE1  H N N 345 
PHE HE2  H N N 346 
PHE HZ   H N N 347 
PHE HXT  H N N 348 
PRO N    N N N 349 
PRO CA   C N S 350 
PRO C    C N N 351 
PRO O    O N N 352 
PRO CB   C N N 353 
PRO CG   C N N 354 
PRO CD   C N N 355 
PRO OXT  O N N 356 
PRO H    H N N 357 
PRO HA   H N N 358 
PRO HB2  H N N 359 
PRO HB3  H N N 360 
PRO HG2  H N N 361 
PRO HG3  H N N 362 
PRO HD2  H N N 363 
PRO HD3  H N N 364 
PRO HXT  H N N 365 
SER N    N N N 366 
SER CA   C N S 367 
SER C    C N N 368 
SER O    O N N 369 
SER CB   C N N 370 
SER OG   O N N 371 
SER OXT  O N N 372 
SER H    H N N 373 
SER H2   H N N 374 
SER HA   H N N 375 
SER HB2  H N N 376 
SER HB3  H N N 377 
SER HG   H N N 378 
SER HXT  H N N 379 
THR N    N N N 380 
THR CA   C N S 381 
THR C    C N N 382 
THR O    O N N 383 
THR CB   C N R 384 
THR OG1  O N N 385 
THR CG2  C N N 386 
THR OXT  O N N 387 
THR H    H N N 388 
THR H2   H N N 389 
THR HA   H N N 390 
THR HB   H N N 391 
THR HG1  H N N 392 
THR HG21 H N N 393 
THR HG22 H N N 394 
THR HG23 H N N 395 
THR HXT  H N N 396 
TRP N    N N N 397 
TRP CA   C N S 398 
TRP C    C N N 399 
TRP O    O N N 400 
TRP CB   C N N 401 
TRP CG   C Y N 402 
TRP CD1  C Y N 403 
TRP CD2  C Y N 404 
TRP NE1  N Y N 405 
TRP CE2  C Y N 406 
TRP CE3  C Y N 407 
TRP CZ2  C Y N 408 
TRP CZ3  C Y N 409 
TRP CH2  C Y N 410 
TRP OXT  O N N 411 
TRP H    H N N 412 
TRP H2   H N N 413 
TRP HA   H N N 414 
TRP HB2  H N N 415 
TRP HB3  H N N 416 
TRP HD1  H N N 417 
TRP HE1  H N N 418 
TRP HE3  H N N 419 
TRP HZ2  H N N 420 
TRP HZ3  H N N 421 
TRP HH2  H N N 422 
TRP HXT  H N N 423 
TYR N    N N N 424 
TYR CA   C N S 425 
TYR C    C N N 426 
TYR O    O N N 427 
TYR CB   C N N 428 
TYR CG   C Y N 429 
TYR CD1  C Y N 430 
TYR CD2  C Y N 431 
TYR CE1  C Y N 432 
TYR CE2  C Y N 433 
TYR CZ   C Y N 434 
TYR OH   O N N 435 
TYR OXT  O N N 436 
TYR H    H N N 437 
TYR H2   H N N 438 
TYR HA   H N N 439 
TYR HB2  H N N 440 
TYR HB3  H N N 441 
TYR HD1  H N N 442 
TYR HD2  H N N 443 
TYR HE1  H N N 444 
TYR HE2  H N N 445 
TYR HH   H N N 446 
TYR HXT  H N N 447 
VAL N    N N N 448 
VAL CA   C N S 449 
VAL C    C N N 450 
VAL O    O N N 451 
VAL CB   C N N 452 
VAL CG1  C N N 453 
VAL CG2  C N N 454 
VAL OXT  O N N 455 
VAL H    H N N 456 
VAL H2   H N N 457 
VAL HA   H N N 458 
VAL HB   H N N 459 
VAL HG11 H N N 460 
VAL HG12 H N N 461 
VAL HG13 H N N 462 
VAL HG21 H N N 463 
VAL HG22 H N N 464 
VAL HG23 H N N 465 
VAL HXT  H N N 466 
# 
loop_
_chem_comp_bond.comp_id 
_chem_comp_bond.atom_id_1 
_chem_comp_bond.atom_id_2 
_chem_comp_bond.value_order 
_chem_comp_bond.pdbx_aromatic_flag 
_chem_comp_bond.pdbx_stereo_config 
_chem_comp_bond.pdbx_ordinal 
ALA N   CA   sing N N 1   
ALA N   H    sing N N 2   
ALA N   H2   sing N N 3   
ALA CA  C    sing N N 4   
ALA CA  CB   sing N N 5   
ALA CA  HA   sing N N 6   
ALA C   O    doub N N 7   
ALA C   OXT  sing N N 8   
ALA CB  HB1  sing N N 9   
ALA CB  HB2  sing N N 10  
ALA CB  HB3  sing N N 11  
ALA OXT HXT  sing N N 12  
ARG N   CA   sing N N 13  
ARG N   H    sing N N 14  
ARG N   H2   sing N N 15  
ARG CA  C    sing N N 16  
ARG CA  CB   sing N N 17  
ARG CA  HA   sing N N 18  
ARG C   O    doub N N 19  
ARG C   OXT  sing N N 20  
ARG CB  CG   sing N N 21  
ARG CB  HB2  sing N N 22  
ARG CB  HB3  sing N N 23  
ARG CG  CD   sing N N 24  
ARG CG  HG2  sing N N 25  
ARG CG  HG3  sing N N 26  
ARG CD  NE   sing N N 27  
ARG CD  HD2  sing N N 28  
ARG CD  HD3  sing N N 29  
ARG NE  CZ   sing N N 30  
ARG NE  HE   sing N N 31  
ARG CZ  NH1  sing N N 32  
ARG CZ  NH2  doub N N 33  
ARG NH1 HH11 sing N N 34  
ARG NH1 HH12 sing N N 35  
ARG NH2 HH21 sing N N 36  
ARG NH2 HH22 sing N N 37  
ARG OXT HXT  sing N N 38  
ASN N   CA   sing N N 39  
ASN N   H    sing N N 40  
ASN N   H2   sing N N 41  
ASN CA  C    sing N N 42  
ASN CA  CB   sing N N 43  
ASN CA  HA   sing N N 44  
ASN C   O    doub N N 45  
ASN C   OXT  sing N N 46  
ASN CB  CG   sing N N 47  
ASN CB  HB2  sing N N 48  
ASN CB  HB3  sing N N 49  
ASN CG  OD1  doub N N 50  
ASN CG  ND2  sing N N 51  
ASN ND2 HD21 sing N N 52  
ASN ND2 HD22 sing N N 53  
ASN OXT HXT  sing N N 54  
ASP N   CA   sing N N 55  
ASP N   H    sing N N 56  
ASP N   H2   sing N N 57  
ASP CA  C    sing N N 58  
ASP CA  CB   sing N N 59  
ASP CA  HA   sing N N 60  
ASP C   O    doub N N 61  
ASP C   OXT  sing N N 62  
ASP CB  CG   sing N N 63  
ASP CB  HB2  sing N N 64  
ASP CB  HB3  sing N N 65  
ASP CG  OD1  doub N N 66  
ASP CG  OD2  sing N N 67  
ASP OD2 HD2  sing N N 68  
ASP OXT HXT  sing N N 69  
GLN N   CA   sing N N 70  
GLN N   H    sing N N 71  
GLN N   H2   sing N N 72  
GLN CA  C    sing N N 73  
GLN CA  CB   sing N N 74  
GLN CA  HA   sing N N 75  
GLN C   O    doub N N 76  
GLN C   OXT  sing N N 77  
GLN CB  CG   sing N N 78  
GLN CB  HB2  sing N N 79  
GLN CB  HB3  sing N N 80  
GLN CG  CD   sing N N 81  
GLN CG  HG2  sing N N 82  
GLN CG  HG3  sing N N 83  
GLN CD  OE1  doub N N 84  
GLN CD  NE2  sing N N 85  
GLN NE2 HE21 sing N N 86  
GLN NE2 HE22 sing N N 87  
GLN OXT HXT  sing N N 88  
GLU N   CA   sing N N 89  
GLU N   H    sing N N 90  
GLU N   H2   sing N N 91  
GLU CA  C    sing N N 92  
GLU CA  CB   sing N N 93  
GLU CA  HA   sing N N 94  
GLU C   O    doub N N 95  
GLU C   OXT  sing N N 96  
GLU CB  CG   sing N N 97  
GLU CB  HB2  sing N N 98  
GLU CB  HB3  sing N N 99  
GLU CG  CD   sing N N 100 
GLU CG  HG2  sing N N 101 
GLU CG  HG3  sing N N 102 
GLU CD  OE1  doub N N 103 
GLU CD  OE2  sing N N 104 
GLU OE2 HE2  sing N N 105 
GLU OXT HXT  sing N N 106 
GLY N   CA   sing N N 107 
GLY N   H    sing N N 108 
GLY N   H2   sing N N 109 
GLY CA  C    sing N N 110 
GLY CA  HA2  sing N N 111 
GLY CA  HA3  sing N N 112 
GLY C   O    doub N N 113 
GLY C   OXT  sing N N 114 
GLY OXT HXT  sing N N 115 
GOL C1  O1   sing N N 116 
GOL C1  C2   sing N N 117 
GOL C1  H11  sing N N 118 
GOL C1  H12  sing N N 119 
GOL O1  HO1  sing N N 120 
GOL C2  O2   sing N N 121 
GOL C2  C3   sing N N 122 
GOL C2  H2   sing N N 123 
GOL O2  HO2  sing N N 124 
GOL C3  O3   sing N N 125 
GOL C3  H31  sing N N 126 
GOL C3  H32  sing N N 127 
GOL O3  HO3  sing N N 128 
HIS N   CA   sing N N 129 
HIS N   H    sing N N 130 
HIS N   H2   sing N N 131 
HIS CA  C    sing N N 132 
HIS CA  CB   sing N N 133 
HIS CA  HA   sing N N 134 
HIS C   O    doub N N 135 
HIS C   OXT  sing N N 136 
HIS CB  CG   sing N N 137 
HIS CB  HB2  sing N N 138 
HIS CB  HB3  sing N N 139 
HIS CG  ND1  sing Y N 140 
HIS CG  CD2  doub Y N 141 
HIS ND1 CE1  doub Y N 142 
HIS ND1 HD1  sing N N 143 
HIS CD2 NE2  sing Y N 144 
HIS CD2 HD2  sing N N 145 
HIS CE1 NE2  sing Y N 146 
HIS CE1 HE1  sing N N 147 
HIS NE2 HE2  sing N N 148 
HIS OXT HXT  sing N N 149 
HOH O   H1   sing N N 150 
HOH O   H2   sing N N 151 
ILE N   CA   sing N N 152 
ILE N   H    sing N N 153 
ILE N   H2   sing N N 154 
ILE CA  C    sing N N 155 
ILE CA  CB   sing N N 156 
ILE CA  HA   sing N N 157 
ILE C   O    doub N N 158 
ILE C   OXT  sing N N 159 
ILE CB  CG1  sing N N 160 
ILE CB  CG2  sing N N 161 
ILE CB  HB   sing N N 162 
ILE CG1 CD1  sing N N 163 
ILE CG1 HG12 sing N N 164 
ILE CG1 HG13 sing N N 165 
ILE CG2 HG21 sing N N 166 
ILE CG2 HG22 sing N N 167 
ILE CG2 HG23 sing N N 168 
ILE CD1 HD11 sing N N 169 
ILE CD1 HD12 sing N N 170 
ILE CD1 HD13 sing N N 171 
ILE OXT HXT  sing N N 172 
LEU N   CA   sing N N 173 
LEU N   H    sing N N 174 
LEU N   H2   sing N N 175 
LEU CA  C    sing N N 176 
LEU CA  CB   sing N N 177 
LEU CA  HA   sing N N 178 
LEU C   O    doub N N 179 
LEU C   OXT  sing N N 180 
LEU CB  CG   sing N N 181 
LEU CB  HB2  sing N N 182 
LEU CB  HB3  sing N N 183 
LEU CG  CD1  sing N N 184 
LEU CG  CD2  sing N N 185 
LEU CG  HG   sing N N 186 
LEU CD1 HD11 sing N N 187 
LEU CD1 HD12 sing N N 188 
LEU CD1 HD13 sing N N 189 
LEU CD2 HD21 sing N N 190 
LEU CD2 HD22 sing N N 191 
LEU CD2 HD23 sing N N 192 
LEU OXT HXT  sing N N 193 
LYS N   CA   sing N N 194 
LYS N   H    sing N N 195 
LYS N   H2   sing N N 196 
LYS CA  C    sing N N 197 
LYS CA  CB   sing N N 198 
LYS CA  HA   sing N N 199 
LYS C   O    doub N N 200 
LYS C   OXT  sing N N 201 
LYS CB  CG   sing N N 202 
LYS CB  HB2  sing N N 203 
LYS CB  HB3  sing N N 204 
LYS CG  CD   sing N N 205 
LYS CG  HG2  sing N N 206 
LYS CG  HG3  sing N N 207 
LYS CD  CE   sing N N 208 
LYS CD  HD2  sing N N 209 
LYS CD  HD3  sing N N 210 
LYS CE  NZ   sing N N 211 
LYS CE  HE2  sing N N 212 
LYS CE  HE3  sing N N 213 
LYS NZ  HZ1  sing N N 214 
LYS NZ  HZ2  sing N N 215 
LYS NZ  HZ3  sing N N 216 
LYS OXT HXT  sing N N 217 
MET N   CA   sing N N 218 
MET N   H    sing N N 219 
MET N   H2   sing N N 220 
MET CA  C    sing N N 221 
MET CA  CB   sing N N 222 
MET CA  HA   sing N N 223 
MET C   O    doub N N 224 
MET C   OXT  sing N N 225 
MET CB  CG   sing N N 226 
MET CB  HB2  sing N N 227 
MET CB  HB3  sing N N 228 
MET CG  SD   sing N N 229 
MET CG  HG2  sing N N 230 
MET CG  HG3  sing N N 231 
MET SD  CE   sing N N 232 
MET CE  HE1  sing N N 233 
MET CE  HE2  sing N N 234 
MET CE  HE3  sing N N 235 
MET OXT HXT  sing N N 236 
NAP PA  O1A  doub N N 237 
NAP PA  O2A  sing N N 238 
NAP PA  O5B  sing N N 239 
NAP PA  O3   sing N N 240 
NAP O2A HOA2 sing N N 241 
NAP O5B C5B  sing N N 242 
NAP C5B C4B  sing N N 243 
NAP C5B H51A sing N N 244 
NAP C5B H52A sing N N 245 
NAP C4B O4B  sing N N 246 
NAP C4B C3B  sing N N 247 
NAP C4B H4B  sing N N 248 
NAP O4B C1B  sing N N 249 
NAP C3B O3B  sing N N 250 
NAP C3B C2B  sing N N 251 
NAP C3B H3B  sing N N 252 
NAP O3B HO3A sing N N 253 
NAP C2B O2B  sing N N 254 
NAP C2B C1B  sing N N 255 
NAP C2B H2B  sing N N 256 
NAP O2B P2B  sing N N 257 
NAP C1B N9A  sing N N 258 
NAP C1B H1B  sing N N 259 
NAP N9A C8A  sing Y N 260 
NAP N9A C4A  sing Y N 261 
NAP C8A N7A  doub Y N 262 
NAP C8A H8A  sing N N 263 
NAP N7A C5A  sing Y N 264 
NAP C5A C6A  sing Y N 265 
NAP C5A C4A  doub Y N 266 
NAP C6A N6A  sing N N 267 
NAP C6A N1A  doub Y N 268 
NAP N6A H61A sing N N 269 
NAP N6A H62A sing N N 270 
NAP N1A C2A  sing Y N 271 
NAP C2A N3A  doub Y N 272 
NAP C2A H2A  sing N N 273 
NAP N3A C4A  sing Y N 274 
NAP O3  PN   sing N N 275 
NAP PN  O1N  doub N N 276 
NAP PN  O2N  sing N N 277 
NAP PN  O5D  sing N N 278 
NAP O5D C5D  sing N N 279 
NAP C5D C4D  sing N N 280 
NAP C5D H51N sing N N 281 
NAP C5D H52N sing N N 282 
NAP C4D O4D  sing N N 283 
NAP C4D C3D  sing N N 284 
NAP C4D H4D  sing N N 285 
NAP O4D C1D  sing N N 286 
NAP C3D O3D  sing N N 287 
NAP C3D C2D  sing N N 288 
NAP C3D H3D  sing N N 289 
NAP O3D HO3N sing N N 290 
NAP C2D O2D  sing N N 291 
NAP C2D C1D  sing N N 292 
NAP C2D H2D  sing N N 293 
NAP O2D HO2N sing N N 294 
NAP C1D N1N  sing N N 295 
NAP C1D H1D  sing N N 296 
NAP N1N C2N  sing Y N 297 
NAP N1N C6N  doub Y N 298 
NAP C2N C3N  doub Y N 299 
NAP C2N H2N  sing N N 300 
NAP C3N C7N  sing N N 301 
NAP C3N C4N  sing Y N 302 
NAP C7N O7N  doub N N 303 
NAP C7N N7N  sing N N 304 
NAP N7N H71N sing N N 305 
NAP N7N H72N sing N N 306 
NAP C4N C5N  doub Y N 307 
NAP C4N H4N  sing N N 308 
NAP C5N C6N  sing Y N 309 
NAP C5N H5N  sing N N 310 
NAP C6N H6N  sing N N 311 
NAP P2B O1X  doub N N 312 
NAP P2B O2X  sing N N 313 
NAP P2B O3X  sing N N 314 
NAP O2X HOP2 sing N N 315 
NAP O3X HOP3 sing N N 316 
PHE N   CA   sing N N 317 
PHE N   H    sing N N 318 
PHE N   H2   sing N N 319 
PHE CA  C    sing N N 320 
PHE CA  CB   sing N N 321 
PHE CA  HA   sing N N 322 
PHE C   O    doub N N 323 
PHE C   OXT  sing N N 324 
PHE CB  CG   sing N N 325 
PHE CB  HB2  sing N N 326 
PHE CB  HB3  sing N N 327 
PHE CG  CD1  doub Y N 328 
PHE CG  CD2  sing Y N 329 
PHE CD1 CE1  sing Y N 330 
PHE CD1 HD1  sing N N 331 
PHE CD2 CE2  doub Y N 332 
PHE CD2 HD2  sing N N 333 
PHE CE1 CZ   doub Y N 334 
PHE CE1 HE1  sing N N 335 
PHE CE2 CZ   sing Y N 336 
PHE CE2 HE2  sing N N 337 
PHE CZ  HZ   sing N N 338 
PHE OXT HXT  sing N N 339 
PRO N   CA   sing N N 340 
PRO N   CD   sing N N 341 
PRO N   H    sing N N 342 
PRO CA  C    sing N N 343 
PRO CA  CB   sing N N 344 
PRO CA  HA   sing N N 345 
PRO C   O    doub N N 346 
PRO C   OXT  sing N N 347 
PRO CB  CG   sing N N 348 
PRO CB  HB2  sing N N 349 
PRO CB  HB3  sing N N 350 
PRO CG  CD   sing N N 351 
PRO CG  HG2  sing N N 352 
PRO CG  HG3  sing N N 353 
PRO CD  HD2  sing N N 354 
PRO CD  HD3  sing N N 355 
PRO OXT HXT  sing N N 356 
SER N   CA   sing N N 357 
SER N   H    sing N N 358 
SER N   H2   sing N N 359 
SER CA  C    sing N N 360 
SER CA  CB   sing N N 361 
SER CA  HA   sing N N 362 
SER C   O    doub N N 363 
SER C   OXT  sing N N 364 
SER CB  OG   sing N N 365 
SER CB  HB2  sing N N 366 
SER CB  HB3  sing N N 367 
SER OG  HG   sing N N 368 
SER OXT HXT  sing N N 369 
THR N   CA   sing N N 370 
THR N   H    sing N N 371 
THR N   H2   sing N N 372 
THR CA  C    sing N N 373 
THR CA  CB   sing N N 374 
THR CA  HA   sing N N 375 
THR C   O    doub N N 376 
THR C   OXT  sing N N 377 
THR CB  OG1  sing N N 378 
THR CB  CG2  sing N N 379 
THR CB  HB   sing N N 380 
THR OG1 HG1  sing N N 381 
THR CG2 HG21 sing N N 382 
THR CG2 HG22 sing N N 383 
THR CG2 HG23 sing N N 384 
THR OXT HXT  sing N N 385 
TRP N   CA   sing N N 386 
TRP N   H    sing N N 387 
TRP N   H2   sing N N 388 
TRP CA  C    sing N N 389 
TRP CA  CB   sing N N 390 
TRP CA  HA   sing N N 391 
TRP C   O    doub N N 392 
TRP C   OXT  sing N N 393 
TRP CB  CG   sing N N 394 
TRP CB  HB2  sing N N 395 
TRP CB  HB3  sing N N 396 
TRP CG  CD1  doub Y N 397 
TRP CG  CD2  sing Y N 398 
TRP CD1 NE1  sing Y N 399 
TRP CD1 HD1  sing N N 400 
TRP CD2 CE2  doub Y N 401 
TRP CD2 CE3  sing Y N 402 
TRP NE1 CE2  sing Y N 403 
TRP NE1 HE1  sing N N 404 
TRP CE2 CZ2  sing Y N 405 
TRP CE3 CZ3  doub Y N 406 
TRP CE3 HE3  sing N N 407 
TRP CZ2 CH2  doub Y N 408 
TRP CZ2 HZ2  sing N N 409 
TRP CZ3 CH2  sing Y N 410 
TRP CZ3 HZ3  sing N N 411 
TRP CH2 HH2  sing N N 412 
TRP OXT HXT  sing N N 413 
TYR N   CA   sing N N 414 
TYR N   H    sing N N 415 
TYR N   H2   sing N N 416 
TYR CA  C    sing N N 417 
TYR CA  CB   sing N N 418 
TYR CA  HA   sing N N 419 
TYR C   O    doub N N 420 
TYR C   OXT  sing N N 421 
TYR CB  CG   sing N N 422 
TYR CB  HB2  sing N N 423 
TYR CB  HB3  sing N N 424 
TYR CG  CD1  doub Y N 425 
TYR CG  CD2  sing Y N 426 
TYR CD1 CE1  sing Y N 427 
TYR CD1 HD1  sing N N 428 
TYR CD2 CE2  doub Y N 429 
TYR CD2 HD2  sing N N 430 
TYR CE1 CZ   doub Y N 431 
TYR CE1 HE1  sing N N 432 
TYR CE2 CZ   sing Y N 433 
TYR CE2 HE2  sing N N 434 
TYR CZ  OH   sing N N 435 
TYR OH  HH   sing N N 436 
TYR OXT HXT  sing N N 437 
VAL N   CA   sing N N 438 
VAL N   H    sing N N 439 
VAL N   H2   sing N N 440 
VAL CA  C    sing N N 441 
VAL CA  CB   sing N N 442 
VAL CA  HA   sing N N 443 
VAL C   O    doub N N 444 
VAL C   OXT  sing N N 445 
VAL CB  CG1  sing N N 446 
VAL CB  CG2  sing N N 447 
VAL CB  HB   sing N N 448 
VAL CG1 HG11 sing N N 449 
VAL CG1 HG12 sing N N 450 
VAL CG1 HG13 sing N N 451 
VAL CG2 HG21 sing N N 452 
VAL CG2 HG22 sing N N 453 
VAL CG2 HG23 sing N N 454 
VAL OXT HXT  sing N N 455 
# 
_pdbx_audit_support.funding_organization   
'National Institutes of Health/National Institute Of Allergy and Infectious Diseases (NIH/NIAID)' 
_pdbx_audit_support.country                'United States' 
_pdbx_audit_support.grant_number           R01-AI090685-01 
_pdbx_audit_support.ordinal                1 
# 
loop_
_pdbx_entity_nonpoly.entity_id 
_pdbx_entity_nonpoly.name 
_pdbx_entity_nonpoly.comp_id 
2 'NADP NICOTINAMIDE-ADENINE-DINUCLEOTIDE PHOSPHATE' NAP 
3 GLYCEROL                                           GOL 
4 water                                              HOH 
# 
_pdbx_initial_refinement_model.id               1 
_pdbx_initial_refinement_model.entity_id_list   ? 
_pdbx_initial_refinement_model.type             'experimental model' 
_pdbx_initial_refinement_model.source_name      PDB 
_pdbx_initial_refinement_model.accession_code   3M08 
_pdbx_initial_refinement_model.details          ? 
# 
_pdbx_struct_assembly_auth_evidence.id                     1 
_pdbx_struct_assembly_auth_evidence.assembly_id            1 
_pdbx_struct_assembly_auth_evidence.experimental_support   none 
_pdbx_struct_assembly_auth_evidence.details                ? 
# 
_space_group.name_H-M_alt     'P 61 2 2' 
_space_group.name_Hall        'P 61 2 (x,y,z+5/12)' 
_space_group.IT_number        178 
_space_group.crystal_system   hexagonal 
_space_group.id               1 
# 
